data_4BKS
#
_entry.id   4BKS
#
_cell.length_a   93.590
_cell.length_b   93.590
_cell.length_c   363.740
_cell.angle_alpha   90.00
_cell.angle_beta   90.00
_cell.angle_gamma   90.00
#
_symmetry.space_group_name_H-M   'P 41 2 2'
#
loop_
_entity.id
_entity.type
_entity.pdbx_description
1 polymer 'TRANSCRIPTION ELONGATION FACTOR B POLYPEPTIDE 2'
2 polymer 'TRANSCRIPTION ELONGATION FACTOR B POLYPEPTIDE 1'
3 polymer 'VON HIPPEL-LINDAU DISEASE TUMOR SUPPRESSOR'
4 polymer 'TRANSCRIPTION ELONGATION FACTOR B POLYPEPTIDE 2'
5 non-polymer (2S,4R)-1-ethanoyl-N-[[4-(1,3-oxazol-5-yl)phenyl]methyl]-4-oxidanyl-pyrrolidine-2-carboxamide
6 non-polymer 'ACETATE ION'
7 water water
#
loop_
_entity_poly.entity_id
_entity_poly.type
_entity_poly.pdbx_seq_one_letter_code
_entity_poly.pdbx_strand_id
1 'polypeptide(L)'
;MDVFLMIRRHKTTIFTDAKESSTVFELKRIVEGILKRPPDEQRLYKDDQLLDDGKTLGECGFTSQTARPQAPATVGLAFR
ADDTFEAL(CAS)IEPFSSPPELPDVMK
;
A,J
2 'polypeptide(L)'
;MMYVKLISSDGHEFIVKREHALTSGTIKAMLSGPGQFAENETNEVNFREIPSHVLSKVCMYFTYKVRYTNSSTEIPEFPI
APEIALELLMAANFLDC
;
B,E,H,K
3 'polypeptide(L)'
;GSMEAGRPRPVLRSVNSREPSQVIF(CAS)NRSPRVVLPVWLNFDGEPQPYPTLPPGTGRRIHSYRGHLWLFRDAGTHDG
LLVNQTELFVPSLNVDGQPIFANITLPVYTLKERCLQVVRSLVKPENYRRLDIVRSLYEDLEDHPNVQKDLERLTQERIA
HQRMGD
;
C,F,I,L
4 'polypeptide(L)'
;MDVFLMIRRHKTTIFTDAKESSTVFELKRIVEGILKRPPDEQRLYKDDQLLDDGKTLGECGFTSQTARPQAPATVGLAFR
ADDTFEALCIEPFSSPPELPDVMK
;
D,G
#
loop_
_chem_comp.id
_chem_comp.type
_chem_comp.name
_chem_comp.formula
ACT non-polymer 'ACETATE ION' 'C2 H3 O2 -1'
X6C non-polymer (2S,4R)-1-ethanoyl-N-[[4-(1,3-oxazol-5-yl)phenyl]methyl]-4-oxidanyl-pyrrolidine-2-carboxamide 'C17 H19 N3 O4'
#
# COMPACT_ATOMS: atom_id res chain seq x y z
N MET A 1 -18.32 34.15 16.88
CA MET A 1 -18.44 32.74 16.54
C MET A 1 -19.42 32.06 17.50
N ASP A 2 -20.34 31.25 16.95
CA ASP A 2 -21.31 30.50 17.73
C ASP A 2 -20.68 29.22 18.27
N VAL A 3 -21.03 28.91 19.53
CA VAL A 3 -20.61 27.70 20.25
C VAL A 3 -21.87 26.94 20.67
N PHE A 4 -21.83 25.62 20.53
CA PHE A 4 -23.00 24.79 20.73
C PHE A 4 -22.80 23.94 21.95
N LEU A 5 -23.75 24.05 22.88
CA LEU A 5 -23.65 23.44 24.19
C LEU A 5 -24.82 22.54 24.60
N MET A 6 -24.52 21.71 25.61
CA MET A 6 -25.45 20.87 26.35
C MET A 6 -25.26 21.30 27.80
N ILE A 7 -26.25 21.96 28.39
CA ILE A 7 -26.19 22.38 29.80
C ILE A 7 -26.89 21.26 30.58
N ARG A 8 -26.14 20.54 31.42
CA ARG A 8 -26.62 19.35 32.07
C ARG A 8 -26.60 19.36 33.58
N ARG A 9 -27.72 18.88 34.15
CA ARG A 9 -27.91 18.73 35.60
C ARG A 9 -28.86 17.58 35.81
N HIS A 10 -28.48 16.60 36.65
CA HIS A 10 -29.28 15.42 36.99
C HIS A 10 -29.77 14.74 35.69
N LYS A 11 -31.11 14.73 35.44
CA LYS A 11 -31.69 14.16 34.22
C LYS A 11 -32.19 15.26 33.24
N THR A 12 -31.70 16.49 33.38
CA THR A 12 -32.04 17.62 32.52
C THR A 12 -30.84 17.94 31.61
N THR A 13 -31.11 18.20 30.33
CA THR A 13 -30.12 18.60 29.31
C THR A 13 -30.74 19.72 28.47
N ILE A 14 -30.11 20.89 28.46
CA ILE A 14 -30.55 22.02 27.64
C ILE A 14 -29.61 22.12 26.44
N PHE A 15 -30.16 22.10 25.21
CA PHE A 15 -29.40 22.29 23.98
C PHE A 15 -29.56 23.76 23.63
N THR A 16 -28.45 24.50 23.60
CA THR A 16 -28.45 25.92 23.28
C THR A 16 -27.11 26.30 22.63
N ASP A 17 -27.08 27.49 22.06
CA ASP A 17 -25.87 28.04 21.47
C ASP A 17 -25.66 29.39 22.08
N ALA A 18 -24.43 29.89 22.00
CA ALA A 18 -24.04 31.22 22.51
C ALA A 18 -22.82 31.66 21.74
N LYS A 19 -22.40 32.91 21.93
CA LYS A 19 -21.22 33.44 21.27
C LYS A 19 -20.04 33.05 22.11
N GLU A 20 -18.88 32.85 21.46
CA GLU A 20 -17.63 32.54 22.12
C GLU A 20 -17.24 33.70 23.05
N SER A 21 -17.56 34.95 22.64
CA SER A 21 -17.29 36.18 23.40
C SER A 21 -18.30 36.44 24.54
N SER A 22 -19.34 35.62 24.65
CA SER A 22 -20.33 35.84 25.70
C SER A 22 -19.80 35.27 27.03
N THR A 23 -20.34 35.73 28.15
CA THR A 23 -19.83 35.33 29.44
C THR A 23 -20.58 34.17 30.07
N VAL A 24 -19.95 33.60 31.09
CA VAL A 24 -20.50 32.56 31.95
C VAL A 24 -21.79 33.09 32.62
N PHE A 25 -21.78 34.35 33.11
CA PHE A 25 -22.95 34.98 33.70
C PHE A 25 -24.12 35.05 32.70
N GLU A 26 -23.84 35.47 31.44
CA GLU A 26 -24.85 35.55 30.37
C GLU A 26 -25.49 34.18 30.08
N LEU A 27 -24.71 33.08 30.20
CA LEU A 27 -25.19 31.71 30.05
C LEU A 27 -26.14 31.37 31.23
N LYS A 28 -25.81 31.82 32.46
CA LYS A 28 -26.66 31.65 33.65
C LYS A 28 -28.02 32.36 33.44
N ARG A 29 -28.02 33.52 32.72
CA ARG A 29 -29.24 34.27 32.41
C ARG A 29 -30.09 33.47 31.42
N ILE A 30 -29.47 32.67 30.51
CA ILE A 30 -30.17 31.77 29.60
C ILE A 30 -30.84 30.67 30.41
N VAL A 31 -30.10 30.04 31.34
CA VAL A 31 -30.61 28.96 32.22
C VAL A 31 -31.80 29.47 33.05
N GLU A 32 -31.71 30.73 33.53
CA GLU A 32 -32.77 31.36 34.32
C GLU A 32 -34.07 31.48 33.53
N GLY A 33 -33.98 31.88 32.26
CA GLY A 33 -35.13 32.00 31.37
C GLY A 33 -35.83 30.68 31.13
N ILE A 34 -35.07 29.57 31.17
CA ILE A 34 -35.59 28.22 30.95
C ILE A 34 -36.02 27.52 32.24
N LEU A 35 -35.11 27.39 33.22
CA LEU A 35 -35.34 26.65 34.47
C LEU A 35 -35.86 27.45 35.64
N LYS A 36 -36.02 28.77 35.45
CA LYS A 36 -36.56 29.72 36.43
C LYS A 36 -35.81 29.79 37.76
N ARG A 37 -34.47 29.75 37.68
CA ARG A 37 -33.60 29.84 38.86
C ARG A 37 -32.60 30.94 38.60
N PRO A 38 -32.50 31.95 39.50
CA PRO A 38 -31.60 33.08 39.24
C PRO A 38 -30.12 32.71 39.14
N PRO A 39 -29.29 33.55 38.46
CA PRO A 39 -27.84 33.24 38.35
C PRO A 39 -27.09 32.99 39.67
N ASP A 40 -27.50 33.65 40.77
CA ASP A 40 -26.89 33.49 42.11
C ASP A 40 -27.20 32.12 42.73
N GLU A 41 -28.20 31.41 42.19
CA GLU A 41 -28.58 30.08 42.65
C GLU A 41 -27.99 28.98 41.75
N GLN A 42 -27.05 29.36 40.85
CA GLN A 42 -26.43 28.47 39.88
C GLN A 42 -24.91 28.46 39.95
N ARG A 43 -24.33 27.30 39.64
CA ARG A 43 -22.90 27.08 39.46
C ARG A 43 -22.74 26.35 38.12
N LEU A 44 -21.87 26.88 37.25
CA LEU A 44 -21.58 26.26 35.96
C LEU A 44 -20.18 25.69 36.00
N TYR A 45 -20.01 24.53 35.35
CA TYR A 45 -18.75 23.77 35.37
C TYR A 45 -18.32 23.33 33.98
N LYS A 46 -17.01 23.23 33.77
CA LYS A 46 -16.44 22.58 32.61
C LYS A 46 -15.78 21.36 33.24
N ASP A 47 -16.34 20.16 32.99
CA ASP A 47 -15.91 18.93 33.64
C ASP A 47 -16.08 19.16 35.18
N ASP A 48 -15.03 18.98 35.99
CA ASP A 48 -15.15 19.20 37.44
C ASP A 48 -14.79 20.65 37.85
N GLN A 49 -14.38 21.48 36.90
CA GLN A 49 -13.93 22.84 37.17
C GLN A 49 -15.04 23.87 37.24
N LEU A 50 -15.11 24.61 38.34
CA LEU A 50 -16.07 25.69 38.52
C LEU A 50 -15.69 26.87 37.63
N LEU A 51 -16.65 27.37 36.86
CA LEU A 51 -16.42 28.51 35.96
C LEU A 51 -16.77 29.85 36.58
N ASP A 52 -15.90 30.85 36.36
CA ASP A 52 -16.09 32.22 36.88
C ASP A 52 -17.01 33.03 35.95
N ASP A 53 -17.95 33.79 36.54
CA ASP A 53 -18.97 34.62 35.86
C ASP A 53 -18.49 35.58 34.78
N GLY A 54 -17.40 36.30 35.06
CA GLY A 54 -16.83 37.31 34.17
C GLY A 54 -16.06 36.76 32.99
N LYS A 55 -15.76 35.43 33.01
CA LYS A 55 -15.00 34.80 31.94
C LYS A 55 -15.88 34.56 30.72
N THR A 56 -15.31 34.73 29.53
CA THR A 56 -16.02 34.42 28.29
C THR A 56 -16.00 32.90 28.09
N LEU A 57 -16.91 32.42 27.26
CA LEU A 57 -17.02 30.99 26.94
C LEU A 57 -15.74 30.47 26.28
N GLY A 58 -15.14 31.28 25.41
CA GLY A 58 -13.87 30.97 24.76
C GLY A 58 -12.73 30.74 25.73
N GLU A 59 -12.60 31.61 26.77
CA GLU A 59 -11.61 31.50 27.85
C GLU A 59 -11.86 30.25 28.73
N CYS A 60 -13.10 29.77 28.77
CA CYS A 60 -13.51 28.57 29.48
C CYS A 60 -13.34 27.30 28.68
N GLY A 61 -12.84 27.42 27.45
CA GLY A 61 -12.59 26.24 26.63
C GLY A 61 -13.67 25.87 25.65
N PHE A 62 -14.70 26.73 25.48
CA PHE A 62 -15.78 26.48 24.53
C PHE A 62 -15.52 27.27 23.27
N THR A 63 -14.98 26.60 22.28
CA THR A 63 -14.59 27.18 21.00
C THR A 63 -15.35 26.48 19.90
N SER A 64 -15.34 27.10 18.72
CA SER A 64 -15.98 26.58 17.52
C SER A 64 -15.43 25.18 17.15
N GLN A 65 -14.16 24.88 17.48
CA GLN A 65 -13.53 23.57 17.24
C GLN A 65 -14.02 22.50 18.21
N THR A 66 -14.47 22.88 19.42
CA THR A 66 -14.82 21.91 20.47
C THR A 66 -16.26 21.89 20.90
N ALA A 67 -17.08 22.80 20.34
CA ALA A 67 -18.48 22.96 20.71
C ALA A 67 -19.27 23.14 19.39
N ARG A 68 -19.35 22.03 18.63
CA ARG A 68 -19.93 21.94 17.29
C ARG A 68 -21.44 21.56 17.33
N PRO A 69 -22.27 21.97 16.35
CA PRO A 69 -23.71 21.59 16.36
C PRO A 69 -23.98 20.09 16.52
N GLN A 70 -23.22 19.26 15.79
CA GLN A 70 -23.36 17.80 15.79
C GLN A 70 -22.61 17.10 16.92
N ALA A 71 -21.80 17.86 17.69
CA ALA A 71 -21.00 17.35 18.82
C ALA A 71 -20.86 18.48 19.86
N PRO A 72 -21.97 18.85 20.56
CA PRO A 72 -21.92 20.00 21.49
C PRO A 72 -21.08 19.75 22.74
N ALA A 73 -20.55 20.83 23.31
CA ALA A 73 -19.75 20.72 24.54
C ALA A 73 -20.67 20.70 25.75
N THR A 74 -20.29 19.97 26.80
CA THR A 74 -21.10 19.86 28.02
C THR A 74 -20.71 20.92 29.05
N VAL A 75 -21.73 21.59 29.58
CA VAL A 75 -21.60 22.52 30.68
C VAL A 75 -22.37 21.87 31.83
N GLY A 76 -21.69 21.64 32.96
CA GLY A 76 -22.31 21.09 34.15
C GLY A 76 -23.04 22.18 34.90
N LEU A 77 -24.18 21.86 35.51
CA LEU A 77 -25.01 22.82 36.26
C LEU A 77 -25.39 22.28 37.63
N ALA A 78 -25.24 23.11 38.67
CA ALA A 78 -25.59 22.77 40.05
C ALA A 78 -26.41 23.94 40.62
N PHE A 79 -27.47 23.63 41.36
CA PHE A 79 -28.37 24.59 41.99
C PHE A 79 -28.13 24.75 43.50
N ARG A 80 -28.40 25.97 44.02
CA ARG A 80 -28.31 26.25 45.44
C ARG A 80 -29.73 26.01 46.00
N ALA A 81 -29.88 25.00 46.88
CA ALA A 81 -31.17 24.63 47.47
C ALA A 81 -31.76 25.76 48.35
N ASP A 82 -31.04 26.13 49.43
CA ASP A 82 -31.42 27.21 50.34
C ASP A 82 -30.24 28.18 50.38
N ASP A 83 -29.22 27.88 51.19
CA ASP A 83 -28.01 28.66 51.32
C ASP A 83 -26.78 27.85 50.86
N THR A 84 -26.93 26.53 50.69
CA THR A 84 -25.87 25.58 50.28
C THR A 84 -26.01 25.06 48.83
N PHE A 85 -24.89 24.93 48.11
CA PHE A 85 -24.94 24.37 46.76
C PHE A 85 -24.87 22.87 46.83
N GLU A 86 -25.70 22.20 46.04
CA GLU A 86 -25.69 20.75 45.90
C GLU A 86 -24.41 20.41 45.11
N ALA A 87 -23.91 19.17 45.27
CA ALA A 87 -22.73 18.72 44.53
C ALA A 87 -23.09 18.55 43.03
N LEU A 88 -22.11 18.74 42.11
CA LEU A 88 -22.37 18.54 40.69
C LEU A 88 -22.72 17.07 40.42
N CAS A 89 -23.91 16.86 39.85
CA CAS A 89 -24.40 15.53 39.55
CB CAS A 89 -25.33 15.06 40.65
C CAS A 89 -25.10 15.52 38.20
O CAS A 89 -26.10 16.19 38.03
SG CAS A 89 -25.40 13.26 40.47
AS CAS A 89 -27.29 12.88 39.40
CE1 CAS A 89 -26.70 10.98 39.22
CE2 CAS A 89 -28.89 12.95 40.61
N ILE A 90 -24.56 14.76 37.25
CA ILE A 90 -25.09 14.59 35.90
C ILE A 90 -25.40 13.10 35.71
N GLU A 91 -26.67 12.76 35.49
CA GLU A 91 -27.05 11.37 35.26
C GLU A 91 -26.57 10.97 33.86
N PRO A 92 -25.86 9.84 33.71
CA PRO A 92 -25.41 9.43 32.37
C PRO A 92 -26.61 9.05 31.51
N PHE A 93 -26.45 9.11 30.19
CA PHE A 93 -27.51 8.64 29.31
C PHE A 93 -27.50 7.10 29.38
N SER A 94 -28.57 6.45 28.91
CA SER A 94 -28.70 4.99 28.90
C SER A 94 -27.63 4.37 27.99
N SER A 95 -27.33 3.09 28.20
CA SER A 95 -26.32 2.36 27.44
C SER A 95 -26.94 1.69 26.22
N PRO A 96 -26.27 1.79 25.05
CA PRO A 96 -26.78 1.09 23.86
C PRO A 96 -26.70 -0.43 24.06
N PRO A 97 -27.51 -1.25 23.37
CA PRO A 97 -27.37 -2.71 23.51
C PRO A 97 -26.06 -3.21 22.84
N GLU A 98 -25.70 -4.48 23.02
CA GLU A 98 -24.49 -4.99 22.36
C GLU A 98 -24.71 -4.95 20.84
N LEU A 99 -23.64 -4.64 20.06
CA LEU A 99 -23.75 -4.65 18.60
C LEU A 99 -24.23 -6.03 18.14
N PRO A 100 -25.30 -6.11 17.30
CA PRO A 100 -25.76 -7.43 16.83
C PRO A 100 -24.66 -8.16 16.08
N ASP A 101 -24.69 -9.52 16.11
CA ASP A 101 -23.71 -10.41 15.46
C ASP A 101 -23.31 -9.94 14.07
N VAL A 102 -24.30 -9.51 13.27
CA VAL A 102 -24.02 -9.00 11.95
C VAL A 102 -23.92 -7.47 11.92
N MET A 103 -22.92 -6.91 12.63
CA MET A 103 -22.63 -5.47 12.72
C MET A 103 -21.24 -5.22 13.25
N MET B 2 -40.86 29.39 23.04
CA MET B 2 -39.42 29.49 22.87
C MET B 2 -38.74 28.13 22.91
N TYR B 3 -38.87 27.40 24.02
CA TYR B 3 -38.28 26.08 24.23
C TYR B 3 -39.36 25.02 24.51
N VAL B 4 -39.09 23.76 24.14
CA VAL B 4 -39.99 22.64 24.41
C VAL B 4 -39.17 21.56 25.09
N LYS B 5 -39.84 20.68 25.83
CA LYS B 5 -39.21 19.59 26.56
C LYS B 5 -39.51 18.24 25.89
N LEU B 6 -38.47 17.48 25.56
CA LEU B 6 -38.61 16.14 24.95
C LEU B 6 -38.08 15.16 25.99
N ILE B 7 -38.95 14.25 26.46
CA ILE B 7 -38.61 13.29 27.52
C ILE B 7 -38.39 11.90 26.96
N SER B 8 -37.25 11.28 27.29
CA SER B 8 -36.90 9.95 26.81
C SER B 8 -37.60 8.88 27.63
N SER B 9 -37.56 7.60 27.15
CA SER B 9 -38.16 6.44 27.82
C SER B 9 -37.64 6.26 29.26
N ASP B 10 -36.36 6.57 29.48
CA ASP B 10 -35.69 6.47 30.77
C ASP B 10 -35.79 7.77 31.62
N GLY B 11 -36.64 8.72 31.23
CA GLY B 11 -36.86 9.93 32.01
C GLY B 11 -35.92 11.11 31.84
N HIS B 12 -34.97 11.06 30.88
CA HIS B 12 -34.10 12.22 30.66
C HIS B 12 -34.90 13.29 29.96
N GLU B 13 -34.77 14.53 30.40
CA GLU B 13 -35.48 15.67 29.83
C GLU B 13 -34.55 16.51 28.98
N PHE B 14 -34.90 16.65 27.70
CA PHE B 14 -34.15 17.40 26.72
C PHE B 14 -34.87 18.70 26.41
N ILE B 15 -34.25 19.83 26.72
CA ILE B 15 -34.85 21.14 26.45
C ILE B 15 -34.18 21.71 25.20
N VAL B 16 -34.99 21.92 24.17
CA VAL B 16 -34.51 22.37 22.85
C VAL B 16 -35.39 23.53 22.37
N LYS B 17 -34.84 24.38 21.48
CA LYS B 17 -35.62 25.45 20.87
C LYS B 17 -36.84 24.88 20.13
N ARG B 18 -38.02 25.48 20.33
CA ARG B 18 -39.28 25.04 19.71
C ARG B 18 -39.12 24.88 18.18
N GLU B 19 -38.52 25.90 17.48
CA GLU B 19 -38.25 25.88 16.02
C GLU B 19 -37.38 24.70 15.60
N HIS B 20 -36.33 24.37 16.42
CA HIS B 20 -35.45 23.22 16.13
C HIS B 20 -36.27 21.92 16.19
N ALA B 21 -37.19 21.78 17.18
CA ALA B 21 -38.02 20.59 17.40
C ALA B 21 -39.09 20.43 16.31
N LEU B 22 -39.60 21.57 15.76
CA LEU B 22 -40.60 21.58 14.71
C LEU B 22 -40.02 21.13 13.35
N THR B 23 -38.70 20.87 13.30
CA THR B 23 -37.98 20.31 12.14
C THR B 23 -38.60 18.88 11.84
N SER B 24 -39.26 18.27 12.87
CA SER B 24 -39.95 16.99 12.85
C SER B 24 -41.46 17.23 12.78
N GLY B 25 -42.09 16.66 11.75
CA GLY B 25 -43.52 16.78 11.53
C GLY B 25 -44.33 16.05 12.59
N THR B 26 -43.79 14.89 13.05
CA THR B 26 -44.37 14.07 14.11
C THR B 26 -44.45 14.88 15.44
N ILE B 27 -43.34 15.56 15.80
CA ILE B 27 -43.23 16.40 17.00
C ILE B 27 -44.24 17.56 16.95
N LYS B 28 -44.33 18.26 15.79
CA LYS B 28 -45.29 19.35 15.58
C LYS B 28 -46.69 18.86 15.93
N ALA B 29 -47.05 17.67 15.41
CA ALA B 29 -48.35 17.03 15.63
C ALA B 29 -48.55 16.68 17.10
N MET B 30 -47.49 16.20 17.77
CA MET B 30 -47.53 15.83 19.18
C MET B 30 -47.67 17.07 20.08
N LEU B 31 -47.12 18.21 19.64
CA LEU B 31 -47.18 19.48 20.36
C LEU B 31 -48.54 20.20 20.23
N SER B 32 -49.17 20.11 19.03
CA SER B 32 -50.46 20.74 18.73
C SER B 32 -51.60 19.73 18.80
N THR B 42 -48.38 22.77 28.02
CA THR B 42 -47.17 22.03 27.61
C THR B 42 -47.20 21.68 26.08
N ASN B 43 -46.11 21.88 25.29
CA ASN B 43 -44.70 22.23 25.59
C ASN B 43 -43.82 21.04 26.00
N GLU B 44 -44.43 19.88 26.34
CA GLU B 44 -43.69 18.66 26.70
C GLU B 44 -44.16 17.50 25.84
N VAL B 45 -43.21 16.68 25.36
CA VAL B 45 -43.53 15.45 24.61
C VAL B 45 -42.82 14.28 25.29
N ASN B 46 -43.57 13.21 25.61
CA ASN B 46 -43.00 11.99 26.20
C ASN B 46 -42.74 10.94 25.12
N PHE B 47 -41.54 10.38 25.10
CA PHE B 47 -41.19 9.35 24.10
C PHE B 47 -40.95 8.02 24.80
N ARG B 48 -41.98 7.17 24.83
CA ARG B 48 -42.02 5.87 25.49
C ARG B 48 -41.02 4.85 24.94
N GLU B 49 -40.71 4.96 23.64
CA GLU B 49 -39.83 4.03 22.94
C GLU B 49 -38.48 4.60 22.64
N ILE B 50 -38.24 5.88 22.92
CA ILE B 50 -36.95 6.49 22.59
C ILE B 50 -36.05 6.67 23.79
N PRO B 51 -34.99 5.85 23.92
CA PRO B 51 -34.10 6.02 25.08
C PRO B 51 -33.21 7.26 24.94
N SER B 52 -32.64 7.73 26.06
CA SER B 52 -31.83 8.95 26.11
C SER B 52 -30.59 8.96 25.20
N HIS B 53 -29.91 7.80 25.01
CA HIS B 53 -28.72 7.71 24.14
C HIS B 53 -29.07 7.92 22.67
N VAL B 54 -30.38 7.77 22.33
CA VAL B 54 -30.90 7.98 20.98
C VAL B 54 -31.45 9.40 20.88
N LEU B 55 -32.31 9.82 21.81
CA LEU B 55 -32.92 11.16 21.82
C LEU B 55 -31.87 12.29 21.90
N SER B 56 -30.76 12.10 22.62
CA SER B 56 -29.70 13.13 22.68
C SER B 56 -29.12 13.37 21.27
N LYS B 57 -28.93 12.29 20.51
CA LYS B 57 -28.46 12.34 19.12
C LYS B 57 -29.47 12.98 18.17
N VAL B 58 -30.78 12.75 18.41
CA VAL B 58 -31.87 13.38 17.63
C VAL B 58 -31.78 14.91 17.81
N CYS B 59 -31.61 15.39 19.06
CA CYS B 59 -31.45 16.82 19.39
C CYS B 59 -30.20 17.43 18.73
N MET B 60 -29.09 16.70 18.69
CA MET B 60 -27.86 17.12 17.98
C MET B 60 -28.11 17.25 16.48
N TYR B 61 -28.95 16.36 15.92
CA TYR B 61 -29.34 16.42 14.52
C TYR B 61 -30.10 17.72 14.20
N PHE B 62 -31.08 18.10 15.04
CA PHE B 62 -31.87 19.33 14.89
C PHE B 62 -30.96 20.55 14.82
N THR B 63 -29.96 20.64 15.72
CA THR B 63 -29.02 21.77 15.75
C THR B 63 -28.18 21.76 14.48
N TYR B 64 -27.65 20.59 14.10
CA TYR B 64 -26.86 20.37 12.89
C TYR B 64 -27.66 20.79 11.63
N LYS B 65 -28.94 20.34 11.53
CA LYS B 65 -29.80 20.64 10.39
C LYS B 65 -30.09 22.13 10.29
N VAL B 66 -30.44 22.77 11.41
CA VAL B 66 -30.76 24.21 11.44
C VAL B 66 -29.50 25.04 11.09
N ARG B 67 -28.30 24.60 11.54
CA ARG B 67 -27.05 25.29 11.25
C ARG B 67 -26.60 25.16 9.80
N TYR B 68 -26.59 23.92 9.25
CA TYR B 68 -26.03 23.62 7.94
C TYR B 68 -26.94 23.70 6.73
N THR B 69 -28.26 23.80 6.94
CA THR B 69 -29.26 23.96 5.87
C THR B 69 -29.16 25.37 5.24
N ASN B 70 -29.14 25.44 3.90
CA ASN B 70 -29.03 26.68 3.10
C ASN B 70 -27.74 27.46 3.46
N SER B 71 -26.65 26.71 3.61
CA SER B 71 -25.32 27.21 3.98
C SER B 71 -24.31 26.87 2.89
N SER B 72 -23.44 27.83 2.53
CA SER B 72 -22.41 27.63 1.50
C SER B 72 -21.10 27.11 2.11
N THR B 73 -21.02 27.13 3.46
CA THR B 73 -19.92 26.63 4.31
C THR B 73 -19.71 25.14 3.99
N GLU B 74 -18.48 24.60 4.19
CA GLU B 74 -18.26 23.15 4.00
C GLU B 74 -19.05 22.45 5.12
N ILE B 75 -19.92 21.52 4.73
CA ILE B 75 -20.78 20.76 5.62
C ILE B 75 -20.00 19.53 6.13
N PRO B 76 -19.88 19.36 7.48
CA PRO B 76 -19.20 18.16 7.99
C PRO B 76 -20.20 17.00 8.02
N GLU B 77 -19.68 15.78 8.14
CA GLU B 77 -20.49 14.58 8.24
C GLU B 77 -21.23 14.55 9.57
N PHE B 78 -22.49 14.08 9.59
CA PHE B 78 -23.20 13.91 10.85
C PHE B 78 -22.75 12.53 11.38
N PRO B 79 -22.05 12.46 12.55
CA PRO B 79 -21.55 11.17 13.02
C PRO B 79 -22.56 10.31 13.75
N ILE B 80 -22.54 9.00 13.51
CA ILE B 80 -23.40 8.02 14.16
C ILE B 80 -22.54 6.80 14.53
N ALA B 81 -22.33 6.56 15.83
CA ALA B 81 -21.60 5.39 16.32
C ALA B 81 -22.34 4.12 15.90
N PRO B 82 -21.64 3.03 15.50
CA PRO B 82 -22.36 1.83 15.07
C PRO B 82 -23.39 1.28 16.07
N GLU B 83 -23.10 1.37 17.37
CA GLU B 83 -23.91 0.86 18.49
C GLU B 83 -25.28 1.51 18.66
N ILE B 84 -25.43 2.75 18.14
CA ILE B 84 -26.64 3.56 18.23
C ILE B 84 -27.44 3.57 16.91
N ALA B 85 -26.78 3.21 15.78
CA ALA B 85 -27.33 3.23 14.43
C ALA B 85 -28.71 2.59 14.24
N LEU B 86 -28.92 1.35 14.71
CA LEU B 86 -30.22 0.68 14.57
C LEU B 86 -31.36 1.41 15.25
N GLU B 87 -31.17 1.78 16.52
CA GLU B 87 -32.18 2.47 17.31
C GLU B 87 -32.45 3.87 16.78
N LEU B 88 -31.38 4.58 16.36
CA LEU B 88 -31.52 5.92 15.80
C LEU B 88 -32.33 5.87 14.48
N LEU B 89 -32.13 4.81 13.68
CA LEU B 89 -32.86 4.60 12.42
C LEU B 89 -34.36 4.45 12.71
N MET B 90 -34.71 3.66 13.75
CA MET B 90 -36.11 3.45 14.17
C MET B 90 -36.73 4.77 14.63
N ALA B 91 -36.01 5.56 15.46
CA ALA B 91 -36.47 6.88 15.91
C ALA B 91 -36.66 7.85 14.71
N ALA B 92 -35.65 7.95 13.80
CA ALA B 92 -35.70 8.83 12.63
C ALA B 92 -36.87 8.49 11.72
N ASN B 93 -37.15 7.20 11.55
CA ASN B 93 -38.27 6.70 10.77
C ASN B 93 -39.62 7.17 11.39
N PHE B 94 -39.79 7.07 12.71
CA PHE B 94 -41.02 7.47 13.42
C PHE B 94 -41.21 8.98 13.38
N LEU B 95 -40.13 9.73 13.65
CA LEU B 95 -40.13 11.19 13.73
C LEU B 95 -40.16 11.88 12.36
N ASP B 96 -39.98 11.10 11.26
CA ASP B 96 -39.85 11.59 9.87
C ASP B 96 -38.78 12.70 9.81
N CYS B 97 -37.58 12.39 10.35
CA CYS B 97 -36.39 13.26 10.51
C CYS B 97 -35.40 13.05 9.35
N VAL C 11 -33.58 12.74 -22.28
CA VAL C 11 -34.28 13.92 -21.75
C VAL C 11 -33.35 14.82 -20.92
N LEU C 12 -32.41 14.21 -20.17
CA LEU C 12 -31.34 14.85 -19.40
C LEU C 12 -30.07 14.34 -20.08
N ARG C 13 -29.48 15.17 -20.94
CA ARG C 13 -28.29 14.79 -21.70
C ARG C 13 -27.38 15.99 -21.94
N SER C 14 -26.11 15.71 -22.28
CA SER C 14 -25.15 16.78 -22.59
C SER C 14 -25.47 17.28 -23.98
N VAL C 15 -25.20 18.57 -24.21
CA VAL C 15 -25.35 19.22 -25.51
C VAL C 15 -24.00 19.09 -26.20
N ASN C 16 -23.98 18.61 -27.47
CA ASN C 16 -22.74 18.45 -28.22
C ASN C 16 -22.28 19.80 -28.81
N SER C 17 -21.88 20.74 -27.92
CA SER C 17 -21.46 22.11 -28.29
C SER C 17 -20.10 22.16 -28.98
N ARG C 18 -19.18 21.25 -28.57
CA ARG C 18 -17.78 21.17 -29.07
C ARG C 18 -16.99 22.45 -28.68
N GLU C 19 -17.48 23.16 -27.64
CA GLU C 19 -16.91 24.39 -27.08
C GLU C 19 -16.19 24.03 -25.78
N PRO C 20 -14.83 23.92 -25.80
CA PRO C 20 -14.10 23.55 -24.59
C PRO C 20 -14.37 24.40 -23.37
N SER C 21 -14.33 23.76 -22.21
CA SER C 21 -14.56 24.40 -20.94
C SER C 21 -13.73 23.71 -19.88
N GLN C 22 -12.67 24.39 -19.39
CA GLN C 22 -11.81 23.87 -18.33
C GLN C 22 -12.57 24.01 -17.02
N VAL C 23 -12.53 22.95 -16.20
CA VAL C 23 -13.21 22.90 -14.92
C VAL C 23 -12.31 22.32 -13.82
N ILE C 24 -12.51 22.81 -12.57
CA ILE C 24 -11.84 22.28 -11.40
C ILE C 24 -12.86 21.49 -10.58
N PHE C 25 -12.68 20.16 -10.50
CA PHE C 25 -13.53 19.35 -9.65
C PHE C 25 -12.88 19.48 -8.28
N CAS C 26 -13.57 20.13 -7.33
CA CAS C 26 -13.05 20.36 -5.97
CB CAS C 26 -12.96 21.85 -5.62
C CAS C 26 -13.84 19.54 -4.96
O CAS C 26 -15.01 19.83 -4.65
SG CAS C 26 -12.04 22.16 -4.07
AS CAS C 26 -9.91 21.78 -4.34
CE1 CAS C 26 -8.98 23.27 -3.40
CE2 CAS C 26 -10.00 20.40 -2.92
N ASN C 27 -13.19 18.49 -4.45
CA ASN C 27 -13.87 17.60 -3.52
C ASN C 27 -13.78 18.15 -2.07
N ARG C 28 -14.75 18.97 -1.68
CA ARG C 28 -14.83 19.53 -0.32
C ARG C 28 -15.77 18.67 0.54
N SER C 29 -15.65 17.35 0.42
CA SER C 29 -16.44 16.39 1.17
C SER C 29 -15.50 15.33 1.78
N PRO C 30 -15.93 14.54 2.79
CA PRO C 30 -15.04 13.48 3.32
C PRO C 30 -15.16 12.16 2.55
N ARG C 31 -15.91 12.14 1.42
CA ARG C 31 -16.11 10.93 0.62
C ARG C 31 -15.16 10.86 -0.58
N VAL C 32 -14.98 9.64 -1.10
CA VAL C 32 -14.28 9.38 -2.35
C VAL C 32 -15.37 9.70 -3.37
N VAL C 33 -15.10 10.66 -4.27
CA VAL C 33 -16.11 11.14 -5.22
C VAL C 33 -16.02 10.50 -6.59
N LEU C 34 -17.17 10.08 -7.10
CA LEU C 34 -17.32 9.54 -8.43
C LEU C 34 -17.98 10.62 -9.31
N PRO C 35 -17.20 11.26 -10.24
CA PRO C 35 -17.82 12.20 -11.19
C PRO C 35 -18.53 11.38 -12.26
N VAL C 36 -19.73 11.78 -12.63
CA VAL C 36 -20.53 11.07 -13.62
C VAL C 36 -20.94 12.05 -14.74
N TRP C 37 -20.56 11.76 -15.97
CA TRP C 37 -20.93 12.60 -17.11
C TRP C 37 -22.17 11.97 -17.78
N LEU C 38 -23.17 12.80 -18.13
CA LEU C 38 -24.32 12.28 -18.86
C LEU C 38 -24.01 12.46 -20.31
N ASN C 39 -23.83 11.37 -21.03
CA ASN C 39 -23.46 11.43 -22.43
C ASN C 39 -24.57 11.98 -23.37
N PHE C 40 -24.27 12.08 -24.67
CA PHE C 40 -25.19 12.61 -25.68
C PHE C 40 -26.52 11.87 -25.82
N ASP C 41 -26.59 10.61 -25.32
CA ASP C 41 -27.77 9.74 -25.28
C ASP C 41 -28.38 9.71 -23.87
N GLY C 42 -27.77 10.44 -22.93
CA GLY C 42 -28.24 10.51 -21.55
C GLY C 42 -27.74 9.37 -20.67
N GLU C 43 -26.80 8.55 -21.21
CA GLU C 43 -26.22 7.42 -20.46
C GLU C 43 -25.19 7.92 -19.43
N PRO C 44 -25.32 7.53 -18.14
CA PRO C 44 -24.31 7.97 -17.16
C PRO C 44 -22.96 7.32 -17.45
N GLN C 45 -21.90 8.15 -17.55
CA GLN C 45 -20.55 7.69 -17.82
C GLN C 45 -19.67 8.02 -16.60
N PRO C 46 -19.15 7.00 -15.89
CA PRO C 46 -18.28 7.30 -14.73
C PRO C 46 -16.89 7.78 -15.17
N TYR C 47 -16.30 8.72 -14.39
CA TYR C 47 -14.96 9.25 -14.65
C TYR C 47 -14.04 8.90 -13.46
N PRO C 48 -12.69 9.02 -13.55
CA PRO C 48 -11.84 8.65 -12.40
C PRO C 48 -12.25 9.32 -11.10
N THR C 49 -12.18 8.57 -10.00
CA THR C 49 -12.59 9.03 -8.68
C THR C 49 -11.64 10.06 -8.08
N LEU C 50 -12.18 10.91 -7.18
CA LEU C 50 -11.44 11.95 -6.46
C LEU C 50 -11.36 11.60 -4.98
N PRO C 51 -10.15 11.39 -4.41
CA PRO C 51 -10.04 11.15 -2.96
C PRO C 51 -10.58 12.35 -2.14
N PRO C 52 -11.01 12.17 -0.86
CA PRO C 52 -11.47 13.34 -0.06
C PRO C 52 -10.46 14.49 0.01
N GLY C 53 -10.98 15.71 -0.04
CA GLY C 53 -10.19 16.94 0.08
C GLY C 53 -9.37 17.36 -1.11
N THR C 54 -9.29 16.55 -2.18
CA THR C 54 -8.47 16.82 -3.36
C THR C 54 -9.21 17.55 -4.51
N GLY C 55 -8.46 17.92 -5.54
CA GLY C 55 -8.98 18.58 -6.73
C GLY C 55 -8.40 18.06 -8.04
N ARG C 56 -9.08 18.34 -9.17
CA ARG C 56 -8.62 17.92 -10.51
C ARG C 56 -8.98 18.97 -11.55
N ARG C 57 -8.02 19.34 -12.37
CA ARG C 57 -8.26 20.23 -13.49
C ARG C 57 -8.64 19.31 -14.68
N ILE C 58 -9.91 19.40 -15.10
CA ILE C 58 -10.46 18.56 -16.15
C ILE C 58 -10.89 19.38 -17.39
N HIS C 59 -10.81 18.73 -18.56
CA HIS C 59 -11.26 19.31 -19.83
C HIS C 59 -12.67 18.82 -20.09
N SER C 60 -13.62 19.75 -20.15
CA SER C 60 -15.01 19.47 -20.45
C SER C 60 -15.50 20.43 -21.53
N TYR C 61 -16.81 20.57 -21.70
CA TYR C 61 -17.36 21.40 -22.76
C TYR C 61 -18.57 22.13 -22.25
N ARG C 62 -18.88 23.27 -22.88
CA ARG C 62 -20.06 24.08 -22.54
C ARG C 62 -21.35 23.27 -22.80
N GLY C 63 -22.28 23.26 -21.87
CA GLY C 63 -23.53 22.52 -22.03
C GLY C 63 -23.48 21.05 -21.66
N HIS C 64 -22.32 20.54 -21.21
CA HIS C 64 -22.17 19.15 -20.77
C HIS C 64 -22.73 18.98 -19.35
N LEU C 65 -23.29 17.80 -19.03
CA LEU C 65 -23.94 17.57 -17.74
C LEU C 65 -23.20 16.60 -16.85
N TRP C 66 -22.95 17.04 -15.60
CA TRP C 66 -22.28 16.24 -14.60
C TRP C 66 -23.07 16.13 -13.34
N LEU C 67 -22.91 15.00 -12.65
CA LEU C 67 -23.41 14.76 -11.30
C LEU C 67 -22.31 14.05 -10.54
N PHE C 68 -22.38 14.05 -9.21
CA PHE C 68 -21.30 13.52 -8.36
C PHE C 68 -21.90 12.65 -7.28
N ARG C 69 -21.30 11.49 -7.06
CA ARG C 69 -21.77 10.48 -6.12
C ARG C 69 -20.61 10.01 -5.26
N ASP C 70 -20.89 9.40 -4.09
CA ASP C 70 -19.88 8.75 -3.26
C ASP C 70 -19.52 7.48 -4.09
N ALA C 71 -18.23 7.29 -4.39
CA ALA C 71 -17.73 6.18 -5.23
C ALA C 71 -18.06 4.77 -4.76
N GLY C 72 -18.11 4.56 -3.45
CA GLY C 72 -18.39 3.24 -2.88
C GLY C 72 -19.84 2.88 -2.68
N THR C 73 -20.66 3.86 -2.31
CA THR C 73 -22.08 3.64 -1.95
C THR C 73 -23.11 4.26 -2.88
N HIS C 74 -22.70 5.19 -3.74
CA HIS C 74 -23.56 5.94 -4.66
C HIS C 74 -24.45 6.97 -4.01
N ASP C 75 -24.18 7.33 -2.73
CA ASP C 75 -24.90 8.39 -2.04
C ASP C 75 -24.73 9.67 -2.88
N GLY C 76 -25.81 10.43 -3.04
CA GLY C 76 -25.81 11.66 -3.83
C GLY C 76 -25.05 12.78 -3.15
N LEU C 77 -24.33 13.57 -3.96
CA LEU C 77 -23.58 14.71 -3.44
C LEU C 77 -24.04 15.98 -4.14
N LEU C 78 -23.70 17.13 -3.56
CA LEU C 78 -24.04 18.42 -4.14
C LEU C 78 -22.83 18.98 -4.86
N VAL C 79 -23.07 19.78 -5.91
CA VAL C 79 -22.04 20.49 -6.67
C VAL C 79 -22.55 21.91 -6.83
N ASN C 80 -21.81 22.88 -6.27
CA ASN C 80 -22.22 24.29 -6.23
C ASN C 80 -23.68 24.42 -5.70
N GLN C 81 -23.96 23.67 -4.60
CA GLN C 81 -25.24 23.62 -3.86
C GLN C 81 -26.44 23.03 -4.61
N THR C 82 -26.21 22.38 -5.75
CA THR C 82 -27.27 21.75 -6.55
C THR C 82 -26.88 20.31 -6.96
N GLU C 83 -27.80 19.60 -7.63
CA GLU C 83 -27.57 18.22 -8.07
C GLU C 83 -26.74 18.11 -9.32
N LEU C 84 -26.94 19.01 -10.29
CA LEU C 84 -26.26 18.97 -11.57
C LEU C 84 -25.29 20.12 -11.81
N PHE C 85 -24.18 19.83 -12.49
CA PHE C 85 -23.18 20.81 -12.86
C PHE C 85 -23.10 20.90 -14.37
N VAL C 86 -23.22 22.12 -14.90
CA VAL C 86 -23.13 22.38 -16.32
C VAL C 86 -21.99 23.37 -16.54
N PRO C 87 -20.84 22.95 -17.16
CA PRO C 87 -19.74 23.90 -17.43
C PRO C 87 -20.22 25.02 -18.33
N SER C 88 -19.86 26.25 -17.96
CA SER C 88 -20.24 27.47 -18.68
C SER C 88 -19.02 28.03 -19.42
N LEU C 89 -19.15 29.24 -19.98
CA LEU C 89 -18.08 29.90 -20.72
C LEU C 89 -17.01 30.40 -19.78
N ASN C 90 -15.75 30.10 -20.11
CA ASN C 90 -14.59 30.51 -19.34
C ASN C 90 -14.35 32.02 -19.56
N GLN C 94 -10.34 32.04 -15.45
CA GLN C 94 -10.51 31.09 -16.57
C GLN C 94 -11.28 29.80 -16.19
N PRO C 95 -10.79 28.86 -15.33
CA PRO C 95 -11.58 27.64 -15.09
C PRO C 95 -12.77 27.81 -14.16
N ILE C 96 -13.84 27.07 -14.45
CA ILE C 96 -15.07 27.04 -13.66
C ILE C 96 -14.83 26.13 -12.46
N PHE C 97 -15.23 26.58 -11.26
CA PHE C 97 -15.14 25.78 -10.05
C PHE C 97 -16.39 24.93 -9.84
N ALA C 98 -16.16 23.61 -9.68
CA ALA C 98 -17.20 22.63 -9.34
C ALA C 98 -16.91 22.23 -7.87
N ASN C 99 -17.59 22.89 -6.94
CA ASN C 99 -17.43 22.66 -5.51
C ASN C 99 -18.34 21.55 -5.03
N ILE C 100 -17.76 20.34 -4.86
CA ILE C 100 -18.47 19.11 -4.48
C ILE C 100 -18.52 19.05 -2.97
N THR C 101 -19.74 18.96 -2.40
CA THR C 101 -19.92 18.90 -0.94
C THR C 101 -20.95 17.86 -0.54
N LEU C 102 -20.99 17.55 0.77
CA LEU C 102 -22.02 16.67 1.29
C LEU C 102 -23.30 17.51 1.34
N PRO C 103 -24.46 16.91 1.02
CA PRO C 103 -25.72 17.59 1.34
C PRO C 103 -25.98 17.44 2.85
N VAL C 104 -27.02 18.10 3.38
CA VAL C 104 -27.47 17.86 4.75
C VAL C 104 -28.47 16.70 4.53
N TYR C 105 -28.04 15.44 4.70
CA TYR C 105 -28.95 14.30 4.51
C TYR C 105 -30.02 14.32 5.59
N THR C 106 -31.16 13.67 5.34
CA THR C 106 -32.15 13.56 6.43
C THR C 106 -31.51 12.61 7.47
N LEU C 107 -31.97 12.65 8.72
CA LEU C 107 -31.46 11.76 9.75
C LEU C 107 -31.69 10.30 9.32
N LYS C 108 -32.89 9.96 8.81
CA LYS C 108 -33.22 8.62 8.30
C LYS C 108 -32.25 8.15 7.20
N GLU C 109 -32.03 8.99 6.18
CA GLU C 109 -31.08 8.62 5.11
C GLU C 109 -29.66 8.40 5.67
N ARG C 110 -29.22 9.27 6.59
CA ARG C 110 -27.92 9.14 7.23
C ARG C 110 -27.79 7.82 8.01
N CYS C 111 -28.84 7.42 8.74
CA CYS C 111 -28.90 6.15 9.47
C CYS C 111 -28.85 4.95 8.55
N LEU C 112 -29.60 5.03 7.42
CA LEU C 112 -29.61 3.97 6.39
C LEU C 112 -28.21 3.79 5.84
N GLN C 113 -27.50 4.89 5.54
CA GLN C 113 -26.10 4.88 5.06
C GLN C 113 -25.17 4.16 6.04
N VAL C 114 -25.30 4.46 7.33
CA VAL C 114 -24.46 3.86 8.39
C VAL C 114 -24.73 2.35 8.53
N VAL C 115 -26.01 1.96 8.57
CA VAL C 115 -26.43 0.56 8.67
C VAL C 115 -25.96 -0.23 7.40
N ARG C 116 -26.13 0.33 6.19
CA ARG C 116 -25.65 -0.30 4.95
C ARG C 116 -24.12 -0.52 4.99
N SER C 117 -23.36 0.43 5.56
CA SER C 117 -21.89 0.35 5.66
C SER C 117 -21.42 -0.76 6.62
N LEU C 118 -22.29 -1.21 7.54
CA LEU C 118 -21.96 -2.22 8.57
C LEU C 118 -22.55 -3.60 8.32
N VAL C 119 -23.65 -3.68 7.56
CA VAL C 119 -24.35 -4.95 7.32
C VAL C 119 -24.33 -5.34 5.84
N LYS C 120 -23.92 -6.60 5.58
CA LYS C 120 -23.88 -7.21 4.24
C LYS C 120 -25.34 -7.31 3.76
N PRO C 121 -25.64 -6.93 2.50
CA PRO C 121 -27.05 -6.99 2.03
C PRO C 121 -27.82 -8.28 2.28
N GLU C 122 -27.12 -9.43 2.32
CA GLU C 122 -27.70 -10.76 2.56
C GLU C 122 -28.24 -10.85 3.97
N ASN C 123 -27.66 -10.04 4.89
CA ASN C 123 -28.01 -10.03 6.29
C ASN C 123 -29.00 -8.94 6.74
N TYR C 124 -29.52 -8.10 5.81
CA TYR C 124 -30.51 -7.05 6.14
C TYR C 124 -31.75 -7.65 6.80
N ARG C 125 -32.18 -8.84 6.32
CA ARG C 125 -33.35 -9.59 6.79
C ARG C 125 -33.18 -10.25 8.17
N ARG C 126 -31.96 -10.22 8.73
CA ARG C 126 -31.68 -10.77 10.06
C ARG C 126 -31.76 -9.67 11.16
N LEU C 127 -31.87 -8.38 10.76
CA LEU C 127 -31.96 -7.24 11.66
C LEU C 127 -33.36 -7.14 12.28
N ASP C 128 -33.45 -6.86 13.58
CA ASP C 128 -34.75 -6.77 14.24
C ASP C 128 -35.36 -5.36 14.08
N ILE C 129 -35.95 -5.14 12.90
CA ILE C 129 -36.58 -3.87 12.49
C ILE C 129 -37.86 -4.18 11.71
N VAL C 130 -38.70 -3.15 11.47
CA VAL C 130 -39.94 -3.30 10.70
C VAL C 130 -39.63 -3.62 9.23
N ARG C 131 -40.51 -4.40 8.59
CA ARG C 131 -40.36 -4.81 7.19
C ARG C 131 -40.09 -3.62 6.27
N SER C 132 -40.80 -2.48 6.49
CA SER C 132 -40.65 -1.26 5.71
C SER C 132 -39.21 -0.71 5.75
N LEU C 133 -38.48 -0.90 6.88
CA LEU C 133 -37.09 -0.46 7.00
C LEU C 133 -36.11 -1.36 6.23
N TYR C 134 -36.41 -2.66 6.14
CA TYR C 134 -35.65 -3.68 5.38
C TYR C 134 -35.73 -3.30 3.89
N GLU C 135 -36.90 -2.83 3.44
CA GLU C 135 -37.14 -2.36 2.08
C GLU C 135 -36.37 -1.07 1.83
N ASP C 136 -36.34 -0.14 2.83
CA ASP C 136 -35.57 1.11 2.75
C ASP C 136 -34.08 0.83 2.65
N LEU C 137 -33.57 -0.17 3.44
CA LEU C 137 -32.17 -0.62 3.41
C LEU C 137 -31.77 -1.18 2.05
N GLU C 138 -32.63 -2.02 1.43
CA GLU C 138 -32.40 -2.64 0.12
C GLU C 138 -32.50 -1.64 -1.02
N ASP C 139 -33.23 -0.54 -0.84
CA ASP C 139 -33.40 0.52 -1.85
C ASP C 139 -32.21 1.49 -1.83
N HIS C 140 -31.04 0.94 -2.20
CA HIS C 140 -29.74 1.62 -2.28
C HIS C 140 -29.79 2.85 -3.20
N PRO C 141 -28.99 3.90 -2.91
CA PRO C 141 -28.91 5.04 -3.84
C PRO C 141 -28.41 4.54 -5.20
N ASN C 142 -28.97 5.07 -6.29
CA ASN C 142 -28.66 4.64 -7.66
C ASN C 142 -28.79 5.87 -8.54
N VAL C 143 -27.84 6.08 -9.47
CA VAL C 143 -27.87 7.20 -10.42
C VAL C 143 -29.13 7.07 -11.34
N GLN C 144 -29.41 5.85 -11.86
CA GLN C 144 -30.57 5.57 -12.72
C GLN C 144 -31.90 6.01 -12.07
N LYS C 145 -32.10 5.68 -10.78
CA LYS C 145 -33.29 6.06 -10.01
C LYS C 145 -33.36 7.58 -9.87
N ASP C 146 -32.21 8.23 -9.58
CA ASP C 146 -32.13 9.68 -9.46
C ASP C 146 -32.45 10.37 -10.80
N LEU C 147 -31.96 9.82 -11.93
CA LEU C 147 -32.22 10.34 -13.28
C LEU C 147 -33.67 10.22 -13.67
N GLU C 148 -34.31 9.09 -13.34
CA GLU C 148 -35.72 8.84 -13.65
C GLU C 148 -36.56 8.97 -12.37
N ARG C 149 -36.98 10.18 -11.93
CA ARG C 149 -36.82 11.54 -12.47
C ARG C 149 -36.92 12.49 -11.24
N LEU C 150 -36.47 13.76 -11.26
CA LEU C 150 -35.77 14.60 -12.26
C LEU C 150 -36.55 15.07 -13.51
N THR C 151 -37.84 15.47 -13.33
CA THR C 151 -38.73 16.02 -14.38
C THR C 151 -39.71 17.04 -13.80
N MET D 1 -3.07 -11.43 18.94
CA MET D 1 -3.25 -12.87 18.67
C MET D 1 -4.25 -13.49 19.64
N ASP D 2 -5.19 -14.29 19.10
CA ASP D 2 -6.22 -14.98 19.87
C ASP D 2 -5.66 -16.25 20.48
N VAL D 3 -5.98 -16.49 21.75
CA VAL D 3 -5.58 -17.65 22.53
C VAL D 3 -6.89 -18.37 22.91
N PHE D 4 -6.94 -19.71 22.80
CA PHE D 4 -8.15 -20.51 23.04
C PHE D 4 -7.99 -21.32 24.28
N LEU D 5 -8.94 -21.15 25.20
CA LEU D 5 -8.89 -21.73 26.53
C LEU D 5 -10.06 -22.57 26.96
N MET D 6 -9.81 -23.39 27.99
CA MET D 6 -10.77 -24.18 28.73
C MET D 6 -10.57 -23.73 30.17
N ILE D 7 -11.56 -23.03 30.75
CA ILE D 7 -11.50 -22.59 32.14
C ILE D 7 -12.23 -23.67 32.93
N ARG D 8 -11.48 -24.41 33.77
CA ARG D 8 -12.00 -25.59 34.45
C ARG D 8 -11.99 -25.55 35.96
N ARG D 9 -13.10 -26.01 36.55
CA ARG D 9 -13.30 -26.14 38.00
C ARG D 9 -14.27 -27.29 38.21
N HIS D 10 -13.87 -28.29 39.04
CA HIS D 10 -14.69 -29.46 39.38
C HIS D 10 -15.22 -30.11 38.10
N LYS D 11 -16.55 -30.11 37.85
CA LYS D 11 -17.15 -30.68 36.64
C LYS D 11 -17.61 -29.59 35.65
N THR D 12 -17.12 -28.35 35.79
CA THR D 12 -17.45 -27.22 34.91
C THR D 12 -16.24 -26.92 34.00
N THR D 13 -16.52 -26.66 32.70
CA THR D 13 -15.52 -26.28 31.69
C THR D 13 -16.11 -25.17 30.82
N ILE D 14 -15.45 -24.00 30.80
CA ILE D 14 -15.85 -22.87 29.96
C ILE D 14 -14.90 -22.81 28.76
N PHE D 15 -15.45 -22.84 27.53
CA PHE D 15 -14.67 -22.68 26.30
C PHE D 15 -14.75 -21.22 25.92
N THR D 16 -13.62 -20.52 25.92
CA THR D 16 -13.56 -19.11 25.55
C THR D 16 -12.21 -18.79 24.89
N ASP D 17 -12.14 -17.65 24.26
CA ASP D 17 -10.92 -17.15 23.66
C ASP D 17 -10.67 -15.76 24.22
N ALA D 18 -9.41 -15.33 24.17
CA ALA D 18 -8.97 -14.02 24.63
C ALA D 18 -7.72 -13.65 23.86
N LYS D 19 -7.24 -12.41 24.01
CA LYS D 19 -6.02 -11.96 23.35
C LYS D 19 -4.85 -12.37 24.21
N GLU D 20 -3.72 -12.63 23.57
CA GLU D 20 -2.47 -12.97 24.26
C GLU D 20 -2.04 -11.80 25.16
N SER D 21 -2.30 -10.56 24.72
CA SER D 21 -1.99 -9.31 25.42
C SER D 21 -3.00 -8.96 26.52
N SER D 22 -4.12 -9.68 26.63
CA SER D 22 -5.11 -9.42 27.68
C SER D 22 -4.61 -9.97 29.02
N THR D 23 -5.11 -9.45 30.13
CA THR D 23 -4.62 -9.83 31.47
C THR D 23 -5.41 -10.92 32.13
N VAL D 24 -4.83 -11.49 33.19
CA VAL D 24 -5.43 -12.50 34.08
C VAL D 24 -6.69 -11.89 34.71
N PHE D 25 -6.62 -10.59 35.14
CA PHE D 25 -7.78 -9.89 35.70
C PHE D 25 -8.93 -9.82 34.70
N GLU D 26 -8.65 -9.46 33.43
CA GLU D 26 -9.65 -9.39 32.35
C GLU D 26 -10.33 -10.76 32.10
N LEU D 27 -9.58 -11.88 32.26
CA LEU D 27 -10.10 -13.24 32.14
C LEU D 27 -11.06 -13.52 33.32
N LYS D 28 -10.74 -13.01 34.53
CA LYS D 28 -11.60 -13.13 35.72
C LYS D 28 -12.93 -12.41 35.50
N ARG D 29 -12.89 -11.27 34.75
CA ARG D 29 -14.08 -10.50 34.39
C ARG D 29 -14.97 -11.30 33.42
N ILE D 30 -14.37 -12.15 32.55
CA ILE D 30 -15.09 -13.04 31.65
C ILE D 30 -15.80 -14.12 32.49
N VAL D 31 -15.09 -14.74 33.45
CA VAL D 31 -15.63 -15.77 34.35
C VAL D 31 -16.81 -15.22 35.15
N GLU D 32 -16.69 -13.95 35.60
CA GLU D 32 -17.73 -13.25 36.36
C GLU D 32 -19.03 -13.13 35.57
N GLY D 33 -18.92 -12.79 34.29
CA GLY D 33 -20.06 -12.65 33.40
C GLY D 33 -20.79 -13.95 33.19
N ILE D 34 -20.06 -15.08 33.27
CA ILE D 34 -20.62 -16.43 33.08
C ILE D 34 -21.07 -17.08 34.39
N LEU D 35 -20.16 -17.22 35.37
CA LEU D 35 -20.43 -17.92 36.62
C LEU D 35 -20.94 -17.08 37.78
N LYS D 36 -21.07 -15.75 37.54
CA LYS D 36 -21.58 -14.76 38.51
C LYS D 36 -20.81 -14.72 39.85
N ARG D 37 -19.47 -14.78 39.76
CA ARG D 37 -18.59 -14.68 40.92
C ARG D 37 -17.58 -13.58 40.64
N PRO D 38 -17.49 -12.55 41.51
CA PRO D 38 -16.54 -11.45 41.24
C PRO D 38 -15.06 -11.85 41.16
N PRO D 39 -14.19 -11.06 40.47
CA PRO D 39 -12.77 -11.41 40.38
C PRO D 39 -12.03 -11.68 41.69
N ASP D 40 -12.42 -10.98 42.77
CA ASP D 40 -11.83 -11.13 44.10
C ASP D 40 -12.13 -12.50 44.73
N GLU D 41 -13.24 -13.13 44.29
CA GLU D 41 -13.68 -14.44 44.78
C GLU D 41 -13.17 -15.58 43.88
N GLN D 42 -12.18 -15.27 43.02
CA GLN D 42 -11.59 -16.18 42.03
C GLN D 42 -10.08 -16.27 42.12
N ARG D 43 -9.55 -17.46 41.78
CA ARG D 43 -8.13 -17.74 41.66
C ARG D 43 -7.96 -18.51 40.35
N LEU D 44 -7.08 -18.02 39.47
CA LEU D 44 -6.79 -18.68 38.20
C LEU D 44 -5.42 -19.32 38.26
N TYR D 45 -5.29 -20.51 37.65
CA TYR D 45 -4.05 -21.29 37.68
C TYR D 45 -3.63 -21.80 36.32
N LYS D 46 -2.32 -22.02 36.15
CA LYS D 46 -1.74 -22.69 35.00
C LYS D 46 -1.02 -23.86 35.66
N ASP D 47 -1.60 -25.07 35.56
CA ASP D 47 -1.18 -26.27 36.27
C ASP D 47 -1.36 -26.00 37.79
N ASP D 48 -0.33 -26.17 38.64
CA ASP D 48 -0.49 -25.88 40.07
C ASP D 48 -0.12 -24.43 40.44
N GLN D 49 0.32 -23.64 39.44
CA GLN D 49 0.77 -22.26 39.67
C GLN D 49 -0.34 -21.22 39.66
N LEU D 50 -0.43 -20.44 40.73
CA LEU D 50 -1.38 -19.35 40.85
C LEU D 50 -0.95 -18.20 39.95
N LEU D 51 -1.88 -17.69 39.15
CA LEU D 51 -1.60 -16.58 38.23
C LEU D 51 -1.89 -15.21 38.81
N ASP D 52 -0.96 -14.24 38.59
CA ASP D 52 -1.10 -12.84 39.05
C ASP D 52 -1.96 -12.03 38.08
N ASP D 53 -2.89 -11.21 38.61
CA ASP D 53 -3.85 -10.35 37.91
C ASP D 53 -3.30 -9.42 36.83
N GLY D 54 -2.18 -8.76 37.11
CA GLY D 54 -1.53 -7.81 36.19
C GLY D 54 -0.81 -8.44 35.02
N LYS D 55 -0.54 -9.75 35.10
CA LYS D 55 0.17 -10.47 34.05
C LYS D 55 -0.70 -10.71 32.83
N THR D 56 -0.11 -10.63 31.63
CA THR D 56 -0.83 -10.94 30.40
C THR D 56 -0.87 -12.46 30.26
N LEU D 57 -1.79 -12.94 29.43
CA LEU D 57 -1.95 -14.37 29.13
C LEU D 57 -0.68 -14.96 28.51
N GLY D 58 -0.04 -14.20 27.62
CA GLY D 58 1.23 -14.56 26.98
C GLY D 58 2.36 -14.81 27.96
N GLU D 59 2.49 -13.92 28.98
CA GLU D 59 3.48 -14.02 30.06
C GLU D 59 3.21 -15.25 30.94
N CYS D 60 1.94 -15.66 31.04
CA CYS D 60 1.48 -16.81 31.81
C CYS D 60 1.62 -18.11 31.04
N GLY D 61 2.13 -18.03 29.83
CA GLY D 61 2.38 -19.21 29.01
C GLY D 61 1.29 -19.60 28.04
N PHE D 62 0.26 -18.75 27.86
CA PHE D 62 -0.83 -19.02 26.92
C PHE D 62 -0.55 -18.29 25.64
N THR D 63 -0.07 -19.04 24.65
CA THR D 63 0.32 -18.48 23.36
C THR D 63 -0.53 -19.07 22.26
N SER D 64 -0.49 -18.47 21.07
CA SER D 64 -1.22 -18.92 19.89
C SER D 64 -0.81 -20.33 19.52
N GLN D 65 0.46 -20.65 19.76
CA GLN D 65 1.04 -21.94 19.42
C GLN D 65 0.61 -23.04 20.37
N THR D 66 0.23 -22.72 21.64
CA THR D 66 -0.13 -23.66 22.72
C THR D 66 -1.57 -23.60 23.21
N ALA D 67 -2.34 -22.64 22.70
CA ALA D 67 -3.73 -22.44 23.10
C ALA D 67 -4.52 -22.31 21.80
N ARG D 68 -4.71 -23.44 21.12
CA ARG D 68 -5.35 -23.47 19.81
C ARG D 68 -6.82 -23.86 19.77
N PRO D 69 -7.60 -23.46 18.73
CA PRO D 69 -9.04 -23.79 18.73
C PRO D 69 -9.36 -25.26 18.95
N GLN D 70 -8.62 -26.13 18.26
CA GLN D 70 -8.82 -27.57 18.28
C GLN D 70 -8.12 -28.29 19.42
N ALA D 71 -7.28 -27.56 20.20
CA ALA D 71 -6.49 -28.08 21.33
C ALA D 71 -6.29 -26.92 22.34
N PRO D 72 -7.37 -26.48 23.02
CA PRO D 72 -7.27 -25.31 23.91
C PRO D 72 -6.44 -25.55 25.17
N ALA D 73 -5.86 -24.48 25.73
CA ALA D 73 -5.05 -24.58 26.95
C ALA D 73 -5.98 -24.54 28.16
N THR D 74 -5.63 -25.26 29.23
CA THR D 74 -6.45 -25.30 30.45
C THR D 74 -6.06 -24.26 31.47
N VAL D 75 -7.06 -23.55 31.97
CA VAL D 75 -6.92 -22.58 33.03
C VAL D 75 -7.71 -23.16 34.21
N GLY D 76 -7.04 -23.38 35.34
CA GLY D 76 -7.69 -23.88 36.53
C GLY D 76 -8.39 -22.75 37.24
N LEU D 77 -9.52 -23.03 37.89
CA LEU D 77 -10.27 -22.02 38.62
C LEU D 77 -10.66 -22.55 39.99
N ALA D 78 -10.46 -21.73 41.03
CA ALA D 78 -10.79 -22.04 42.41
C ALA D 78 -11.63 -20.91 42.97
N PHE D 79 -12.71 -21.25 43.66
CA PHE D 79 -13.62 -20.26 44.22
C PHE D 79 -13.36 -20.01 45.70
N ARG D 80 -13.80 -18.85 46.21
CA ARG D 80 -13.66 -18.49 47.64
C ARG D 80 -14.88 -19.06 48.39
N ALA D 81 -16.04 -18.31 48.39
CA ALA D 81 -17.38 -18.60 48.97
C ALA D 81 -18.04 -17.64 50.00
N ASP D 82 -17.49 -17.24 51.21
CA ASP D 82 -16.19 -17.31 51.93
C ASP D 82 -15.38 -15.96 51.86
N ASP D 83 -14.35 -15.66 52.70
CA ASP D 83 -13.58 -16.36 53.75
C ASP D 83 -12.30 -17.09 53.24
N THR D 84 -12.30 -18.43 53.14
CA THR D 84 -11.13 -19.19 52.68
C THR D 84 -11.29 -19.67 51.22
N PHE D 85 -10.18 -19.64 50.45
CA PHE D 85 -10.16 -20.13 49.07
C PHE D 85 -9.99 -21.65 49.10
N GLU D 86 -10.91 -22.35 48.41
CA GLU D 86 -10.93 -23.80 48.26
C GLU D 86 -9.71 -24.25 47.42
N ALA D 87 -9.22 -25.50 47.63
CA ALA D 87 -8.09 -26.05 46.88
C ALA D 87 -8.49 -26.29 45.41
N LEU D 88 -7.53 -26.16 44.48
CA LEU D 88 -7.79 -26.37 43.06
C LEU D 88 -8.13 -27.85 42.82
N CYS D 89 -9.32 -28.09 42.22
CA CYS D 89 -9.80 -29.43 41.89
C CYS D 89 -10.49 -29.41 40.54
N ILE D 90 -10.01 -30.27 39.64
CA ILE D 90 -10.54 -30.42 38.29
C ILE D 90 -10.88 -31.89 38.12
N GLU D 91 -12.17 -32.20 37.93
CA GLU D 91 -12.61 -33.58 37.71
C GLU D 91 -12.15 -34.01 36.31
N PRO D 92 -11.45 -35.16 36.18
CA PRO D 92 -11.00 -35.58 34.84
C PRO D 92 -12.19 -35.96 33.98
N PHE D 93 -12.03 -35.92 32.67
CA PHE D 93 -13.08 -36.39 31.79
C PHE D 93 -13.10 -37.93 31.83
N SER D 94 -14.17 -38.54 31.32
CA SER D 94 -14.31 -40.01 31.29
C SER D 94 -13.22 -40.68 30.43
N SER D 95 -12.97 -41.97 30.69
CA SER D 95 -11.97 -42.74 29.97
C SER D 95 -12.55 -43.40 28.72
N PRO D 96 -11.80 -43.36 27.59
CA PRO D 96 -12.29 -44.04 26.37
C PRO D 96 -12.27 -45.56 26.57
N PRO D 97 -13.08 -46.35 25.81
CA PRO D 97 -13.03 -47.82 25.96
C PRO D 97 -11.80 -48.41 25.24
N GLU D 98 -11.84 -49.72 24.89
CA GLU D 98 -10.74 -50.43 24.20
C GLU D 98 -10.84 -50.52 22.64
N LEU D 99 -11.79 -51.33 22.12
CA LEU D 99 -12.05 -51.61 20.68
C LEU D 99 -10.99 -52.43 19.94
N PRO D 100 -11.45 -53.51 19.26
CA PRO D 100 -10.63 -54.46 18.50
C PRO D 100 -10.53 -54.16 16.99
N ASP D 101 -10.26 -52.88 16.68
CA ASP D 101 -10.05 -52.35 15.32
C ASP D 101 -8.64 -51.74 15.27
N VAL D 102 -7.67 -52.50 15.81
CA VAL D 102 -6.25 -52.16 15.92
C VAL D 102 -5.55 -52.27 14.58
N MET E 2 -26.14 -15.39 25.23
CA MET E 2 -24.68 -15.30 25.15
C MET E 2 -24.01 -16.68 25.17
N TYR E 3 -24.21 -17.44 26.26
CA TYR E 3 -23.64 -18.77 26.47
C TYR E 3 -24.72 -19.82 26.74
N VAL E 4 -24.43 -21.09 26.40
CA VAL E 4 -25.33 -22.21 26.67
C VAL E 4 -24.55 -23.31 27.43
N LYS E 5 -25.26 -24.15 28.19
CA LYS E 5 -24.64 -25.22 28.96
C LYS E 5 -24.96 -26.58 28.33
N LEU E 6 -23.94 -27.37 28.01
CA LEU E 6 -24.09 -28.72 27.42
C LEU E 6 -23.58 -29.71 28.46
N ILE E 7 -24.46 -30.59 28.95
CA ILE E 7 -24.13 -31.54 30.03
C ILE E 7 -23.94 -32.94 29.49
N SER E 8 -22.82 -33.58 29.80
CA SER E 8 -22.54 -34.93 29.32
C SER E 8 -23.27 -36.00 30.17
N SER E 9 -23.21 -37.28 29.75
CA SER E 9 -23.84 -38.42 30.45
C SER E 9 -23.31 -38.59 31.88
N ASP E 10 -22.02 -38.31 32.09
CA ASP E 10 -21.34 -38.37 33.40
C ASP E 10 -21.43 -37.06 34.22
N GLY E 11 -22.26 -36.12 33.79
CA GLY E 11 -22.45 -34.87 34.55
C GLY E 11 -21.49 -33.72 34.37
N HIS E 12 -20.53 -33.79 33.41
CA HIS E 12 -19.63 -32.66 33.17
C HIS E 12 -20.41 -31.57 32.44
N GLU E 13 -20.25 -30.33 32.87
CA GLU E 13 -20.94 -29.17 32.30
C GLU E 13 -20.01 -28.36 31.43
N PHE E 14 -20.36 -28.22 30.16
CA PHE E 14 -19.60 -27.49 29.15
C PHE E 14 -20.32 -26.19 28.81
N ILE E 15 -19.67 -25.06 29.08
CA ILE E 15 -20.24 -23.75 28.78
C ILE E 15 -19.58 -23.22 27.49
N VAL E 16 -20.41 -22.99 26.46
CA VAL E 16 -19.97 -22.59 25.12
C VAL E 16 -20.82 -21.41 24.64
N LYS E 17 -20.23 -20.56 23.76
CA LYS E 17 -20.95 -19.45 23.15
C LYS E 17 -22.19 -19.99 22.40
N ARG E 18 -23.35 -19.35 22.58
CA ARG E 18 -24.61 -19.73 21.94
C ARG E 18 -24.43 -19.87 20.41
N GLU E 19 -23.76 -18.89 19.77
CA GLU E 19 -23.47 -18.84 18.32
C GLU E 19 -22.77 -20.13 17.86
N HIS E 20 -21.84 -20.64 18.66
CA HIS E 20 -21.09 -21.87 18.38
C HIS E 20 -21.94 -23.13 18.53
N ALA E 21 -22.82 -23.20 19.55
CA ALA E 21 -23.67 -24.35 19.78
C ALA E 21 -24.76 -24.45 18.69
N LEU E 22 -25.30 -23.29 18.25
CA LEU E 22 -26.35 -23.17 17.24
C LEU E 22 -25.93 -23.63 15.85
N THR E 23 -24.65 -24.01 15.65
CA THR E 23 -24.21 -24.57 14.37
C THR E 23 -24.82 -25.97 14.22
N SER E 24 -25.15 -26.63 15.36
CA SER E 24 -25.80 -27.93 15.35
C SER E 24 -27.32 -27.72 15.29
N GLY E 25 -27.94 -28.25 14.24
CA GLY E 25 -29.37 -28.18 14.03
C GLY E 25 -30.13 -28.88 15.14
N THR E 26 -29.58 -30.01 15.63
CA THR E 26 -30.12 -30.81 16.73
C THR E 26 -30.16 -29.99 18.03
N ILE E 27 -29.05 -29.31 18.35
CA ILE E 27 -28.90 -28.46 19.54
C ILE E 27 -29.90 -27.29 19.50
N LYS E 28 -29.94 -26.57 18.36
CA LYS E 28 -30.84 -25.46 18.08
C LYS E 28 -32.31 -25.85 18.32
N ALA E 29 -32.67 -27.12 18.02
CA ALA E 29 -34.01 -27.69 18.24
C ALA E 29 -34.20 -28.05 19.73
N MET E 30 -33.18 -28.57 20.37
CA MET E 30 -33.26 -28.89 21.76
C MET E 30 -33.30 -27.65 22.60
N LEU E 31 -32.77 -26.56 22.09
CA LEU E 31 -32.82 -25.31 22.80
C LEU E 31 -34.21 -24.81 22.73
N SER E 32 -34.72 -24.71 21.52
CA SER E 32 -36.07 -24.26 21.27
C SER E 32 -36.87 -25.34 20.59
N THR E 42 -33.01 -25.20 30.81
CA THR E 42 -33.07 -24.36 29.62
C THR E 42 -32.63 -22.93 29.97
N ASN E 43 -31.64 -22.31 29.25
CA ASN E 43 -30.93 -22.83 28.07
C ASN E 43 -29.69 -23.73 28.34
N GLU E 44 -29.99 -24.93 28.87
CA GLU E 44 -29.12 -26.05 29.20
C GLU E 44 -29.61 -27.26 28.39
N VAL E 45 -28.69 -28.08 27.88
CA VAL E 45 -29.03 -29.30 27.15
C VAL E 45 -28.33 -30.49 27.83
N ASN E 46 -29.10 -31.55 28.16
CA ASN E 46 -28.55 -32.76 28.78
C ASN E 46 -28.34 -33.83 27.72
N PHE E 47 -27.16 -34.44 27.68
CA PHE E 47 -26.86 -35.49 26.72
C PHE E 47 -26.63 -36.79 27.44
N ARG E 48 -27.69 -37.61 27.54
CA ARG E 48 -27.72 -38.90 28.24
C ARG E 48 -26.78 -39.96 27.67
N GLU E 49 -26.49 -39.89 26.36
CA GLU E 49 -25.66 -40.87 25.66
C GLU E 49 -24.28 -40.35 25.34
N ILE E 50 -23.99 -39.06 25.58
CA ILE E 50 -22.68 -38.51 25.21
C ILE E 50 -21.76 -38.33 26.41
N PRO E 51 -20.71 -39.16 26.55
CA PRO E 51 -19.78 -39.00 27.70
C PRO E 51 -18.89 -37.77 27.53
N SER E 52 -18.31 -37.27 28.65
CA SER E 52 -17.46 -36.06 28.69
C SER E 52 -16.26 -36.09 27.77
N HIS E 53 -15.59 -37.26 27.61
CA HIS E 53 -14.44 -37.38 26.70
C HIS E 53 -14.83 -37.18 25.23
N VAL E 54 -16.14 -37.32 24.90
CA VAL E 54 -16.67 -37.11 23.56
C VAL E 54 -17.19 -35.67 23.43
N LEU E 55 -18.03 -35.23 24.39
CA LEU E 55 -18.59 -33.88 24.38
C LEU E 55 -17.55 -32.75 24.44
N SER E 56 -16.40 -32.97 25.14
CA SER E 56 -15.34 -31.96 25.20
C SER E 56 -14.79 -31.73 23.79
N LYS E 57 -14.62 -32.82 23.03
CA LYS E 57 -14.15 -32.81 21.65
C LYS E 57 -15.14 -32.13 20.71
N VAL E 58 -16.45 -32.32 20.96
CA VAL E 58 -17.51 -31.68 20.18
C VAL E 58 -17.40 -30.15 20.34
N CYS E 59 -17.21 -29.67 21.58
CA CYS E 59 -17.03 -28.25 21.90
C CYS E 59 -15.78 -27.66 21.24
N MET E 60 -14.66 -28.43 21.19
CA MET E 60 -13.42 -28.03 20.49
C MET E 60 -13.68 -27.91 19.00
N TYR E 61 -14.53 -28.80 18.44
CA TYR E 61 -14.91 -28.74 17.03
C TYR E 61 -15.64 -27.43 16.70
N PHE E 62 -16.61 -27.01 17.54
CA PHE E 62 -17.35 -25.74 17.37
C PHE E 62 -16.40 -24.56 17.26
N THR E 63 -15.41 -24.48 18.18
CA THR E 63 -14.43 -23.39 18.17
C THR E 63 -13.58 -23.45 16.92
N TYR E 64 -13.09 -24.64 16.57
CA TYR E 64 -12.30 -24.92 15.36
C TYR E 64 -13.08 -24.49 14.08
N LYS E 65 -14.35 -24.90 13.97
CA LYS E 65 -15.20 -24.58 12.83
C LYS E 65 -15.42 -23.07 12.70
N VAL E 66 -15.77 -22.39 13.80
CA VAL E 66 -16.01 -20.94 13.79
C VAL E 66 -14.71 -20.18 13.42
N ARG E 67 -13.56 -20.61 13.97
CA ARG E 67 -12.29 -19.98 13.67
C ARG E 67 -11.84 -20.17 12.21
N TYR E 68 -11.96 -21.39 11.67
CA TYR E 68 -11.43 -21.68 10.35
C TYR E 68 -12.34 -21.63 9.12
N THR E 69 -13.66 -21.48 9.29
CA THR E 69 -14.56 -21.43 8.14
C THR E 69 -14.48 -20.06 7.48
N ASN E 70 -14.26 -20.06 6.14
CA ASN E 70 -14.11 -18.87 5.27
C ASN E 70 -12.88 -18.05 5.71
N SER E 71 -11.76 -18.76 5.94
CA SER E 71 -10.49 -18.20 6.39
C SER E 71 -9.41 -18.49 5.33
N SER E 72 -8.54 -17.50 5.05
CA SER E 72 -7.45 -17.63 4.07
C SER E 72 -6.16 -18.20 4.69
N THR E 73 -6.06 -18.16 6.04
CA THR E 73 -4.94 -18.72 6.80
C THR E 73 -4.95 -20.24 6.67
N GLU E 74 -3.75 -20.88 6.78
CA GLU E 74 -3.57 -22.33 6.68
C GLU E 74 -4.41 -23.02 7.79
N ILE E 75 -5.27 -23.95 7.36
CA ILE E 75 -6.15 -24.70 8.24
C ILE E 75 -5.40 -25.94 8.77
N PRO E 76 -5.28 -26.12 10.10
CA PRO E 76 -4.65 -27.35 10.62
C PRO E 76 -5.67 -28.50 10.62
N GLU E 77 -5.19 -29.73 10.78
CA GLU E 77 -6.04 -30.92 10.84
C GLU E 77 -6.80 -30.93 12.17
N PHE E 78 -8.08 -31.37 12.16
CA PHE E 78 -8.81 -31.51 13.41
C PHE E 78 -8.41 -32.88 13.97
N PRO E 79 -7.75 -32.94 15.16
CA PRO E 79 -7.26 -34.24 15.64
C PRO E 79 -8.32 -35.08 16.35
N ILE E 80 -8.34 -36.38 16.04
CA ILE E 80 -9.23 -37.34 16.69
C ILE E 80 -8.41 -38.58 17.04
N ALA E 81 -8.19 -38.82 18.34
CA ALA E 81 -7.47 -40.00 18.81
C ALA E 81 -8.28 -41.25 18.38
N PRO E 82 -7.62 -42.36 17.97
CA PRO E 82 -8.37 -43.56 17.57
C PRO E 82 -9.40 -44.06 18.59
N GLU E 83 -9.08 -43.95 19.89
CA GLU E 83 -9.88 -44.43 21.03
C GLU E 83 -11.24 -43.73 21.20
N ILE E 84 -11.38 -42.51 20.66
CA ILE E 84 -12.57 -41.67 20.75
C ILE E 84 -13.39 -41.65 19.44
N ALA E 85 -12.74 -42.02 18.31
CA ALA E 85 -13.29 -41.99 16.96
C ALA E 85 -14.69 -42.59 16.78
N LEU E 86 -14.94 -43.82 17.25
CA LEU E 86 -16.25 -44.46 17.09
C LEU E 86 -17.37 -43.72 17.80
N GLU E 87 -17.15 -43.35 19.06
CA GLU E 87 -18.15 -42.63 19.85
C GLU E 87 -18.37 -41.23 19.33
N LEU E 88 -17.30 -40.55 18.88
CA LEU E 88 -17.39 -39.20 18.33
C LEU E 88 -18.20 -39.22 17.04
N LEU E 89 -18.03 -40.29 16.21
CA LEU E 89 -18.79 -40.50 14.97
C LEU E 89 -20.29 -40.58 15.28
N MET E 90 -20.66 -41.36 16.31
CA MET E 90 -22.06 -41.52 16.76
C MET E 90 -22.62 -40.18 17.24
N ALA E 91 -21.85 -39.38 18.00
CA ALA E 91 -22.32 -38.07 18.45
C ALA E 91 -22.47 -37.11 17.29
N ALA E 92 -21.47 -37.04 16.36
CA ALA E 92 -21.50 -36.16 15.17
C ALA E 92 -22.70 -36.46 14.29
N ASN E 93 -23.02 -37.75 14.13
CA ASN E 93 -24.16 -38.24 13.38
C ASN E 93 -25.49 -37.76 13.99
N PHE E 94 -25.63 -37.84 15.31
CA PHE E 94 -26.84 -37.41 16.04
C PHE E 94 -27.00 -35.90 16.01
N LEU E 95 -25.91 -35.17 16.26
CA LEU E 95 -25.87 -33.71 16.31
C LEU E 95 -25.92 -33.03 14.94
N ASP E 96 -25.69 -33.79 13.86
CA ASP E 96 -25.63 -33.34 12.46
C ASP E 96 -24.61 -32.18 12.25
N CYS E 97 -23.41 -32.35 12.82
CA CYS E 97 -22.34 -31.36 12.70
C CYS E 97 -21.05 -31.91 11.99
N LEU F 12 -18.58 -30.23 -17.28
CA LEU F 12 -17.40 -29.88 -16.50
C LEU F 12 -16.16 -30.41 -17.21
N ARG F 13 -15.57 -29.58 -18.05
CA ARG F 13 -14.40 -29.94 -18.86
C ARG F 13 -13.50 -28.72 -19.10
N SER F 14 -12.24 -28.98 -19.49
CA SER F 14 -11.29 -27.92 -19.79
C SER F 14 -11.64 -27.31 -21.12
N VAL F 15 -11.38 -25.99 -21.25
CA VAL F 15 -11.57 -25.28 -22.51
C VAL F 15 -10.22 -25.39 -23.22
N ASN F 16 -10.21 -25.84 -24.49
CA ASN F 16 -8.98 -25.98 -25.28
C ASN F 16 -8.57 -24.59 -25.84
N SER F 17 -8.16 -23.68 -24.93
CA SER F 17 -7.79 -22.29 -25.26
C SER F 17 -6.46 -22.18 -25.98
N ARG F 18 -5.50 -23.08 -25.66
CA ARG F 18 -4.12 -23.10 -26.18
C ARG F 18 -3.36 -21.82 -25.74
N GLU F 19 -3.84 -21.18 -24.64
CA GLU F 19 -3.27 -19.98 -24.05
C GLU F 19 -2.50 -20.37 -22.80
N PRO F 20 -1.13 -20.42 -22.88
CA PRO F 20 -0.34 -20.81 -21.71
C PRO F 20 -0.62 -19.98 -20.46
N SER F 21 -0.65 -20.64 -19.32
CA SER F 21 -0.83 -20.01 -18.02
C SER F 21 0.03 -20.73 -17.00
N GLN F 22 1.01 -20.02 -16.46
CA GLN F 22 1.94 -20.53 -15.45
C GLN F 22 1.27 -20.49 -14.09
N VAL F 23 1.36 -21.62 -13.37
CA VAL F 23 0.72 -21.79 -12.07
C VAL F 23 1.72 -22.33 -11.04
N ILE F 24 1.49 -22.03 -9.75
CA ILE F 24 2.22 -22.61 -8.65
C ILE F 24 1.21 -23.38 -7.82
N PHE F 25 1.37 -24.71 -7.73
CA PHE F 25 0.57 -25.55 -6.86
C PHE F 25 1.29 -25.46 -5.52
N CAS F 26 0.65 -24.89 -4.50
CA CAS F 26 1.27 -24.75 -3.20
CB CAS F 26 1.35 -23.29 -2.77
C CAS F 26 0.49 -25.59 -2.21
O CAS F 26 -0.67 -25.26 -1.91
SG CAS F 26 2.22 -23.16 -1.15
AS CAS F 26 4.33 -23.38 -1.61
CE1 CAS F 26 4.82 -24.84 -0.36
CE2 CAS F 26 5.10 -21.82 -0.62
N ASN F 27 1.08 -26.70 -1.75
CA ASN F 27 0.41 -27.59 -0.81
C ASN F 27 0.56 -27.08 0.62
N ARG F 28 -0.46 -26.32 1.11
CA ARG F 28 -0.51 -25.78 2.47
C ARG F 28 -1.44 -26.67 3.33
N SER F 29 -1.30 -27.98 3.19
CA SER F 29 -2.11 -28.96 3.90
C SER F 29 -1.16 -30.05 4.46
N PRO F 30 -1.59 -30.88 5.46
CA PRO F 30 -0.70 -31.95 5.94
C PRO F 30 -0.83 -33.25 5.11
N ARG F 31 -1.63 -33.23 4.02
CA ARG F 31 -1.84 -34.41 3.17
C ARG F 31 -0.90 -34.45 1.95
N VAL F 32 -0.73 -35.66 1.39
CA VAL F 32 -0.03 -35.87 0.13
C VAL F 32 -1.11 -35.52 -0.87
N VAL F 33 -0.86 -34.52 -1.73
CA VAL F 33 -1.87 -34.01 -2.65
C VAL F 33 -1.79 -34.60 -4.04
N LEU F 34 -2.94 -35.03 -4.56
CA LEU F 34 -3.12 -35.51 -5.91
C LEU F 34 -3.80 -34.41 -6.74
N PRO F 35 -3.05 -33.74 -7.66
CA PRO F 35 -3.68 -32.78 -8.57
C PRO F 35 -4.42 -33.56 -9.65
N VAL F 36 -5.64 -33.13 -9.99
CA VAL F 36 -6.45 -33.82 -11.00
C VAL F 36 -6.89 -32.82 -12.05
N TRP F 37 -6.52 -33.05 -13.31
CA TRP F 37 -6.93 -32.18 -14.42
C TRP F 37 -8.15 -32.78 -15.10
N LEU F 38 -9.16 -31.96 -15.41
CA LEU F 38 -10.32 -32.47 -16.15
C LEU F 38 -10.01 -32.22 -17.61
N ASN F 39 -9.78 -33.30 -18.38
CA ASN F 39 -9.45 -33.20 -19.78
C ASN F 39 -10.62 -32.70 -20.67
N PHE F 40 -10.35 -32.45 -21.96
CA PHE F 40 -11.30 -31.92 -22.96
C PHE F 40 -12.62 -32.69 -23.12
N ASP F 41 -12.65 -33.96 -22.65
CA ASP F 41 -13.81 -34.86 -22.65
C ASP F 41 -14.46 -34.93 -21.25
N GLY F 42 -13.89 -34.21 -20.28
CA GLY F 42 -14.36 -34.19 -18.91
C GLY F 42 -13.86 -35.34 -18.06
N GLU F 43 -12.88 -36.11 -18.57
CA GLU F 43 -12.27 -37.25 -17.86
C GLU F 43 -11.22 -36.80 -16.85
N PRO F 44 -11.31 -37.22 -15.57
CA PRO F 44 -10.28 -36.82 -14.59
C PRO F 44 -8.92 -37.44 -14.94
N GLN F 45 -7.88 -36.61 -15.01
CA GLN F 45 -6.52 -37.05 -15.32
C GLN F 45 -5.61 -36.76 -14.12
N PRO F 46 -5.09 -37.80 -13.42
CA PRO F 46 -4.21 -37.53 -12.27
C PRO F 46 -2.83 -37.05 -12.70
N TYR F 47 -2.22 -36.13 -11.91
CA TYR F 47 -0.89 -35.60 -12.17
C TYR F 47 0.04 -35.98 -11.00
N PRO F 48 1.40 -35.87 -11.11
CA PRO F 48 2.26 -36.28 -9.98
C PRO F 48 1.90 -35.63 -8.65
N THR F 49 2.00 -36.42 -7.57
CA THR F 49 1.61 -36.00 -6.23
C THR F 49 2.57 -34.98 -5.62
N LEU F 50 2.04 -34.17 -4.68
CA LEU F 50 2.80 -33.15 -3.94
C LEU F 50 2.87 -33.56 -2.48
N PRO F 51 4.09 -33.76 -1.91
CA PRO F 51 4.22 -34.06 -0.47
C PRO F 51 3.66 -32.91 0.40
N PRO F 52 3.31 -33.21 1.68
CA PRO F 52 2.74 -32.19 2.58
C PRO F 52 3.05 -30.68 2.47
N GLY F 53 4.30 -30.24 2.60
CA GLY F 53 4.53 -28.80 2.57
C GLY F 53 5.38 -28.31 1.44
N THR F 54 5.07 -28.77 0.23
CA THR F 54 5.84 -28.46 -0.97
C THR F 54 5.02 -27.68 -2.00
N GLY F 55 5.77 -27.10 -2.93
CA GLY F 55 5.26 -26.36 -4.07
C GLY F 55 5.88 -26.85 -5.36
N ARG F 56 5.16 -26.66 -6.47
N ARG F 56 5.16 -26.67 -6.47
CA ARG F 56 5.61 -27.07 -7.80
CA ARG F 56 5.62 -27.08 -7.79
C ARG F 56 5.22 -26.00 -8.82
C ARG F 56 5.22 -26.02 -8.83
N ARG F 57 6.15 -25.66 -9.72
CA ARG F 57 5.91 -24.70 -10.79
C ARG F 57 5.33 -25.54 -11.94
N ILE F 58 4.13 -25.16 -12.47
CA ILE F 58 3.43 -25.97 -13.48
C ILE F 58 3.01 -25.15 -14.70
N HIS F 59 3.10 -25.78 -15.88
CA HIS F 59 2.65 -25.19 -17.15
C HIS F 59 1.23 -25.67 -17.41
N SER F 60 0.27 -24.75 -17.42
CA SER F 60 -1.12 -25.09 -17.70
C SER F 60 -1.65 -24.10 -18.72
N TYR F 61 -2.96 -23.98 -18.85
CA TYR F 61 -3.56 -23.13 -19.87
C TYR F 61 -4.77 -22.44 -19.30
N ARG F 62 -5.11 -21.27 -19.85
CA ARG F 62 -6.29 -20.50 -19.45
C ARG F 62 -7.56 -21.32 -19.72
N GLY F 63 -8.48 -21.37 -18.76
CA GLY F 63 -9.73 -22.10 -18.93
C GLY F 63 -9.67 -23.59 -18.62
N HIS F 64 -8.48 -24.10 -18.22
CA HIS F 64 -8.32 -25.51 -17.82
C HIS F 64 -8.84 -25.74 -16.40
N LEU F 65 -9.36 -26.94 -16.14
CA LEU F 65 -9.99 -27.29 -14.86
C LEU F 65 -9.20 -28.23 -13.99
N TRP F 66 -8.93 -27.81 -12.74
CA TRP F 66 -8.22 -28.63 -11.78
C TRP F 66 -9.01 -28.79 -10.50
N LEU F 67 -8.83 -29.93 -9.85
CA LEU F 67 -9.31 -30.22 -8.51
C LEU F 67 -8.19 -30.97 -7.79
N PHE F 68 -8.24 -31.00 -6.45
CA PHE F 68 -7.14 -31.56 -5.66
C PHE F 68 -7.69 -32.46 -4.60
N ARG F 69 -7.06 -33.63 -4.42
CA ARG F 69 -7.48 -34.68 -3.49
C ARG F 69 -6.33 -35.16 -2.67
N ASP F 70 -6.64 -35.80 -1.52
CA ASP F 70 -5.65 -36.48 -0.71
C ASP F 70 -5.30 -37.70 -1.57
N ALA F 71 -4.00 -37.89 -1.90
CA ALA F 71 -3.53 -38.96 -2.78
C ALA F 71 -3.86 -40.39 -2.32
N GLY F 72 -3.93 -40.62 -1.01
CA GLY F 72 -4.20 -41.94 -0.46
C GLY F 72 -5.67 -42.31 -0.27
N THR F 73 -6.49 -41.33 0.15
CA THR F 73 -7.90 -41.57 0.50
C THR F 73 -8.93 -40.94 -0.42
N HIS F 74 -8.51 -39.97 -1.27
CA HIS F 74 -9.37 -39.20 -2.16
C HIS F 74 -10.27 -38.18 -1.45
N ASP F 75 -9.97 -37.87 -0.17
CA ASP F 75 -10.68 -36.81 0.56
C ASP F 75 -10.53 -35.52 -0.27
N GLY F 76 -11.61 -34.75 -0.39
CA GLY F 76 -11.61 -33.51 -1.14
C GLY F 76 -10.81 -32.40 -0.46
N LEU F 77 -10.10 -31.60 -1.25
CA LEU F 77 -9.32 -30.49 -0.74
C LEU F 77 -9.76 -29.20 -1.38
N LEU F 78 -9.38 -28.06 -0.79
CA LEU F 78 -9.76 -26.76 -1.32
C LEU F 78 -8.57 -26.18 -2.02
N VAL F 79 -8.84 -25.34 -3.01
CA VAL F 79 -7.84 -24.59 -3.78
C VAL F 79 -8.37 -23.17 -3.89
N ASN F 80 -7.63 -22.21 -3.29
CA ASN F 80 -8.04 -20.82 -3.19
C ASN F 80 -9.48 -20.71 -2.63
N GLN F 81 -9.73 -21.49 -1.54
CA GLN F 81 -10.99 -21.57 -0.78
C GLN F 81 -12.21 -22.17 -1.52
N THR F 82 -12.01 -22.76 -2.70
CA THR F 82 -13.08 -23.39 -3.49
C THR F 82 -12.70 -24.80 -3.96
N GLU F 83 -13.64 -25.51 -4.60
CA GLU F 83 -13.44 -26.87 -5.08
C GLU F 83 -12.62 -26.95 -6.36
N LEU F 84 -12.83 -25.99 -7.28
CA LEU F 84 -12.18 -26.01 -8.59
C LEU F 84 -11.23 -24.85 -8.81
N PHE F 85 -10.13 -25.12 -9.52
CA PHE F 85 -9.13 -24.12 -9.87
C PHE F 85 -9.07 -23.99 -11.38
N VAL F 86 -9.22 -22.76 -11.85
CA VAL F 86 -9.17 -22.43 -13.26
C VAL F 86 -8.03 -21.43 -13.48
N PRO F 87 -6.91 -21.82 -14.14
CA PRO F 87 -5.82 -20.85 -14.38
C PRO F 87 -6.32 -19.69 -15.23
N SER F 88 -5.94 -18.48 -14.82
CA SER F 88 -6.33 -17.23 -15.46
C SER F 88 -5.15 -16.60 -16.19
N LEU F 89 -5.29 -15.33 -16.61
CA LEU F 89 -4.29 -14.50 -17.28
C LEU F 89 -3.16 -14.13 -16.29
N ASN F 90 -1.89 -14.36 -16.70
CA ASN F 90 -0.71 -14.02 -15.89
C ASN F 90 -0.47 -12.51 -16.00
N VAL F 91 -0.90 -11.78 -14.97
CA VAL F 91 -0.77 -10.31 -14.89
C VAL F 91 0.71 -9.97 -14.65
N ASP F 92 1.30 -9.23 -15.61
CA ASP F 92 2.72 -8.82 -15.63
C ASP F 92 3.71 -10.01 -15.66
N GLY F 93 3.25 -11.14 -16.21
CA GLY F 93 4.04 -12.36 -16.32
C GLY F 93 4.10 -13.21 -15.06
N GLN F 94 3.55 -12.72 -13.92
CA GLN F 94 3.54 -13.43 -12.63
C GLN F 94 2.67 -14.71 -12.66
N PRO F 95 3.17 -15.84 -12.07
CA PRO F 95 2.37 -17.08 -12.09
C PRO F 95 1.18 -17.01 -11.15
N ILE F 96 0.14 -17.82 -11.44
CA ILE F 96 -1.07 -17.88 -10.60
C ILE F 96 -0.81 -18.85 -9.46
N PHE F 97 -1.13 -18.42 -8.24
CA PHE F 97 -1.00 -19.24 -7.06
C PHE F 97 -2.27 -20.08 -6.85
N ALA F 98 -2.06 -21.37 -6.76
CA ALA F 98 -3.11 -22.34 -6.45
C ALA F 98 -2.76 -22.80 -5.01
N ASN F 99 -3.42 -22.20 -4.02
CA ASN F 99 -3.21 -22.47 -2.59
C ASN F 99 -4.09 -23.62 -2.16
N ILE F 100 -3.48 -24.81 -1.98
CA ILE F 100 -4.14 -26.08 -1.68
C ILE F 100 -4.21 -26.27 -0.17
N THR F 101 -5.43 -26.28 0.40
CA THR F 101 -5.59 -26.39 1.85
C THR F 101 -6.62 -27.44 2.22
N LEU F 102 -6.66 -27.80 3.51
CA LEU F 102 -7.70 -28.68 4.01
C LEU F 102 -8.96 -27.84 4.08
N PRO F 103 -10.12 -28.41 3.76
CA PRO F 103 -11.37 -27.69 4.07
C PRO F 103 -11.64 -27.85 5.58
N VAL F 104 -12.66 -27.15 6.09
CA VAL F 104 -13.16 -27.41 7.42
C VAL F 104 -14.18 -28.54 7.17
N TYR F 105 -13.77 -29.81 7.35
CA TYR F 105 -14.69 -30.94 7.15
C TYR F 105 -15.74 -30.90 8.24
N THR F 106 -16.89 -31.53 8.00
CA THR F 106 -17.91 -31.64 9.06
C THR F 106 -17.28 -32.60 10.09
N LEU F 107 -17.74 -32.56 11.34
CA LEU F 107 -17.23 -33.47 12.36
C LEU F 107 -17.45 -34.91 11.91
N LYS F 108 -18.65 -35.22 11.39
CA LYS F 108 -19.01 -36.55 10.87
C LYS F 108 -18.04 -37.02 9.79
N GLU F 109 -17.79 -36.19 8.77
CA GLU F 109 -16.85 -36.57 7.71
C GLU F 109 -15.43 -36.83 8.27
N ARG F 110 -14.99 -35.97 9.20
CA ARG F 110 -13.68 -36.13 9.83
C ARG F 110 -13.58 -37.47 10.60
N CYS F 111 -14.63 -37.86 11.33
CA CYS F 111 -14.72 -39.13 12.05
C CYS F 111 -14.69 -40.31 11.10
N LEU F 112 -15.44 -40.21 9.98
CA LEU F 112 -15.49 -41.25 8.94
C LEU F 112 -14.09 -41.46 8.37
N GLN F 113 -13.36 -40.36 8.09
CA GLN F 113 -11.97 -40.41 7.59
C GLN F 113 -11.06 -41.17 8.54
N VAL F 114 -11.15 -40.87 9.85
CA VAL F 114 -10.33 -41.50 10.89
C VAL F 114 -10.63 -43.00 11.02
N VAL F 115 -11.93 -43.36 11.07
CA VAL F 115 -12.38 -44.76 11.14
C VAL F 115 -11.95 -45.55 9.88
N ARG F 116 -12.12 -44.98 8.66
CA ARG F 116 -11.67 -45.61 7.41
C ARG F 116 -10.14 -45.87 7.42
N SER F 117 -9.35 -44.92 8.01
CA SER F 117 -7.89 -45.05 8.08
C SER F 117 -7.43 -46.17 9.04
N LEU F 118 -8.30 -46.61 9.98
CA LEU F 118 -7.98 -47.62 10.98
C LEU F 118 -8.60 -49.00 10.73
N VAL F 119 -9.72 -49.05 9.99
CA VAL F 119 -10.43 -50.30 9.72
C VAL F 119 -10.49 -50.68 8.26
N LYS F 120 -10.07 -51.93 7.94
CA LYS F 120 -10.08 -52.51 6.61
C LYS F 120 -11.53 -52.58 6.13
N PRO F 121 -11.85 -52.19 4.88
CA PRO F 121 -13.26 -52.20 4.41
C PRO F 121 -14.06 -53.48 4.65
N GLU F 122 -13.37 -54.65 4.67
CA GLU F 122 -13.97 -55.97 4.90
C GLU F 122 -14.46 -56.08 6.33
N ASN F 123 -13.88 -55.28 7.25
CA ASN F 123 -14.21 -55.29 8.67
C ASN F 123 -15.18 -54.19 9.14
N TYR F 124 -15.70 -53.32 8.22
CA TYR F 124 -16.64 -52.25 8.58
C TYR F 124 -17.88 -52.80 9.27
N ARG F 125 -18.42 -53.93 8.78
CA ARG F 125 -19.63 -54.52 9.34
C ARG F 125 -19.43 -55.19 10.72
N ARG F 126 -18.16 -55.30 11.17
CA ARG F 126 -17.81 -55.89 12.47
C ARG F 126 -17.80 -54.83 13.60
N LEU F 127 -17.99 -53.54 13.24
CA LEU F 127 -18.05 -52.41 14.16
C LEU F 127 -19.44 -52.28 14.79
N ASP F 128 -19.52 -51.99 16.11
CA ASP F 128 -20.82 -51.87 16.80
C ASP F 128 -21.42 -50.46 16.63
N ILE F 129 -21.97 -50.20 15.45
CA ILE F 129 -22.57 -48.92 15.03
C ILE F 129 -23.86 -49.20 14.24
N VAL F 130 -24.69 -48.15 14.03
CA VAL F 130 -25.93 -48.26 13.27
C VAL F 130 -25.67 -48.59 11.80
N ARG F 131 -26.59 -49.34 11.17
CA ARG F 131 -26.52 -49.75 9.77
C ARG F 131 -26.22 -48.57 8.84
N SER F 132 -26.86 -47.41 9.09
CA SER F 132 -26.67 -46.18 8.30
C SER F 132 -25.21 -45.70 8.31
N LEU F 133 -24.48 -45.92 9.41
CA LEU F 133 -23.06 -45.54 9.52
C LEU F 133 -22.13 -46.47 8.73
N TYR F 134 -22.52 -47.76 8.58
CA TYR F 134 -21.77 -48.74 7.76
C TYR F 134 -21.78 -48.24 6.33
N GLU F 135 -22.99 -47.85 5.83
CA GLU F 135 -23.18 -47.32 4.48
C GLU F 135 -22.41 -46.01 4.28
N ASP F 136 -22.31 -45.18 5.35
CA ASP F 136 -21.53 -43.92 5.30
C ASP F 136 -20.02 -44.22 5.18
N LEU F 137 -19.50 -45.24 5.90
CA LEU F 137 -18.11 -45.71 5.82
C LEU F 137 -17.76 -46.24 4.44
N GLU F 138 -18.67 -47.07 3.84
CA GLU F 138 -18.48 -47.67 2.53
C GLU F 138 -18.57 -46.65 1.40
N ASP F 139 -19.24 -45.51 1.65
CA ASP F 139 -19.39 -44.44 0.66
C ASP F 139 -18.15 -43.51 0.68
N HIS F 140 -17.00 -44.08 0.28
CA HIS F 140 -15.68 -43.46 0.20
C HIS F 140 -15.67 -42.23 -0.69
N PRO F 141 -14.83 -41.20 -0.37
CA PRO F 141 -14.73 -40.04 -1.26
C PRO F 141 -14.26 -40.49 -2.64
N ASN F 142 -14.83 -39.88 -3.68
CA ASN F 142 -14.68 -40.29 -5.06
C ASN F 142 -14.77 -39.04 -5.96
N VAL F 143 -13.81 -38.86 -6.89
CA VAL F 143 -13.82 -37.74 -7.84
C VAL F 143 -15.10 -37.78 -8.73
N GLN F 144 -15.43 -38.96 -9.32
CA GLN F 144 -16.61 -39.16 -10.18
C GLN F 144 -17.92 -38.77 -9.51
N LYS F 145 -18.09 -39.12 -8.22
CA LYS F 145 -19.28 -38.77 -7.42
C LYS F 145 -19.31 -37.25 -7.18
N ASP F 146 -18.13 -36.63 -6.91
CA ASP F 146 -18.02 -35.19 -6.72
C ASP F 146 -18.32 -34.41 -7.99
N LEU F 147 -17.84 -34.90 -9.16
CA LEU F 147 -18.11 -34.27 -10.45
C LEU F 147 -19.61 -34.31 -10.78
N GLU F 148 -20.30 -35.41 -10.40
CA GLU F 148 -21.75 -35.58 -10.57
C GLU F 148 -22.50 -34.56 -9.70
N ARG F 149 -22.06 -34.38 -8.43
CA ARG F 149 -22.65 -33.42 -7.48
C ARG F 149 -22.40 -31.99 -7.94
N LEU F 150 -21.21 -31.72 -8.51
CA LEU F 150 -20.77 -30.42 -9.04
C LEU F 150 -21.61 -30.04 -10.25
N THR F 151 -21.83 -31.01 -11.16
CA THR F 151 -22.61 -30.89 -12.39
C THR F 151 -24.07 -30.45 -12.08
N GLN F 152 -24.63 -30.89 -10.94
CA GLN F 152 -25.98 -30.47 -10.52
C GLN F 152 -25.96 -28.99 -10.10
N GLU F 153 -26.41 -28.10 -11.03
CA GLU F 153 -26.47 -26.66 -10.84
C GLU F 153 -27.66 -26.06 -11.59
N MET G 1 34.19 0.64 -3.20
CA MET G 1 34.06 -0.76 -3.62
C MET G 1 33.11 -1.51 -2.70
N ASP G 2 32.16 -2.27 -3.29
CA ASP G 2 31.19 -3.07 -2.57
C ASP G 2 31.80 -4.38 -2.16
N VAL G 3 31.47 -4.79 -0.95
CA VAL G 3 31.89 -6.01 -0.29
C VAL G 3 30.62 -6.83 0.09
N PHE G 4 30.65 -8.15 -0.16
CA PHE G 4 29.47 -9.00 0.03
C PHE G 4 29.66 -9.97 1.13
N LEU G 5 28.73 -9.93 2.09
CA LEU G 5 28.84 -10.67 3.34
C LEU G 5 27.71 -11.58 3.71
N MET G 6 28.02 -12.52 4.59
CA MET G 6 27.09 -13.39 5.27
C MET G 6 27.33 -13.13 6.75
N ILE G 7 26.33 -12.55 7.42
CA ILE G 7 26.41 -12.27 8.86
C ILE G 7 25.73 -13.46 9.52
N ARG G 8 26.51 -14.27 10.26
CA ARG G 8 26.02 -15.53 10.79
C ARG G 8 26.05 -15.68 12.29
N ARG G 9 24.95 -16.21 12.83
CA ARG G 9 24.79 -16.50 14.26
C ARG G 9 23.84 -17.70 14.35
N HIS G 10 24.27 -18.78 15.06
CA HIS G 10 23.48 -20.00 15.25
C HIS G 10 22.95 -20.49 13.90
N LYS G 11 21.61 -20.51 13.70
CA LYS G 11 20.96 -20.92 12.45
C LYS G 11 20.45 -19.72 11.62
N THR G 12 20.92 -18.50 11.91
CA THR G 12 20.57 -17.28 11.18
C THR G 12 21.76 -16.87 10.27
N THR G 13 21.47 -16.48 9.03
CA THR G 13 22.43 -15.97 8.06
C THR G 13 21.80 -14.76 7.34
N ILE G 14 22.44 -13.59 7.47
CA ILE G 14 22.00 -12.38 6.78
C ILE G 14 22.93 -12.16 5.57
N PHE G 15 22.36 -12.06 4.36
CA PHE G 15 23.11 -11.74 3.13
C PHE G 15 22.96 -10.24 2.96
N THR G 16 24.07 -9.51 3.01
CA THR G 16 24.10 -8.06 2.82
C THR G 16 25.41 -7.64 2.18
N ASP G 17 25.45 -6.41 1.71
CA ASP G 17 26.63 -5.81 1.12
C ASP G 17 26.88 -4.51 1.82
N ALA G 18 28.12 -4.02 1.75
CA ALA G 18 28.55 -2.77 2.34
C ALA G 18 29.77 -2.29 1.56
N LYS G 19 30.19 -1.05 1.76
CA LYS G 19 31.37 -0.54 1.06
C LYS G 19 32.60 -0.96 1.86
N GLU G 20 33.79 -1.08 1.24
CA GLU G 20 35.04 -1.42 1.94
C GLU G 20 35.37 -0.35 2.97
N SER G 21 35.00 0.89 2.67
CA SER G 21 35.24 2.07 3.50
C SER G 21 34.27 2.21 4.67
N SER G 22 33.17 1.42 4.71
CA SER G 22 32.23 1.52 5.82
C SER G 22 32.81 0.81 7.04
N THR G 23 32.30 1.16 8.23
CA THR G 23 32.83 0.65 9.48
C THR G 23 32.07 -0.53 10.03
N VAL G 24 32.72 -1.22 11.00
CA VAL G 24 32.16 -2.34 11.76
C VAL G 24 30.91 -1.83 12.51
N PHE G 25 30.94 -0.60 13.06
CA PHE G 25 29.77 0.00 13.73
C PHE G 25 28.58 0.16 12.76
N GLU G 26 28.83 0.67 11.53
CA GLU G 26 27.79 0.83 10.49
C GLU G 26 27.13 -0.52 10.11
N LEU G 27 27.91 -1.62 10.14
CA LEU G 27 27.44 -2.98 9.90
C LEU G 27 26.52 -3.42 11.06
N LYS G 28 26.87 -3.05 12.30
CA LYS G 28 26.04 -3.30 13.50
C LYS G 28 24.69 -2.60 13.38
N ARG G 29 24.68 -1.39 12.77
CA ARG G 29 23.45 -0.62 12.54
C ARG G 29 22.54 -1.34 11.52
N ILE G 30 23.15 -2.07 10.54
CA ILE G 30 22.41 -2.89 9.57
C ILE G 30 21.76 -4.07 10.32
N VAL G 31 22.53 -4.77 11.17
CA VAL G 31 22.05 -5.91 11.97
C VAL G 31 20.89 -5.47 12.88
N GLU G 32 20.99 -4.27 13.46
CA GLU G 32 19.96 -3.69 14.32
C GLU G 32 18.62 -3.52 13.59
N GLY G 33 18.69 -3.04 12.35
CA GLY G 33 17.49 -2.85 11.52
C GLY G 33 16.79 -4.16 11.20
N ILE G 34 17.56 -5.25 11.13
CA ILE G 34 17.04 -6.58 10.81
C ILE G 34 16.65 -7.39 12.06
N LEU G 35 17.61 -7.60 12.99
CA LEU G 35 17.43 -8.43 14.18
C LEU G 35 16.93 -7.72 15.43
N LYS G 36 16.77 -6.38 15.35
CA LYS G 36 16.24 -5.51 16.41
C LYS G 36 17.02 -5.55 17.73
N ARG G 37 18.35 -5.55 17.61
CA ARG G 37 19.25 -5.53 18.76
C ARG G 37 20.24 -4.39 18.55
N PRO G 38 20.33 -3.44 19.50
CA PRO G 38 21.25 -2.29 19.31
C PRO G 38 22.73 -2.65 19.16
N PRO G 39 23.55 -1.78 18.52
CA PRO G 39 25.00 -2.09 18.35
C PRO G 39 25.77 -2.46 19.63
N ASP G 40 25.38 -1.92 20.80
CA ASP G 40 26.03 -2.24 22.09
C ASP G 40 25.77 -3.69 22.57
N GLU G 41 24.70 -4.34 22.05
CA GLU G 41 24.32 -5.72 22.37
C GLU G 41 24.85 -6.71 21.34
N GLN G 42 25.78 -6.27 20.47
CA GLN G 42 26.35 -7.11 19.41
C GLN G 42 27.86 -7.13 19.42
N ARG G 43 28.42 -8.28 19.01
CA ARG G 43 29.84 -8.48 18.80
C ARG G 43 29.99 -9.09 17.41
N LEU G 44 30.85 -8.48 16.58
CA LEU G 44 31.11 -8.96 15.21
C LEU G 44 32.52 -9.54 15.15
N TYR G 45 32.68 -10.69 14.50
CA TYR G 45 33.96 -11.41 14.41
C TYR G 45 34.37 -11.74 12.98
N LYS G 46 35.68 -11.80 12.70
CA LYS G 46 36.24 -12.30 11.45
C LYS G 46 36.95 -13.56 11.95
N ASP G 47 36.34 -14.74 11.76
CA ASP G 47 36.81 -16.03 12.33
C ASP G 47 36.70 -15.91 13.87
N ASP G 48 37.78 -16.11 14.63
CA ASP G 48 37.71 -15.97 16.09
C ASP G 48 38.05 -14.56 16.57
N GLN G 49 38.46 -13.67 15.66
CA GLN G 49 38.87 -12.30 16.01
C GLN G 49 37.72 -11.32 16.16
N LEU G 50 37.62 -10.70 17.33
CA LEU G 50 36.64 -9.66 17.62
C LEU G 50 36.99 -8.40 16.85
N LEU G 51 36.01 -7.84 16.14
CA LEU G 51 36.22 -6.64 15.33
C LEU G 51 35.88 -5.38 16.08
N ASP G 52 36.77 -4.36 15.98
CA ASP G 52 36.62 -3.04 16.59
C ASP G 52 35.71 -2.16 15.71
N ASP G 53 34.77 -1.44 16.36
CA ASP G 53 33.76 -0.54 15.79
C ASP G 53 34.27 0.51 14.79
N GLY G 54 35.37 1.17 15.12
CA GLY G 54 35.96 2.23 14.32
C GLY G 54 36.69 1.77 13.08
N LYS G 55 36.99 0.46 12.99
CA LYS G 55 37.71 -0.10 11.85
C LYS G 55 36.81 -0.22 10.64
N THR G 56 37.37 0.03 9.45
CA THR G 56 36.63 -0.15 8.20
C THR G 56 36.66 -1.64 7.85
N LEU G 57 35.72 -2.07 7.00
CA LEU G 57 35.63 -3.45 6.55
C LEU G 57 36.89 -3.90 5.80
N GLY G 58 37.45 -3.00 4.99
CA GLY G 58 38.70 -3.21 4.26
C GLY G 58 39.88 -3.54 5.17
N GLU G 59 40.02 -2.77 6.29
CA GLU G 59 41.05 -2.97 7.32
C GLU G 59 40.88 -4.32 8.02
N CYS G 60 39.62 -4.80 8.12
CA CYS G 60 39.25 -6.06 8.76
C CYS G 60 39.43 -7.24 7.82
N GLY G 61 39.91 -6.98 6.61
CA GLY G 61 40.19 -8.00 5.62
C GLY G 61 39.10 -8.28 4.62
N PHE G 62 37.97 -7.56 4.68
CA PHE G 62 36.85 -7.75 3.75
C PHE G 62 37.09 -6.87 2.55
N THR G 63 37.71 -7.49 1.53
CA THR G 63 38.08 -6.83 0.28
C THR G 63 37.17 -7.33 -0.81
N SER G 64 37.13 -6.61 -1.94
CA SER G 64 36.36 -6.93 -3.13
C SER G 64 36.74 -8.30 -3.70
N GLN G 65 38.01 -8.66 -3.55
CA GLN G 65 38.56 -9.92 -4.03
C GLN G 65 38.21 -11.12 -3.13
N THR G 66 37.86 -10.88 -1.85
CA THR G 66 37.55 -11.95 -0.87
C THR G 66 36.12 -11.94 -0.36
N ALA G 67 35.33 -10.92 -0.72
CA ALA G 67 33.93 -10.81 -0.27
C ALA G 67 33.11 -10.53 -1.52
N ARG G 68 32.92 -11.58 -2.34
CA ARG G 68 32.24 -11.46 -3.62
C ARG G 68 30.80 -11.90 -3.66
N PRO G 69 29.96 -11.38 -4.60
CA PRO G 69 28.54 -11.76 -4.60
C PRO G 69 28.25 -13.25 -4.57
N GLN G 70 28.98 -14.01 -5.40
CA GLN G 70 28.85 -15.46 -5.56
C GLN G 70 29.61 -16.28 -4.54
N ALA G 71 30.44 -15.62 -3.69
CA ALA G 71 31.26 -16.27 -2.64
C ALA G 71 31.46 -15.24 -1.51
N PRO G 72 30.39 -14.92 -0.74
CA PRO G 72 30.49 -13.87 0.28
C PRO G 72 31.34 -14.23 1.48
N ALA G 73 31.90 -13.21 2.14
CA ALA G 73 32.73 -13.44 3.33
C ALA G 73 31.84 -13.57 4.56
N THR G 74 32.25 -14.39 5.53
CA THR G 74 31.48 -14.60 6.75
C THR G 74 31.91 -13.67 7.86
N VAL G 75 30.89 -13.04 8.48
CA VAL G 75 31.03 -12.22 9.65
C VAL G 75 30.26 -12.98 10.75
N GLY G 76 30.95 -13.30 11.83
CA GLY G 76 30.34 -13.97 12.98
C GLY G 76 29.64 -12.96 13.85
N LEU G 77 28.51 -13.34 14.44
CA LEU G 77 27.69 -12.47 15.29
C LEU G 77 27.32 -13.14 16.60
N ALA G 78 27.46 -12.40 17.71
CA ALA G 78 27.13 -12.82 19.06
C ALA G 78 26.35 -11.70 19.74
N PHE G 79 25.25 -12.06 20.41
CA PHE G 79 24.42 -11.11 21.15
C PHE G 79 24.65 -11.16 22.65
N ARG G 80 24.50 -10.02 23.32
CA ARG G 80 24.58 -9.95 24.77
C ARG G 80 23.20 -10.37 25.26
N ALA G 81 23.13 -11.39 26.12
CA ALA G 81 21.84 -11.87 26.65
C ALA G 81 21.84 -11.67 28.15
N ASP G 82 21.03 -10.71 28.61
CA ASP G 82 20.95 -10.24 29.99
C ASP G 82 22.32 -9.63 30.36
N ASP G 83 23.01 -10.16 31.40
CA ASP G 83 24.32 -9.67 31.87
C ASP G 83 25.52 -9.73 30.89
N THR G 84 25.80 -10.92 30.26
CA THR G 84 26.99 -11.08 29.42
C THR G 84 26.75 -11.58 28.00
N PHE G 85 27.76 -11.39 27.14
CA PHE G 85 27.77 -11.84 25.76
C PHE G 85 27.88 -13.35 25.72
N GLU G 86 27.06 -13.95 24.88
CA GLU G 86 27.08 -15.39 24.61
C GLU G 86 28.35 -15.66 23.77
N ALA G 87 28.85 -16.90 23.78
CA ALA G 87 30.00 -17.30 22.99
C ALA G 87 29.61 -17.33 21.49
N LEU G 88 30.56 -17.08 20.59
CA LEU G 88 30.31 -17.13 19.15
C LEU G 88 30.03 -18.59 18.76
N CYS G 89 28.85 -18.83 18.16
CA CYS G 89 28.43 -20.16 17.68
C CYS G 89 27.71 -20.01 16.35
N ILE G 90 28.20 -20.73 15.35
CA ILE G 90 27.62 -20.72 14.02
C ILE G 90 27.31 -22.17 13.67
N GLU G 91 26.02 -22.48 13.43
CA GLU G 91 25.60 -23.82 13.04
C GLU G 91 26.06 -24.06 11.60
N PRO G 92 26.78 -25.17 11.32
CA PRO G 92 27.18 -25.42 9.94
C PRO G 92 25.94 -25.72 9.08
N PHE G 93 26.04 -25.51 7.77
CA PHE G 93 24.97 -25.89 6.87
C PHE G 93 25.00 -27.44 6.78
N SER G 94 23.90 -28.04 6.30
CA SER G 94 23.79 -29.49 6.16
C SER G 94 24.87 -30.05 5.23
N SER G 95 25.19 -31.35 5.39
CA SER G 95 26.19 -32.03 4.58
C SER G 95 25.59 -32.57 3.29
N PRO G 96 26.30 -32.41 2.13
CA PRO G 96 25.81 -32.97 0.86
C PRO G 96 25.77 -34.50 0.90
N PRO G 97 24.89 -35.16 0.11
CA PRO G 97 24.73 -36.60 0.24
C PRO G 97 25.81 -37.53 -0.24
N GLU G 98 26.95 -37.06 -0.75
CA GLU G 98 27.98 -37.97 -1.29
C GLU G 98 27.67 -38.30 -2.73
N LEU G 99 28.68 -38.08 -3.55
CA LEU G 99 28.64 -38.17 -4.99
C LEU G 99 28.10 -39.46 -5.56
N PRO G 100 27.09 -39.39 -6.46
CA PRO G 100 26.60 -40.63 -7.11
C PRO G 100 27.72 -41.30 -7.92
N ASP G 101 27.64 -42.64 -8.10
CA ASP G 101 28.60 -43.46 -8.87
C ASP G 101 28.96 -42.84 -10.22
N VAL G 102 27.93 -42.35 -10.93
CA VAL G 102 28.01 -41.73 -12.25
C VAL G 102 28.71 -40.35 -12.30
N MET G 103 29.08 -39.78 -11.13
CA MET G 103 29.76 -38.47 -11.05
C MET G 103 31.23 -38.55 -10.63
N MET H 2 11.73 -4.51 3.13
CA MET H 2 13.17 -4.40 3.00
C MET H 2 13.84 -5.78 2.91
N TYR H 3 13.64 -6.66 3.91
CA TYR H 3 14.23 -8.01 3.95
C TYR H 3 13.15 -9.10 4.08
N VAL H 4 13.47 -10.31 3.61
CA VAL H 4 12.58 -11.48 3.70
C VAL H 4 13.37 -12.65 4.32
N LYS H 5 12.67 -13.60 4.93
CA LYS H 5 13.29 -14.77 5.53
C LYS H 5 12.97 -16.04 4.71
N LEU H 6 14.00 -16.78 4.30
CA LEU H 6 13.86 -18.03 3.54
C LEU H 6 14.39 -19.13 4.46
N ILE H 7 13.53 -20.08 4.82
CA ILE H 7 13.88 -21.15 5.77
C ILE H 7 14.09 -22.47 5.06
N SER H 8 15.24 -23.10 5.28
CA SER H 8 15.56 -24.40 4.68
C SER H 8 14.85 -25.56 5.41
N SER H 9 14.92 -26.77 4.82
CA SER H 9 14.31 -27.99 5.38
C SER H 9 14.88 -28.33 6.77
N ASP H 10 16.18 -28.09 6.97
CA ASP H 10 16.88 -28.32 8.26
C ASP H 10 16.79 -27.11 9.23
N GLY H 11 15.96 -26.13 8.93
CA GLY H 11 15.72 -25.00 9.84
C GLY H 11 16.66 -23.81 9.81
N HIS H 12 17.59 -23.75 8.85
CA HIS H 12 18.45 -22.58 8.72
C HIS H 12 17.64 -21.43 8.15
N GLU H 13 17.80 -20.24 8.73
CA GLU H 13 17.06 -19.05 8.31
C GLU H 13 17.97 -18.12 7.55
N PHE H 14 17.59 -17.82 6.32
CA PHE H 14 18.35 -16.96 5.41
C PHE H 14 17.61 -15.65 5.25
N ILE H 15 18.26 -14.55 5.66
CA ILE H 15 17.67 -13.21 5.56
C ILE H 15 18.33 -12.50 4.37
N VAL H 16 17.51 -12.15 3.40
CA VAL H 16 17.93 -11.59 2.11
C VAL H 16 17.09 -10.35 1.79
N LYS H 17 17.67 -9.40 1.04
CA LYS H 17 16.95 -8.22 0.59
C LYS H 17 15.72 -8.68 -0.23
N ARG H 18 14.55 -8.08 0.03
CA ARG H 18 13.30 -8.41 -0.68
C ARG H 18 13.50 -8.32 -2.20
N GLU H 19 14.17 -7.24 -2.66
CA GLU H 19 14.52 -6.94 -4.07
C GLU H 19 15.32 -8.09 -4.71
N HIS H 20 16.24 -8.71 -3.95
CA HIS H 20 17.05 -9.86 -4.38
C HIS H 20 16.22 -11.15 -4.45
N ALA H 21 15.33 -11.36 -3.47
CA ALA H 21 14.44 -12.53 -3.45
C ALA H 21 13.40 -12.43 -4.57
N LEU H 22 12.98 -11.18 -4.92
CA LEU H 22 12.00 -10.92 -5.98
C LEU H 22 12.51 -11.33 -7.37
N THR H 23 13.82 -11.66 -7.45
CA THR H 23 14.50 -12.15 -8.66
C THR H 23 13.90 -13.50 -9.08
N SER H 24 13.57 -14.35 -8.10
CA SER H 24 12.90 -15.64 -8.33
C SER H 24 11.42 -15.31 -8.50
N GLY H 25 10.85 -15.72 -9.64
CA GLY H 25 9.44 -15.50 -9.96
C GLY H 25 8.52 -16.26 -9.02
N THR H 26 8.95 -17.48 -8.61
CA THR H 26 8.24 -18.35 -7.67
C THR H 26 8.14 -17.67 -6.31
N ILE H 27 9.28 -17.12 -5.81
CA ILE H 27 9.35 -16.42 -4.52
C ILE H 27 8.47 -15.16 -4.53
N LYS H 28 8.53 -14.37 -5.64
CA LYS H 28 7.74 -13.15 -5.86
C LYS H 28 6.24 -13.45 -5.74
N ALA H 29 5.81 -14.64 -6.23
CA ALA H 29 4.45 -15.14 -6.15
C ALA H 29 4.14 -15.66 -4.75
N MET H 30 5.09 -16.40 -4.14
CA MET H 30 4.99 -16.97 -2.79
C MET H 30 4.82 -15.93 -1.73
N LEU H 31 5.50 -14.77 -1.86
CA LEU H 31 5.34 -13.67 -0.91
C LEU H 31 4.07 -12.85 -1.19
N SER H 32 3.58 -12.89 -2.46
CA SER H 32 2.32 -12.25 -2.87
C SER H 32 1.19 -13.31 -2.71
N GLY H 33 0.52 -13.67 -3.81
CA GLY H 33 -0.55 -14.67 -3.83
C GLY H 33 -1.80 -14.25 -3.09
N ASN H 43 6.01 -12.76 4.43
CA ASN H 43 7.33 -12.23 4.76
C ASN H 43 8.41 -13.32 4.93
N GLU H 44 7.99 -14.50 5.45
CA GLU H 44 8.81 -15.69 5.64
C GLU H 44 8.32 -16.76 4.67
N VAL H 45 9.26 -17.51 4.06
CA VAL H 45 8.93 -18.62 3.17
C VAL H 45 9.65 -19.88 3.71
N ASN H 46 8.90 -20.97 3.92
CA ASN H 46 9.46 -22.24 4.37
C ASN H 46 9.68 -23.17 3.18
N PHE H 47 10.88 -23.74 3.05
CA PHE H 47 11.21 -24.68 1.96
C PHE H 47 11.47 -26.04 2.57
N ARG H 48 10.41 -26.86 2.69
CA ARG H 48 10.47 -28.19 3.30
C ARG H 48 11.33 -29.21 2.53
N GLU H 49 11.64 -28.96 1.26
N GLU H 49 11.58 -28.94 1.24
CA GLU H 49 12.49 -29.90 0.51
CA GLU H 49 12.34 -29.79 0.33
C GLU H 49 13.86 -29.35 0.16
C GLU H 49 13.75 -29.27 -0.03
N ILE H 50 14.12 -28.07 0.46
CA ILE H 50 15.43 -27.46 0.14
C ILE H 50 16.37 -27.40 1.36
N PRO H 51 17.45 -28.22 1.39
CA PRO H 51 18.36 -28.19 2.54
C PRO H 51 19.24 -26.93 2.53
N SER H 52 19.82 -26.56 3.69
CA SER H 52 20.63 -25.35 3.87
C SER H 52 21.83 -25.22 2.95
N HIS H 53 22.52 -26.34 2.64
CA HIS H 53 23.68 -26.33 1.75
C HIS H 53 23.28 -25.97 0.32
N VAL H 54 21.99 -26.11 -0.01
CA VAL H 54 21.46 -25.76 -1.33
C VAL H 54 20.89 -24.34 -1.28
N LEU H 55 20.04 -24.03 -0.26
CA LEU H 55 19.42 -22.70 -0.13
C LEU H 55 20.42 -21.56 0.06
N SER H 56 21.58 -21.83 0.71
CA SER H 56 22.62 -20.79 0.89
C SER H 56 23.16 -20.40 -0.48
N LYS H 57 23.33 -21.39 -1.34
CA LYS H 57 23.80 -21.19 -2.72
C LYS H 57 22.78 -20.45 -3.59
N VAL H 58 21.47 -20.70 -3.36
CA VAL H 58 20.38 -20.00 -4.05
C VAL H 58 20.46 -18.49 -3.71
N CYS H 59 20.66 -18.15 -2.41
CA CYS H 59 20.82 -16.76 -1.93
C CYS H 59 22.06 -16.10 -2.54
N MET H 60 23.16 -16.83 -2.70
CA MET H 60 24.38 -16.31 -3.35
C MET H 60 24.09 -16.02 -4.83
N TYR H 61 23.24 -16.84 -5.47
CA TYR H 61 22.85 -16.63 -6.86
C TYR H 61 22.09 -15.31 -7.01
N PHE H 62 21.15 -15.01 -6.09
CA PHE H 62 20.38 -13.74 -6.08
C PHE H 62 21.30 -12.53 -6.06
N THR H 63 22.30 -12.54 -5.18
CA THR H 63 23.27 -11.44 -5.06
C THR H 63 24.06 -11.34 -6.36
N TYR H 64 24.56 -12.47 -6.87
CA TYR H 64 25.31 -12.56 -8.11
C TYR H 64 24.50 -11.99 -9.29
N LYS H 65 23.23 -12.42 -9.42
CA LYS H 65 22.33 -11.98 -10.50
C LYS H 65 22.06 -10.46 -10.43
N VAL H 66 21.72 -9.94 -9.22
CA VAL H 66 21.47 -8.51 -9.03
C VAL H 66 22.73 -7.67 -9.30
N ARG H 67 23.90 -8.14 -8.85
CA ARG H 67 25.15 -7.42 -9.11
C ARG H 67 25.55 -7.40 -10.60
N TYR H 68 25.42 -8.54 -11.30
CA TYR H 68 25.91 -8.66 -12.67
C TYR H 68 24.94 -8.45 -13.84
N THR H 69 23.61 -8.36 -13.60
CA THR H 69 22.64 -8.13 -14.69
C THR H 69 22.66 -6.65 -15.09
N ASN H 70 22.79 -6.38 -16.40
CA ASN H 70 22.88 -5.03 -16.98
C ASN H 70 24.15 -4.32 -16.49
N SER H 71 25.27 -5.07 -16.50
CA SER H 71 26.60 -4.62 -16.09
C SER H 71 27.58 -4.78 -17.26
N SER H 72 28.44 -3.77 -17.46
CA SER H 72 29.45 -3.77 -18.52
C SER H 72 30.77 -4.39 -18.06
N THR H 73 30.97 -4.49 -16.72
CA THR H 73 32.14 -5.11 -16.09
C THR H 73 32.15 -6.62 -16.39
N GLU H 74 33.36 -7.22 -16.44
CA GLU H 74 33.57 -8.65 -16.70
C GLU H 74 32.84 -9.49 -15.63
N ILE H 75 31.98 -10.38 -16.09
CA ILE H 75 31.17 -11.27 -15.26
C ILE H 75 31.97 -12.53 -14.94
N PRO H 76 32.17 -12.85 -13.63
CA PRO H 76 32.87 -14.10 -13.29
C PRO H 76 31.90 -15.29 -13.36
N GLU H 77 32.45 -16.51 -13.35
CA GLU H 77 31.68 -17.75 -13.35
C GLU H 77 30.94 -17.92 -12.02
N PHE H 78 29.69 -18.44 -12.07
CA PHE H 78 28.98 -18.75 -10.84
C PHE H 78 29.44 -20.17 -10.42
N PRO H 79 30.13 -20.34 -9.27
CA PRO H 79 30.65 -21.68 -8.91
C PRO H 79 29.63 -22.61 -8.27
N ILE H 80 29.69 -23.89 -8.65
CA ILE H 80 28.83 -24.94 -8.09
C ILE H 80 29.67 -26.19 -7.82
N ALA H 81 29.87 -26.56 -6.56
CA ALA H 81 30.63 -27.75 -6.16
C ALA H 81 29.92 -28.98 -6.74
N PRO H 82 30.65 -30.00 -7.21
CA PRO H 82 29.97 -31.20 -7.77
C PRO H 82 28.95 -31.87 -6.83
N GLU H 83 29.25 -31.88 -5.51
CA GLU H 83 28.45 -32.52 -4.46
C GLU H 83 27.06 -31.91 -4.24
N ILE H 84 26.88 -30.67 -4.66
CA ILE H 84 25.65 -29.90 -4.48
C ILE H 84 24.85 -29.73 -5.79
N ALA H 85 25.52 -29.93 -6.93
CA ALA H 85 24.98 -29.77 -8.29
C ALA H 85 23.61 -30.40 -8.55
N LEU H 86 23.40 -31.69 -8.21
CA LEU H 86 22.11 -32.34 -8.47
C LEU H 86 20.96 -31.72 -7.70
N GLU H 87 21.17 -31.49 -6.39
CA GLU H 87 20.14 -30.89 -5.52
C GLU H 87 19.87 -29.44 -5.88
N LEU H 88 20.92 -28.68 -6.26
CA LEU H 88 20.76 -27.30 -6.67
C LEU H 88 19.94 -27.21 -7.96
N LEU H 89 20.15 -28.18 -8.89
CA LEU H 89 19.39 -28.28 -10.15
C LEU H 89 17.89 -28.48 -9.86
N MET H 90 17.58 -29.43 -8.93
CA MET H 90 16.22 -29.75 -8.48
C MET H 90 15.56 -28.51 -7.85
N ALA H 91 16.32 -27.76 -7.03
CA ALA H 91 15.89 -26.52 -6.38
C ALA H 91 15.66 -25.40 -7.43
N ALA H 92 16.66 -25.17 -8.32
CA ALA H 92 16.64 -24.16 -9.39
C ALA H 92 15.41 -24.32 -10.25
N ASN H 93 15.10 -25.56 -10.64
CA ASN H 93 13.96 -25.96 -11.43
C ASN H 93 12.62 -25.45 -10.85
N PHE H 94 12.41 -25.63 -9.55
CA PHE H 94 11.21 -25.19 -8.85
C PHE H 94 11.13 -23.66 -8.70
N LEU H 95 12.25 -23.01 -8.38
CA LEU H 95 12.29 -21.56 -8.18
C LEU H 95 12.29 -20.73 -9.48
N ASP H 96 12.29 -21.39 -10.68
CA ASP H 96 12.39 -20.81 -12.04
C ASP H 96 13.76 -20.17 -12.27
N CYS H 97 14.54 -20.10 -11.17
CA CYS H 97 15.89 -19.58 -10.96
C CYS H 97 16.82 -19.61 -12.19
N VAL I 11 17.92 -15.99 -43.79
CA VAL I 11 17.60 -14.71 -43.17
C VAL I 11 18.80 -14.22 -42.34
N LEU I 12 19.19 -14.99 -41.30
CA LEU I 12 20.34 -14.66 -40.47
C LEU I 12 21.59 -15.15 -41.21
N ARG I 13 22.18 -14.27 -41.99
CA ARG I 13 23.36 -14.57 -42.81
C ARG I 13 24.26 -13.35 -42.98
N SER I 14 25.51 -13.57 -43.41
CA SER I 14 26.46 -12.47 -43.67
C SER I 14 26.17 -11.86 -45.04
N VAL I 15 26.29 -10.54 -45.12
CA VAL I 15 26.12 -9.80 -46.37
C VAL I 15 27.47 -9.85 -47.07
N ASN I 16 27.50 -10.23 -48.38
CA ASN I 16 28.73 -10.29 -49.17
C ASN I 16 29.13 -8.88 -49.64
N SER I 17 29.50 -8.02 -48.70
CA SER I 17 29.88 -6.62 -48.94
C SER I 17 31.22 -6.47 -49.62
N ARG I 18 32.19 -7.38 -49.32
CA ARG I 18 33.57 -7.36 -49.82
C ARG I 18 34.30 -6.08 -49.32
N GLU I 19 33.80 -5.50 -48.20
CA GLU I 19 34.32 -4.30 -47.55
C GLU I 19 35.10 -4.74 -46.32
N PRO I 20 36.44 -4.79 -46.37
CA PRO I 20 37.21 -5.23 -45.18
C PRO I 20 36.89 -4.42 -43.91
N SER I 21 36.91 -5.11 -42.76
CA SER I 21 36.68 -4.52 -41.44
C SER I 21 37.56 -5.29 -40.44
N GLN I 22 38.49 -4.57 -39.81
CA GLN I 22 39.41 -5.11 -38.78
C GLN I 22 38.69 -5.14 -37.45
N VAL I 23 38.80 -6.28 -36.77
CA VAL I 23 38.11 -6.55 -35.52
C VAL I 23 39.11 -7.11 -34.48
N ILE I 24 38.86 -6.84 -33.20
CA ILE I 24 39.59 -7.43 -32.09
C ILE I 24 38.62 -8.34 -31.34
N PHE I 25 38.85 -9.66 -31.40
CA PHE I 25 38.05 -10.59 -30.63
C PHE I 25 38.70 -10.55 -29.24
N CAS I 26 38.00 -10.05 -28.21
CA CAS I 26 38.58 -9.93 -26.87
CB CAS I 26 38.58 -8.43 -26.52
C CAS I 26 37.80 -10.85 -25.94
O CAS I 26 36.61 -10.59 -25.67
SG CAS I 26 39.20 -8.17 -24.84
AS CAS I 26 41.42 -8.46 -25.05
CE1 CAS I 26 41.68 -9.78 -23.59
CE2 CAS I 26 42.44 -6.78 -24.78
N ASN I 27 38.42 -11.96 -25.52
CA ASN I 27 37.78 -12.94 -24.65
C ASN I 27 37.86 -12.50 -23.17
N ARG I 28 36.84 -11.77 -22.68
CA ARG I 28 36.77 -11.33 -21.28
C ARG I 28 35.88 -12.32 -20.49
N SER I 29 36.08 -13.62 -20.72
CA SER I 29 35.32 -14.68 -20.07
C SER I 29 36.32 -15.75 -19.58
N PRO I 30 35.93 -16.67 -18.65
CA PRO I 30 36.86 -17.73 -18.24
C PRO I 30 36.79 -18.96 -19.14
N ARG I 31 36.02 -18.91 -20.25
CA ARG I 31 35.88 -20.04 -21.17
C ARG I 31 36.82 -19.97 -22.37
N VAL I 32 37.05 -21.13 -23.00
CA VAL I 32 37.75 -21.23 -24.28
C VAL I 32 36.64 -20.89 -25.25
N VAL I 33 36.85 -19.85 -26.05
CA VAL I 33 35.83 -19.32 -26.94
C VAL I 33 35.94 -19.82 -28.36
N LEU I 34 34.81 -20.24 -28.92
CA LEU I 34 34.69 -20.64 -30.30
C LEU I 34 33.98 -19.51 -31.07
N PRO I 35 34.71 -18.76 -31.92
CA PRO I 35 34.06 -17.76 -32.79
C PRO I 35 33.38 -18.50 -33.93
N VAL I 36 32.15 -18.11 -34.25
CA VAL I 36 31.38 -18.78 -35.30
C VAL I 36 30.89 -17.73 -36.31
N TRP I 37 31.28 -17.88 -37.58
CA TRP I 37 30.86 -16.98 -38.64
C TRP I 37 29.67 -17.55 -39.35
N LEU I 38 28.63 -16.74 -39.62
CA LEU I 38 27.49 -17.21 -40.38
C LEU I 38 27.80 -16.90 -41.81
N ASN I 39 28.01 -17.93 -42.62
CA ASN I 39 28.37 -17.72 -44.01
C ASN I 39 27.21 -17.13 -44.85
N PHE I 40 27.43 -16.90 -46.15
CA PHE I 40 26.48 -16.30 -47.11
C PHE I 40 25.12 -17.03 -47.26
N ASP I 41 25.08 -18.33 -46.88
CA ASP I 41 23.90 -19.19 -46.87
C ASP I 41 23.31 -19.36 -45.45
N GLY I 42 23.91 -18.70 -44.47
CA GLY I 42 23.45 -18.80 -43.09
C GLY I 42 24.02 -19.98 -42.32
N GLU I 43 24.93 -20.76 -42.95
CA GLU I 43 25.57 -21.92 -42.31
C GLU I 43 26.65 -21.50 -41.31
N PRO I 44 26.59 -22.00 -40.04
CA PRO I 44 27.63 -21.65 -39.08
C PRO I 44 29.00 -22.22 -39.48
N GLN I 45 30.03 -21.38 -39.46
CA GLN I 45 31.40 -21.77 -39.78
C GLN I 45 32.28 -21.52 -38.55
N PRO I 46 32.85 -22.57 -37.92
CA PRO I 46 33.75 -22.34 -36.77
C PRO I 46 35.11 -21.77 -37.18
N TYR I 47 35.67 -20.89 -36.33
CA TYR I 47 36.98 -20.27 -36.53
C TYR I 47 37.92 -20.67 -35.38
N PRO I 48 39.27 -20.48 -35.47
CA PRO I 48 40.15 -20.90 -34.35
C PRO I 48 39.72 -20.40 -32.99
N THR I 49 39.84 -21.24 -31.98
CA THR I 49 39.42 -20.92 -30.61
C THR I 49 40.33 -19.92 -29.92
N LEU I 50 39.77 -19.18 -28.95
CA LEU I 50 40.47 -18.19 -28.15
C LEU I 50 40.54 -18.67 -26.70
N PRO I 51 41.77 -18.85 -26.12
CA PRO I 51 41.87 -19.20 -24.70
C PRO I 51 41.29 -18.09 -23.81
N PRO I 52 40.89 -18.41 -22.55
CA PRO I 52 40.40 -17.35 -21.63
C PRO I 52 41.37 -16.15 -21.49
N GLY I 53 40.80 -14.93 -21.44
CA GLY I 53 41.56 -13.70 -21.21
C GLY I 53 42.47 -13.24 -22.32
N THR I 54 42.28 -13.77 -23.53
CA THR I 54 43.09 -13.44 -24.70
C THR I 54 42.34 -12.60 -25.75
N GLY I 55 43.11 -11.84 -26.52
CA GLY I 55 42.62 -11.00 -27.58
C GLY I 55 43.30 -11.35 -28.90
N ARG I 56 42.58 -11.18 -30.01
CA ARG I 56 43.13 -11.45 -31.33
C ARG I 56 42.63 -10.45 -32.33
N ARG I 57 43.53 -9.87 -33.15
CA ARG I 57 43.12 -8.97 -34.24
C ARG I 57 42.83 -9.83 -35.46
N ILE I 58 41.60 -9.75 -35.99
CA ILE I 58 41.12 -10.54 -37.10
C ILE I 58 40.61 -9.70 -38.27
N HIS I 59 40.74 -10.24 -39.49
CA HIS I 59 40.26 -9.60 -40.70
C HIS I 59 38.87 -10.13 -41.05
N SER I 60 37.87 -9.25 -41.01
CA SER I 60 36.50 -9.60 -41.35
C SER I 60 35.96 -8.60 -42.35
N TYR I 61 34.65 -8.51 -42.50
CA TYR I 61 34.04 -7.62 -43.49
C TYR I 61 32.82 -6.98 -42.91
N ARG I 62 32.46 -5.80 -43.44
CA ARG I 62 31.26 -5.08 -43.02
C ARG I 62 30.00 -5.90 -43.36
N GLY I 63 29.08 -6.02 -42.40
CA GLY I 63 27.85 -6.77 -42.62
C GLY I 63 27.93 -8.25 -42.38
N HIS I 64 29.12 -8.76 -41.99
CA HIS I 64 29.32 -10.18 -41.67
C HIS I 64 28.78 -10.50 -40.27
N LEU I 65 28.27 -11.71 -40.05
CA LEU I 65 27.65 -12.07 -38.78
C LEU I 65 28.45 -13.07 -37.98
N TRP I 66 28.68 -12.75 -36.71
CA TRP I 66 29.41 -13.61 -35.80
C TRP I 66 28.64 -13.87 -34.51
N LEU I 67 28.87 -15.04 -33.95
CA LEU I 67 28.38 -15.42 -32.63
C LEU I 67 29.51 -16.17 -31.94
N PHE I 68 29.45 -16.28 -30.61
CA PHE I 68 30.55 -16.84 -29.83
C PHE I 68 30.01 -17.82 -28.82
N ARG I 69 30.65 -19.00 -28.76
CA ARG I 69 30.21 -20.11 -27.92
C ARG I 69 31.37 -20.63 -27.10
N ASP I 70 31.07 -21.39 -26.04
CA ASP I 70 32.07 -22.11 -25.28
C ASP I 70 32.52 -23.21 -26.26
N ALA I 71 33.84 -23.33 -26.49
CA ALA I 71 34.40 -24.30 -27.44
C ALA I 71 34.11 -25.77 -27.11
N GLY I 72 34.07 -26.10 -25.82
CA GLY I 72 33.85 -27.48 -25.37
C GLY I 72 32.42 -27.93 -25.23
N THR I 73 31.54 -27.04 -24.75
CA THR I 73 30.15 -27.36 -24.42
C THR I 73 29.09 -26.71 -25.29
N HIS I 74 29.47 -25.66 -26.06
CA HIS I 74 28.58 -24.86 -26.91
C HIS I 74 27.66 -23.93 -26.13
N ASP I 75 27.95 -23.68 -24.85
CA ASP I 75 27.18 -22.73 -24.05
C ASP I 75 27.29 -21.36 -24.76
N GLY I 76 26.19 -20.64 -24.82
CA GLY I 76 26.11 -19.35 -25.49
C GLY I 76 26.84 -18.26 -24.72
N LEU I 77 27.51 -17.37 -25.45
CA LEU I 77 28.22 -16.25 -24.82
C LEU I 77 27.70 -14.95 -25.39
N LEU I 78 28.00 -13.84 -24.71
CA LEU I 78 27.58 -12.54 -25.18
C LEU I 78 28.74 -11.86 -25.86
N VAL I 79 28.43 -11.04 -26.88
CA VAL I 79 29.42 -10.20 -27.56
C VAL I 79 28.87 -8.77 -27.54
N ASN I 80 29.58 -7.84 -26.86
CA ASN I 80 29.14 -6.46 -26.68
C ASN I 80 27.73 -6.39 -26.09
N GLN I 81 27.45 -7.26 -25.11
CA GLN I 81 26.19 -7.43 -24.36
C GLN I 81 25.00 -8.00 -25.15
N THR I 82 25.24 -8.52 -26.36
CA THR I 82 24.20 -9.11 -27.21
C THR I 82 24.65 -10.46 -27.77
N GLU I 83 23.76 -11.13 -28.50
CA GLU I 83 24.04 -12.45 -29.06
C GLU I 83 24.89 -12.42 -30.31
N LEU I 84 24.63 -11.44 -31.19
CA LEU I 84 25.31 -11.35 -32.48
C LEU I 84 26.21 -10.13 -32.64
N PHE I 85 27.33 -10.32 -33.37
CA PHE I 85 28.29 -9.26 -33.65
C PHE I 85 28.36 -9.05 -35.14
N VAL I 86 28.18 -7.79 -35.57
CA VAL I 86 28.24 -7.38 -36.97
C VAL I 86 29.37 -6.34 -37.13
N PRO I 87 30.52 -6.67 -37.77
CA PRO I 87 31.59 -5.67 -37.94
C PRO I 87 31.09 -4.48 -38.75
N SER I 88 31.42 -3.29 -38.30
CA SER I 88 31.02 -2.04 -38.94
C SER I 88 32.24 -1.40 -39.65
N LEU I 89 32.11 -0.17 -40.13
CA LEU I 89 33.20 0.55 -40.78
C LEU I 89 34.24 1.00 -39.76
N ASN I 90 35.54 0.83 -40.07
CA ASN I 90 36.63 1.31 -39.20
C ASN I 90 36.84 2.79 -39.47
N VAL I 91 36.69 3.62 -38.43
CA VAL I 91 36.89 5.07 -38.53
C VAL I 91 38.32 5.36 -38.08
N ASP I 92 39.06 6.10 -38.92
CA ASP I 92 40.49 6.39 -38.80
C ASP I 92 41.16 5.02 -38.99
N GLY I 93 42.06 4.62 -38.10
CA GLY I 93 42.66 3.29 -38.21
C GLY I 93 42.19 2.32 -37.13
N GLN I 94 41.04 2.61 -36.50
CA GLN I 94 40.52 1.86 -35.37
C GLN I 94 39.83 0.55 -35.67
N PRO I 95 40.34 -0.56 -35.10
CA PRO I 95 39.62 -1.84 -35.23
C PRO I 95 38.37 -1.83 -34.36
N ILE I 96 37.38 -2.66 -34.70
CA ILE I 96 36.15 -2.77 -33.94
C ILE I 96 36.37 -3.81 -32.84
N PHE I 97 36.01 -3.47 -31.62
CA PHE I 97 36.16 -4.38 -30.50
C PHE I 97 34.92 -5.23 -30.33
N ALA I 98 35.09 -6.57 -30.36
CA ALA I 98 34.08 -7.59 -30.07
C ALA I 98 34.45 -8.09 -28.66
N ASN I 99 33.79 -7.56 -27.63
CA ASN I 99 34.00 -7.92 -26.22
C ASN I 99 33.16 -9.13 -25.87
N ILE I 100 33.81 -10.29 -25.74
CA ILE I 100 33.16 -11.56 -25.48
C ILE I 100 33.08 -11.79 -23.96
N THR I 101 31.87 -12.00 -23.41
CA THR I 101 31.71 -12.19 -21.96
C THR I 101 30.73 -13.30 -21.64
N LEU I 102 30.71 -13.73 -20.38
CA LEU I 102 29.72 -14.69 -19.95
C LEU I 102 28.41 -13.95 -19.81
N PRO I 103 27.29 -14.56 -20.17
CA PRO I 103 26.00 -13.95 -19.78
C PRO I 103 25.77 -14.26 -18.29
N VAL I 104 24.71 -13.70 -17.70
CA VAL I 104 24.27 -14.10 -16.36
C VAL I 104 23.33 -15.27 -16.69
N TYR I 105 23.82 -16.52 -16.63
CA TYR I 105 22.97 -17.67 -16.91
C TYR I 105 21.93 -17.81 -15.82
N THR I 106 20.78 -18.45 -16.13
CA THR I 106 19.81 -18.72 -15.06
C THR I 106 20.51 -19.76 -14.15
N LEU I 107 20.05 -19.89 -12.91
CA LEU I 107 20.61 -20.88 -11.99
C LEU I 107 20.42 -22.26 -12.56
N LYS I 108 19.22 -22.56 -13.12
CA LYS I 108 18.93 -23.85 -13.76
C LYS I 108 19.91 -24.16 -14.90
N GLU I 109 20.11 -23.22 -15.82
CA GLU I 109 21.06 -23.44 -16.93
C GLU I 109 22.48 -23.68 -16.41
N ARG I 110 22.91 -22.92 -15.40
CA ARG I 110 24.22 -23.09 -14.78
C ARG I 110 24.36 -24.48 -14.14
N CYS I 111 23.32 -24.99 -13.45
CA CYS I 111 23.30 -26.32 -12.85
C CYS I 111 23.36 -27.40 -13.92
N LEU I 112 22.62 -27.22 -15.03
CA LEU I 112 22.61 -28.16 -16.15
C LEU I 112 24.02 -28.26 -16.73
N GLN I 113 24.71 -27.12 -16.91
CA GLN I 113 26.10 -27.05 -17.39
C GLN I 113 27.04 -27.87 -16.49
N VAL I 114 26.91 -27.71 -15.16
CA VAL I 114 27.76 -28.39 -14.18
C VAL I 114 27.52 -29.91 -14.18
N VAL I 115 26.23 -30.34 -14.16
CA VAL I 115 25.85 -31.76 -14.22
C VAL I 115 26.34 -32.40 -15.55
N ARG I 116 26.16 -31.72 -16.71
CA ARG I 116 26.65 -32.21 -18.01
C ARG I 116 28.19 -32.40 -17.98
N SER I 117 28.93 -31.49 -17.30
CA SER I 117 30.39 -31.55 -17.21
C SER I 117 30.89 -32.73 -16.36
N LEU I 118 30.03 -33.30 -15.50
CA LEU I 118 30.38 -34.38 -14.57
C LEU I 118 29.85 -35.75 -14.94
N VAL I 119 28.75 -35.78 -15.69
CA VAL I 119 28.11 -37.03 -16.07
C VAL I 119 28.10 -37.29 -17.57
N LYS I 120 28.60 -38.48 -17.97
CA LYS I 120 28.65 -38.95 -19.35
C LYS I 120 27.21 -39.04 -19.86
N PRO I 121 26.92 -38.55 -21.09
CA PRO I 121 25.52 -38.60 -21.59
C PRO I 121 24.78 -39.95 -21.50
N GLU I 122 25.53 -41.07 -21.57
CA GLU I 122 25.00 -42.44 -21.48
C GLU I 122 24.45 -42.69 -20.08
N ASN I 123 24.99 -41.96 -19.08
CA ASN I 123 24.63 -42.11 -17.68
C ASN I 123 23.60 -41.11 -17.13
N TYR I 124 23.05 -40.18 -17.99
CA TYR I 124 22.04 -39.20 -17.56
C TYR I 124 20.82 -39.90 -16.96
N ARG I 125 20.43 -41.05 -17.55
CA ARG I 125 19.30 -41.87 -17.10
C ARG I 125 19.48 -42.52 -15.73
N ARG I 126 20.73 -42.73 -15.29
CA ARG I 126 21.05 -43.36 -14.00
C ARG I 126 20.94 -42.40 -12.81
N LEU I 127 20.77 -41.08 -13.09
CA LEU I 127 20.63 -40.02 -12.08
C LEU I 127 19.24 -40.06 -11.44
N ASP I 128 19.15 -39.91 -10.10
CA ASP I 128 17.85 -39.92 -9.42
C ASP I 128 17.20 -38.53 -9.42
N ILE I 129 16.60 -38.18 -10.58
CA ILE I 129 15.93 -36.90 -10.88
C ILE I 129 14.65 -37.19 -11.68
N VAL I 130 13.78 -36.18 -11.86
CA VAL I 130 12.52 -36.33 -12.63
C VAL I 130 12.81 -36.53 -14.11
N ARG I 131 11.82 -37.07 -14.85
CA ARG I 131 11.87 -37.32 -16.29
C ARG I 131 12.16 -36.03 -17.10
N SER I 132 11.52 -34.91 -16.71
CA SER I 132 11.65 -33.59 -17.34
C SER I 132 13.11 -33.06 -17.27
N LEU I 133 13.84 -33.35 -16.16
CA LEU I 133 15.23 -32.94 -15.98
C LEU I 133 16.21 -33.72 -16.85
N TYR I 134 15.91 -35.02 -17.13
CA TYR I 134 16.71 -35.88 -18.03
C TYR I 134 16.67 -35.22 -19.40
N GLU I 135 15.46 -34.82 -19.84
CA GLU I 135 15.21 -34.17 -21.13
C GLU I 135 15.96 -32.85 -21.20
N ASP I 136 15.99 -32.08 -20.08
CA ASP I 136 16.73 -30.81 -20.01
C ASP I 136 18.23 -31.03 -20.15
N LEU I 137 18.76 -32.12 -19.54
CA LEU I 137 20.18 -32.49 -19.61
C LEU I 137 20.61 -32.89 -21.02
N GLU I 138 19.76 -33.67 -21.70
CA GLU I 138 19.98 -34.14 -23.07
C GLU I 138 19.87 -33.03 -24.09
N ASP I 139 19.14 -31.94 -23.75
CA ASP I 139 18.92 -30.80 -24.64
C ASP I 139 20.13 -29.83 -24.56
N HIS I 140 21.30 -30.32 -25.01
CA HIS I 140 22.58 -29.61 -25.03
C HIS I 140 22.52 -28.30 -25.81
N PRO I 141 23.27 -27.25 -25.39
CA PRO I 141 23.28 -26.00 -26.17
C PRO I 141 23.74 -26.30 -27.60
N ASN I 142 23.09 -25.66 -28.57
CA ASN I 142 23.27 -25.95 -30.00
C ASN I 142 23.15 -24.66 -30.80
N VAL I 143 24.17 -24.32 -31.63
CA VAL I 143 24.12 -23.12 -32.49
C VAL I 143 22.89 -23.10 -33.43
N GLN I 144 22.65 -24.20 -34.17
CA GLN I 144 21.54 -24.32 -35.11
C GLN I 144 20.19 -24.07 -34.42
N LYS I 145 19.96 -24.64 -33.22
CA LYS I 145 18.73 -24.42 -32.46
C LYS I 145 18.60 -22.94 -32.02
N ASP I 146 19.73 -22.30 -31.62
CA ASP I 146 19.77 -20.87 -31.25
C ASP I 146 19.46 -19.97 -32.44
N LEU I 147 20.00 -20.30 -33.64
CA LEU I 147 19.72 -19.54 -34.87
C LEU I 147 18.23 -19.62 -35.24
N GLU I 148 17.59 -20.78 -34.99
CA GLU I 148 16.16 -20.99 -35.24
C GLU I 148 15.36 -20.13 -34.25
N ARG I 149 15.78 -20.13 -32.97
CA ARG I 149 15.16 -19.32 -31.92
C ARG I 149 15.29 -17.83 -32.23
N LEU I 150 16.48 -17.37 -32.64
CA LEU I 150 16.69 -15.97 -33.00
C LEU I 150 15.86 -15.55 -34.20
N THR I 151 15.86 -16.39 -35.28
CA THR I 151 15.07 -16.17 -36.51
C THR I 151 13.56 -15.98 -36.17
N GLN I 152 13.02 -16.86 -35.30
CA GLN I 152 11.62 -16.83 -34.88
C GLN I 152 11.24 -15.66 -33.95
N GLU I 153 12.22 -15.06 -33.26
CA GLU I 153 12.01 -13.88 -32.40
C GLU I 153 11.89 -12.64 -33.29
N ARG I 154 12.77 -12.50 -34.30
CA ARG I 154 12.79 -11.42 -35.28
C ARG I 154 11.70 -11.64 -36.34
N MET J 1 19.61 45.82 -6.06
CA MET J 1 19.45 44.44 -6.47
C MET J 1 18.45 43.72 -5.57
N ASP J 2 17.52 42.95 -6.16
CA ASP J 2 16.54 42.17 -5.43
C ASP J 2 17.15 40.87 -4.99
N VAL J 3 16.89 40.50 -3.75
CA VAL J 3 17.28 39.25 -3.10
C VAL J 3 15.98 38.53 -2.74
N PHE J 4 16.00 37.20 -2.87
CA PHE J 4 14.82 36.36 -2.71
C PHE J 4 15.00 35.44 -1.58
N LEU J 5 14.03 35.47 -0.66
CA LEU J 5 14.11 34.76 0.61
C LEU J 5 12.96 33.86 0.96
N MET J 6 13.23 32.95 1.91
CA MET J 6 12.28 32.09 2.59
C MET J 6 12.48 32.38 4.05
N ILE J 7 11.48 32.98 4.70
CA ILE J 7 11.53 33.28 6.13
C ILE J 7 10.81 32.12 6.82
N ARG J 8 11.56 31.35 7.59
CA ARG J 8 11.04 30.12 8.15
C ARG J 8 11.03 30.02 9.66
N ARG J 9 9.91 29.48 10.18
CA ARG J 9 9.70 29.22 11.60
C ARG J 9 8.76 28.05 11.71
N HIS J 10 9.17 27.00 12.45
CA HIS J 10 8.36 25.79 12.67
C HIS J 10 7.87 25.24 11.33
N LYS J 11 6.53 25.25 11.09
CA LYS J 11 5.92 24.77 9.83
C LYS J 11 5.46 25.93 8.91
N THR J 12 5.91 27.15 9.19
CA THR J 12 5.58 28.33 8.40
C THR J 12 6.81 28.76 7.54
N THR J 13 6.55 29.11 6.27
CA THR J 13 7.54 29.60 5.31
C THR J 13 6.93 30.81 4.57
N ILE J 14 7.58 31.97 4.68
CA ILE J 14 7.17 33.18 3.96
C ILE J 14 8.13 33.36 2.77
N PHE J 15 7.58 33.44 1.54
CA PHE J 15 8.34 33.72 0.33
C PHE J 15 8.21 35.21 0.12
N THR J 16 9.33 35.91 0.13
CA THR J 16 9.37 37.34 -0.10
C THR J 16 10.69 37.73 -0.74
N ASP J 17 10.74 38.95 -1.25
CA ASP J 17 11.93 39.52 -1.81
C ASP J 17 12.15 40.86 -1.13
N ALA J 18 13.39 41.35 -1.17
CA ALA J 18 13.77 42.64 -0.62
C ALA J 18 15.02 43.11 -1.35
N LYS J 19 15.44 44.33 -1.11
CA LYS J 19 16.65 44.87 -1.74
C LYS J 19 17.84 44.43 -0.92
N GLU J 20 18.98 44.24 -1.58
CA GLU J 20 20.24 43.88 -0.92
C GLU J 20 20.63 45.00 0.10
N SER J 21 20.32 46.27 -0.24
CA SER J 21 20.60 47.45 0.59
C SER J 21 19.58 47.65 1.72
N SER J 22 18.47 46.88 1.72
CA SER J 22 17.47 47.00 2.80
C SER J 22 17.97 46.30 4.08
N THR J 23 17.41 46.64 5.23
CA THR J 23 17.87 46.13 6.50
C THR J 23 17.11 44.93 7.05
N VAL J 24 17.67 44.30 8.08
CA VAL J 24 17.09 43.20 8.84
C VAL J 24 15.81 43.70 9.53
N PHE J 25 15.87 44.95 10.06
CA PHE J 25 14.68 45.55 10.65
C PHE J 25 13.51 45.64 9.64
N GLU J 26 13.79 46.09 8.39
CA GLU J 26 12.78 46.20 7.33
C GLU J 26 12.13 44.85 7.02
N LEU J 27 12.92 43.77 7.10
CA LEU J 27 12.46 42.38 6.90
C LEU J 27 11.51 41.99 8.07
N LYS J 28 11.81 42.41 9.31
CA LYS J 28 10.96 42.22 10.49
C LYS J 28 9.61 42.91 10.33
N ARG J 29 9.61 44.09 9.66
CA ARG J 29 8.38 44.84 9.37
C ARG J 29 7.51 44.08 8.35
N ILE J 30 8.14 43.30 7.43
CA ILE J 30 7.42 42.44 6.48
C ILE J 30 6.74 41.31 7.27
N VAL J 31 7.47 40.66 8.17
CA VAL J 31 6.98 39.56 9.00
C VAL J 31 5.81 40.03 9.87
N GLU J 32 5.90 41.27 10.40
CA GLU J 32 4.87 41.87 11.23
C GLU J 32 3.54 42.02 10.49
N GLY J 33 3.62 42.46 9.23
CA GLY J 33 2.43 42.64 8.39
C GLY J 33 1.73 41.32 8.12
N ILE J 34 2.49 40.22 8.09
CA ILE J 34 1.98 38.87 7.80
C ILE J 34 1.57 38.12 9.06
N LEU J 35 2.51 37.93 10.01
CA LEU J 35 2.32 37.12 11.21
C LEU J 35 1.83 37.88 12.45
N LYS J 36 1.66 39.21 12.32
CA LYS J 36 1.12 40.10 13.36
C LYS J 36 1.90 40.11 14.67
N ARG J 37 3.23 40.12 14.56
CA ARG J 37 4.11 40.17 15.73
C ARG J 37 5.11 41.28 15.50
N PRO J 38 5.18 42.27 16.43
CA PRO J 38 6.08 43.42 16.20
C PRO J 38 7.56 43.06 16.08
N PRO J 39 8.38 43.90 15.41
CA PRO J 39 9.81 43.60 15.28
C PRO J 39 10.57 43.27 16.58
N ASP J 40 10.18 43.88 17.72
CA ASP J 40 10.83 43.62 19.02
C ASP J 40 10.52 42.23 19.59
N GLU J 41 9.49 41.56 19.04
CA GLU J 41 9.10 40.22 19.45
C GLU J 41 9.65 39.15 18.50
N GLN J 42 10.58 39.55 17.60
CA GLN J 42 11.18 38.70 16.58
C GLN J 42 12.70 38.67 16.65
N ARG J 43 13.26 37.50 16.29
CA ARG J 43 14.68 37.29 16.12
C ARG J 43 14.84 36.65 14.73
N LEU J 44 15.72 37.23 13.90
CA LEU J 44 16.03 36.71 12.58
C LEU J 44 17.41 36.14 12.57
N TYR J 45 17.56 34.97 11.94
CA TYR J 45 18.82 34.21 11.92
C TYR J 45 19.28 33.88 10.51
N LYS J 46 20.61 33.81 10.29
CA LYS J 46 21.21 33.27 9.08
C LYS J 46 21.93 32.07 9.63
N ASP J 47 21.38 30.87 9.33
CA ASP J 47 21.83 29.60 9.92
C ASP J 47 21.62 29.72 11.44
N ASP J 48 22.66 29.52 12.27
CA ASP J 48 22.51 29.64 13.72
C ASP J 48 22.84 31.06 14.24
N GLN J 49 23.25 31.97 13.33
CA GLN J 49 23.65 33.31 13.68
C GLN J 49 22.51 34.31 13.76
N LEU J 50 22.37 34.94 14.91
CA LEU J 50 21.41 36.02 15.14
C LEU J 50 21.83 37.27 14.34
N LEU J 51 20.89 37.81 13.57
CA LEU J 51 21.13 38.99 12.73
C LEU J 51 20.78 40.29 13.44
N ASP J 52 21.64 41.31 13.27
CA ASP J 52 21.45 42.66 13.83
C ASP J 52 20.55 43.51 12.91
N ASP J 53 19.59 44.23 13.51
CA ASP J 53 18.59 45.10 12.84
C ASP J 53 19.12 46.14 11.86
N GLY J 54 20.21 46.84 12.20
CA GLY J 54 20.80 47.89 11.39
C GLY J 54 21.58 47.40 10.19
N LYS J 55 21.92 46.09 10.18
CA LYS J 55 22.67 45.49 9.08
C LYS J 55 21.82 45.34 7.82
N THR J 56 22.44 45.57 6.66
CA THR J 56 21.76 45.36 5.40
C THR J 56 21.78 43.86 5.10
N LEU J 57 20.90 43.43 4.20
CA LEU J 57 20.79 42.03 3.78
C LEU J 57 22.08 41.56 3.12
N GLY J 58 22.69 42.44 2.30
CA GLY J 58 23.97 42.19 1.64
C GLY J 58 25.09 41.87 2.61
N GLU J 59 25.19 42.64 3.72
CA GLU J 59 26.19 42.45 4.79
C GLU J 59 25.95 41.13 5.53
N CYS J 60 24.68 40.68 5.57
CA CYS J 60 24.28 39.44 6.21
C CYS J 60 24.49 38.23 5.29
N GLY J 61 24.97 38.46 4.07
CA GLY J 61 25.27 37.42 3.12
C GLY J 61 24.18 37.10 2.13
N PHE J 62 23.11 37.89 2.08
CA PHE J 62 22.04 37.68 1.11
C PHE J 62 22.30 38.56 -0.10
N THR J 63 22.72 37.92 -1.20
CA THR J 63 23.10 38.55 -2.45
C THR J 63 22.32 37.96 -3.61
N SER J 64 22.49 38.54 -4.79
CA SER J 64 21.89 38.06 -6.03
C SER J 64 22.48 36.70 -6.42
N GLN J 65 23.67 36.37 -5.90
CA GLN J 65 24.26 35.10 -6.26
C GLN J 65 23.75 34.00 -5.40
N THR J 66 23.27 34.34 -4.22
CA THR J 66 22.94 33.38 -3.19
C THR J 66 21.46 33.36 -2.78
N ALA J 67 20.68 34.35 -3.20
CA ALA J 67 19.28 34.48 -2.82
C ALA J 67 18.51 34.77 -4.10
N ARG J 68 18.33 33.71 -4.88
CA ARG J 68 17.72 33.80 -6.20
C ARG J 68 16.27 33.39 -6.31
N PRO J 69 15.50 33.90 -7.30
CA PRO J 69 14.06 33.53 -7.37
C PRO J 69 13.79 32.03 -7.32
N GLN J 70 14.57 31.25 -8.08
CA GLN J 70 14.41 29.81 -8.21
C GLN J 70 15.11 29.01 -7.14
N ALA J 71 15.88 29.68 -6.25
CA ALA J 71 16.67 29.05 -5.16
C ALA J 71 16.83 30.08 -4.05
N PRO J 72 15.72 30.43 -3.35
CA PRO J 72 15.81 31.51 -2.34
C PRO J 72 16.63 31.16 -1.10
N ALA J 73 17.18 32.18 -0.43
CA ALA J 73 17.98 31.99 0.78
C ALA J 73 17.07 31.90 1.99
N THR J 74 17.44 31.09 3.00
CA THR J 74 16.64 30.89 4.20
C THR J 74 17.02 31.83 5.30
N VAL J 75 16.01 32.46 5.88
CA VAL J 75 16.14 33.32 7.06
C VAL J 75 15.33 32.59 8.15
N GLY J 76 15.98 32.29 9.27
CA GLY J 76 15.33 31.65 10.41
C GLY J 76 14.59 32.69 11.24
N LEU J 77 13.43 32.32 11.80
CA LEU J 77 12.61 33.22 12.62
C LEU J 77 12.22 32.58 13.95
N ALA J 78 12.36 33.35 15.04
CA ALA J 78 11.96 32.94 16.39
C ALA J 78 11.17 34.06 17.00
N PHE J 79 10.07 33.71 17.65
CA PHE J 79 9.26 34.70 18.37
C PHE J 79 9.51 34.66 19.87
N ARG J 80 9.16 35.77 20.52
CA ARG J 80 9.18 35.91 21.94
C ARG J 80 7.92 35.17 22.45
N ALA J 81 8.05 34.34 23.50
CA ALA J 81 6.95 33.58 24.08
C ALA J 81 6.86 33.89 25.57
N ASP J 82 6.10 34.95 25.91
CA ASP J 82 5.91 35.51 27.25
C ASP J 82 7.17 35.66 28.14
N ASP J 83 7.99 36.68 27.82
CA ASP J 83 9.24 37.09 28.48
C ASP J 83 10.50 36.54 27.83
N THR J 84 10.53 35.24 27.46
CA THR J 84 11.71 34.66 26.81
C THR J 84 11.44 34.31 25.37
N PHE J 85 12.49 34.37 24.56
CA PHE J 85 12.42 33.98 23.14
C PHE J 85 12.52 32.48 23.08
N GLU J 86 11.70 31.87 22.25
CA GLU J 86 11.73 30.42 22.00
C GLU J 86 13.04 30.16 21.19
N ALA J 87 13.56 28.93 21.24
CA ALA J 87 14.75 28.54 20.49
C ALA J 87 14.38 28.49 18.98
N LEU J 88 15.37 28.71 18.09
CA LEU J 88 15.13 28.64 16.66
C LEU J 88 14.83 27.19 16.28
N CAS J 89 13.65 26.98 15.65
CA CAS J 89 13.19 25.66 15.23
CB CAS J 89 12.30 24.95 16.27
C CAS J 89 12.53 25.79 13.86
O CAS J 89 11.60 26.58 13.67
SG CAS J 89 11.48 23.47 15.58
AS CAS J 89 13.11 21.93 15.61
CE1 CAS J 89 12.33 20.12 15.32
CE2 CAS J 89 14.35 22.11 17.16
N ILE J 90 13.04 25.02 12.90
CA ILE J 90 12.53 25.00 11.54
C ILE J 90 12.22 23.54 11.23
N GLU J 91 10.94 23.24 10.94
CA GLU J 91 10.54 21.90 10.58
C GLU J 91 11.05 21.62 9.16
N PRO J 92 11.77 20.52 8.93
CA PRO J 92 12.20 20.22 7.56
C PRO J 92 10.99 19.91 6.67
N PHE J 93 11.15 20.10 5.36
CA PHE J 93 10.09 19.68 4.45
C PHE J 93 10.12 18.16 4.38
N SER J 94 9.06 17.54 3.83
CA SER J 94 8.96 16.09 3.71
C SER J 94 10.10 15.53 2.82
N SER J 95 10.41 14.25 2.97
CA SER J 95 11.45 13.59 2.16
C SER J 95 10.86 13.02 0.87
N PRO J 96 11.54 13.23 -0.28
CA PRO J 96 11.06 12.61 -1.54
C PRO J 96 11.18 11.09 -1.45
N PRO J 97 10.37 10.30 -2.20
CA PRO J 97 10.56 8.83 -2.17
C PRO J 97 11.88 8.45 -2.88
N GLU J 98 12.30 7.17 -2.81
CA GLU J 98 13.55 6.80 -3.49
C GLU J 98 13.36 6.95 -5.01
N LEU J 99 14.43 7.33 -5.75
CA LEU J 99 14.33 7.44 -7.21
C LEU J 99 13.88 6.09 -7.78
N PRO J 100 12.85 6.05 -8.65
CA PRO J 100 12.44 4.77 -9.26
C PRO J 100 13.59 4.17 -10.09
N ASP J 101 13.61 2.82 -10.24
CA ASP J 101 14.61 2.07 -11.01
C ASP J 101 14.83 2.69 -12.40
N VAL J 102 13.71 3.07 -13.03
CA VAL J 102 13.58 3.69 -14.34
C VAL J 102 14.20 5.14 -14.48
N MET J 103 14.67 5.73 -13.36
CA MET J 103 15.26 7.09 -13.33
C MET J 103 16.75 7.15 -12.97
N MET K 1 0.86 45.10 1.42
CA MET K 1 1.10 44.06 0.43
C MET K 1 0.25 42.81 0.75
N MET K 2 -0.55 42.35 -0.24
CA MET K 2 -1.40 41.18 -0.07
C MET K 2 -0.72 39.81 -0.27
N TYR K 3 -0.95 38.93 0.71
CA TYR K 3 -0.38 37.59 0.79
C TYR K 3 -1.49 36.52 0.88
N VAL K 4 -1.20 35.29 0.42
CA VAL K 4 -2.11 34.15 0.51
C VAL K 4 -1.37 32.96 1.15
N LYS K 5 -2.10 32.04 1.78
CA LYS K 5 -1.51 30.87 2.43
C LYS K 5 -1.81 29.58 1.64
N LEU K 6 -0.77 28.83 1.29
CA LEU K 6 -0.89 27.54 0.58
C LEU K 6 -0.40 26.46 1.55
N ILE K 7 -1.28 25.52 1.90
CA ILE K 7 -0.98 24.48 2.90
C ILE K 7 -0.76 23.13 2.25
N SER K 8 0.40 22.48 2.53
CA SER K 8 0.76 21.18 1.96
C SER K 8 0.04 20.02 2.66
N SER K 9 0.12 18.80 2.10
CA SER K 9 -0.53 17.58 2.66
C SER K 9 -0.01 17.28 4.08
N ASP K 10 1.30 17.57 4.33
CA ASP K 10 1.94 17.37 5.63
C ASP K 10 1.79 18.59 6.57
N GLY K 11 0.96 19.57 6.22
CA GLY K 11 0.68 20.71 7.09
C GLY K 11 1.59 21.90 7.07
N HIS K 12 2.60 21.95 6.17
CA HIS K 12 3.47 23.11 6.07
C HIS K 12 2.69 24.25 5.42
N GLU K 13 2.83 25.44 5.97
CA GLU K 13 2.14 26.64 5.51
C GLU K 13 3.08 27.54 4.74
N PHE K 14 2.76 27.80 3.47
CA PHE K 14 3.54 28.62 2.56
C PHE K 14 2.81 29.95 2.35
N ILE K 15 3.45 31.05 2.73
CA ILE K 15 2.89 32.39 2.58
C ILE K 15 3.61 33.06 1.41
N VAL K 16 2.82 33.39 0.40
CA VAL K 16 3.30 33.94 -0.86
C VAL K 16 2.50 35.17 -1.24
N LYS K 17 3.13 36.11 -1.97
CA LYS K 17 2.42 37.29 -2.49
C LYS K 17 1.22 36.83 -3.34
N ARG K 18 0.06 37.46 -3.13
CA ARG K 18 -1.17 37.18 -3.87
C ARG K 18 -0.91 37.25 -5.39
N GLU K 19 -0.20 38.32 -5.84
CA GLU K 19 0.19 38.54 -7.24
C GLU K 19 0.93 37.31 -7.82
N HIS K 20 1.88 36.73 -7.05
CA HIS K 20 2.65 35.54 -7.42
C HIS K 20 1.78 34.26 -7.49
N ALA K 21 0.91 34.03 -6.51
CA ALA K 21 0.01 32.87 -6.50
C ALA K 21 -0.96 32.98 -7.65
N LEU K 22 -1.40 34.23 -7.99
CA LEU K 22 -2.34 34.50 -9.11
C LEU K 22 -1.78 34.11 -10.52
N THR K 23 -0.55 33.61 -10.54
CA THR K 23 0.12 33.11 -11.72
C THR K 23 -0.49 31.73 -12.12
N SER K 24 -0.97 30.97 -11.14
CA SER K 24 -1.60 29.69 -11.39
C SER K 24 -3.10 29.96 -11.60
N GLY K 25 -3.62 29.51 -12.74
CA GLY K 25 -5.02 29.67 -13.09
C GLY K 25 -5.93 28.94 -12.12
N THR K 26 -5.48 27.75 -11.66
CA THR K 26 -6.19 26.91 -10.69
C THR K 26 -6.31 27.65 -9.36
N ILE K 27 -5.19 28.24 -8.88
CA ILE K 27 -5.14 28.98 -7.62
C ILE K 27 -6.06 30.22 -7.67
N LYS K 28 -5.97 31.00 -8.74
CA LYS K 28 -6.79 32.18 -9.02
C LYS K 28 -8.30 31.84 -8.98
N ALA K 29 -8.68 30.61 -9.36
CA ALA K 29 -10.05 30.10 -9.30
C ALA K 29 -10.37 29.64 -7.85
N MET K 30 -9.41 29.00 -7.15
CA MET K 30 -9.58 28.53 -5.77
C MET K 30 -9.71 29.68 -4.80
N LEU K 31 -9.24 30.88 -5.19
CA LEU K 31 -9.35 32.09 -4.37
C LEU K 31 -10.56 32.90 -4.79
N ASN K 43 -6.88 34.79 2.68
CA ASN K 43 -7.34 33.59 1.95
C ASN K 43 -6.29 32.47 1.94
N GLU K 44 -6.77 31.22 2.17
CA GLU K 44 -6.00 30.00 2.37
C GLU K 44 -6.45 28.90 1.42
N VAL K 45 -5.49 28.11 0.90
CA VAL K 45 -5.80 26.98 0.03
C VAL K 45 -5.12 25.74 0.64
N ASN K 46 -5.88 24.65 0.85
CA ASN K 46 -5.35 23.39 1.36
C ASN K 46 -5.09 22.42 0.22
N PHE K 47 -3.89 21.83 0.18
CA PHE K 47 -3.53 20.87 -0.88
C PHE K 47 -3.29 19.52 -0.19
N ARG K 48 -4.36 18.73 0.02
CA ARG K 48 -4.29 17.43 0.71
C ARG K 48 -3.47 16.34 -0.02
N GLU K 49 -3.10 16.62 -1.29
N GLU K 49 -3.00 16.61 -1.23
CA GLU K 49 -2.42 15.77 -2.26
CA GLU K 49 -2.20 15.63 -1.95
C GLU K 49 -1.00 16.25 -2.66
C GLU K 49 -0.80 16.12 -2.22
N ILE K 50 -0.58 17.45 -2.20
CA ILE K 50 0.74 18.03 -2.51
C ILE K 50 1.65 18.13 -1.29
N PRO K 51 2.72 17.30 -1.20
CA PRO K 51 3.61 17.37 -0.03
C PRO K 51 4.50 18.64 -0.05
N SER K 52 5.06 19.01 1.11
CA SER K 52 5.86 20.24 1.28
C SER K 52 7.08 20.34 0.40
N HIS K 53 7.78 19.21 0.14
CA HIS K 53 8.97 19.21 -0.72
C HIS K 53 8.60 19.52 -2.20
N VAL K 54 7.31 19.36 -2.56
CA VAL K 54 6.81 19.69 -3.89
C VAL K 54 6.25 21.13 -3.88
N LEU K 55 5.38 21.46 -2.90
CA LEU K 55 4.77 22.80 -2.82
C LEU K 55 5.81 23.93 -2.61
N SER K 56 6.93 23.67 -1.92
CA SER K 56 7.96 24.70 -1.75
C SER K 56 8.56 25.07 -3.13
N LYS K 57 8.74 24.06 -3.98
CA LYS K 57 9.25 24.22 -5.34
C LYS K 57 8.24 24.94 -6.26
N VAL K 58 6.93 24.69 -6.05
CA VAL K 58 5.86 25.39 -6.77
C VAL K 58 5.95 26.91 -6.47
N CYS K 59 6.13 27.27 -5.19
CA CYS K 59 6.27 28.66 -4.74
C CYS K 59 7.54 29.31 -5.34
N MET K 60 8.65 28.58 -5.45
CA MET K 60 9.87 29.06 -6.09
C MET K 60 9.60 29.34 -7.58
N TYR K 61 8.78 28.51 -8.23
CA TYR K 61 8.40 28.68 -9.64
C TYR K 61 7.66 30.00 -9.84
N PHE K 62 6.68 30.32 -8.97
CA PHE K 62 5.91 31.57 -9.00
C PHE K 62 6.85 32.78 -8.98
N THR K 63 7.81 32.80 -8.04
CA THR K 63 8.76 33.91 -7.94
C THR K 63 9.61 34.00 -9.20
N TYR K 64 10.12 32.85 -9.66
CA TYR K 64 10.91 32.72 -10.89
C TYR K 64 10.12 33.27 -12.11
N LYS K 65 8.85 32.84 -12.26
CA LYS K 65 7.99 33.26 -13.38
C LYS K 65 7.71 34.78 -13.35
N VAL K 66 7.35 35.32 -12.17
CA VAL K 66 7.09 36.76 -12.02
C VAL K 66 8.37 37.58 -12.30
N ARG K 67 9.52 37.15 -11.78
CA ARG K 67 10.78 37.85 -12.01
C ARG K 67 11.21 37.84 -13.48
N TYR K 68 11.12 36.68 -14.14
CA TYR K 68 11.63 36.54 -15.51
C TYR K 68 10.71 36.70 -16.69
N THR K 69 9.39 36.77 -16.50
CA THR K 69 8.47 36.95 -17.67
C THR K 69 8.50 38.42 -18.13
N ASN K 70 8.68 38.64 -19.44
CA ASN K 70 8.77 39.97 -20.08
C ASN K 70 10.01 40.72 -19.55
N SER K 71 11.14 40.00 -19.50
CA SER K 71 12.43 40.48 -19.03
C SER K 71 13.47 40.32 -20.14
N SER K 72 14.32 41.35 -20.32
CA SER K 72 15.38 41.36 -21.34
C SER K 72 16.69 40.75 -20.81
N THR K 73 16.83 40.67 -19.46
CA THR K 73 17.98 40.05 -18.78
C THR K 73 18.01 38.54 -19.07
N GLU K 74 19.21 37.94 -19.06
CA GLU K 74 19.40 36.50 -19.34
C GLU K 74 18.64 35.68 -18.29
N ILE K 75 17.78 34.78 -18.76
CA ILE K 75 16.94 33.92 -17.95
C ILE K 75 17.73 32.66 -17.60
N PRO K 76 17.89 32.33 -16.30
CA PRO K 76 18.58 31.08 -15.95
C PRO K 76 17.58 29.91 -16.00
N GLU K 77 18.10 28.68 -15.97
CA GLU K 77 17.30 27.46 -15.97
C GLU K 77 16.57 27.31 -14.64
N PHE K 78 15.30 26.81 -14.68
CA PHE K 78 14.58 26.52 -13.46
C PHE K 78 15.03 25.10 -13.03
N PRO K 79 15.71 24.93 -11.88
CA PRO K 79 16.23 23.60 -11.51
C PRO K 79 15.19 22.68 -10.85
N ILE K 80 15.23 21.41 -11.21
CA ILE K 80 14.35 20.39 -10.65
C ILE K 80 15.19 19.15 -10.37
N ALA K 81 15.41 18.82 -9.07
CA ALA K 81 16.16 17.63 -8.65
C ALA K 81 15.42 16.40 -9.20
N PRO K 82 16.13 15.35 -9.68
CA PRO K 82 15.44 14.16 -10.19
C PRO K 82 14.42 13.52 -9.24
N GLU K 83 14.71 13.53 -7.93
CA GLU K 83 13.90 12.92 -6.85
C GLU K 83 12.52 13.55 -6.65
N ILE K 84 12.33 14.80 -7.09
CA ILE K 84 11.08 15.56 -6.96
C ILE K 84 10.31 15.66 -8.29
N ALA K 85 10.99 15.44 -9.43
CA ALA K 85 10.46 15.56 -10.79
C ALA K 85 9.10 14.94 -11.07
N LEU K 86 8.89 13.67 -10.70
CA LEU K 86 7.58 13.02 -10.95
C LEU K 86 6.41 13.68 -10.19
N GLU K 87 6.60 13.91 -8.89
CA GLU K 87 5.58 14.54 -8.05
C GLU K 87 5.32 15.98 -8.44
N LEU K 88 6.38 16.71 -8.81
CA LEU K 88 6.24 18.10 -9.26
C LEU K 88 5.46 18.15 -10.56
N LEU K 89 5.64 17.15 -11.45
CA LEU K 89 4.91 17.06 -12.72
C LEU K 89 3.39 16.90 -12.45
N MET K 90 3.03 16.06 -11.49
CA MET K 90 1.62 15.84 -11.10
C MET K 90 1.02 17.15 -10.48
N ALA K 91 1.79 17.84 -9.64
CA ALA K 91 1.35 19.12 -9.07
C ALA K 91 1.19 20.21 -10.16
N ALA K 92 2.20 20.35 -11.06
CA ALA K 92 2.19 21.33 -12.16
C ALA K 92 1.00 21.11 -13.09
N ASN K 93 0.68 19.83 -13.36
CA ASN K 93 -0.46 19.46 -14.17
C ASN K 93 -1.79 19.96 -13.54
N PHE K 94 -1.97 19.75 -12.21
CA PHE K 94 -3.15 20.21 -11.53
C PHE K 94 -3.26 21.74 -11.46
N LEU K 95 -2.14 22.42 -11.15
CA LEU K 95 -2.11 23.87 -10.96
C LEU K 95 -2.22 24.78 -12.19
N ASP K 96 -2.07 24.27 -13.43
CA ASP K 96 -2.09 25.19 -14.57
C ASP K 96 -2.80 24.88 -15.87
N CYS K 97 -3.30 25.97 -16.50
CA CYS K 97 -4.05 26.06 -17.76
C CYS K 97 -3.29 25.48 -18.97
N VAL L 11 4.05 28.40 -46.69
CA VAL L 11 3.69 29.72 -46.18
C VAL L 11 4.84 30.29 -45.34
N LEU L 12 5.26 29.57 -44.28
CA LEU L 12 6.38 30.01 -43.46
C LEU L 12 7.66 29.57 -44.17
N ARG L 13 8.23 30.47 -44.96
CA ARG L 13 9.41 30.17 -45.75
C ARG L 13 10.28 31.39 -45.94
N SER L 14 11.53 31.17 -46.33
CA SER L 14 12.45 32.26 -46.60
C SER L 14 12.12 32.84 -47.96
N VAL L 15 12.36 34.14 -48.10
CA VAL L 15 12.21 34.87 -49.36
C VAL L 15 13.59 34.82 -50.02
N ASN L 16 13.65 34.41 -51.32
CA ASN L 16 14.90 34.33 -52.07
C ASN L 16 15.32 35.73 -52.58
N SER L 17 15.68 36.61 -51.63
CA SER L 17 16.06 38.00 -51.90
C SER L 17 17.41 38.14 -52.58
N ARG L 18 18.37 37.25 -52.21
CA ARG L 18 19.77 37.27 -52.68
C ARG L 18 20.50 38.55 -52.21
N GLU L 19 19.96 39.19 -51.13
CA GLU L 19 20.45 40.41 -50.49
C GLU L 19 21.17 40.01 -49.19
N PRO L 20 22.51 39.99 -49.19
CA PRO L 20 23.24 39.57 -47.98
C PRO L 20 22.89 40.36 -46.72
N SER L 21 22.95 39.68 -45.57
CA SER L 21 22.70 40.26 -44.25
C SER L 21 23.59 39.53 -43.23
N GLN L 22 24.45 40.29 -42.58
CA GLN L 22 25.35 39.78 -41.54
C GLN L 22 24.59 39.74 -40.22
N VAL L 23 24.72 38.61 -39.52
CA VAL L 23 24.02 38.36 -38.28
C VAL L 23 24.98 37.81 -37.24
N ILE L 24 24.69 38.06 -35.95
CA ILE L 24 25.41 37.44 -34.86
C ILE L 24 24.40 36.52 -34.17
N PHE L 25 24.73 35.23 -34.12
CA PHE L 25 23.91 34.32 -33.34
C PHE L 25 24.53 34.36 -31.96
N CAS L 26 23.83 34.94 -30.98
CA CAS L 26 24.37 35.09 -29.63
CB CAS L 26 24.41 36.58 -29.39
C CAS L 26 23.60 34.18 -28.67
O CAS L 26 22.43 34.42 -28.37
SG CAS L 26 24.93 36.88 -27.68
AS CAS L 26 27.03 36.26 -27.74
CE1 CAS L 26 28.08 37.95 -27.73
CE2 CAS L 26 27.33 35.42 -25.97
N ASN L 27 24.24 33.09 -28.23
CA ASN L 27 23.62 32.12 -27.37
C ASN L 27 23.66 32.55 -25.88
N ARG L 28 22.61 33.22 -25.43
CA ARG L 28 22.49 33.71 -24.05
C ARG L 28 21.60 32.75 -23.26
N SER L 29 21.80 31.45 -23.46
CA SER L 29 21.05 30.40 -22.78
C SER L 29 22.05 29.35 -22.23
N PRO L 30 21.65 28.46 -21.30
CA PRO L 30 22.60 27.42 -20.85
C PRO L 30 22.53 26.14 -21.73
N ARG L 31 21.79 26.17 -22.85
CA ARG L 31 21.65 25.02 -23.75
C ARG L 31 22.59 25.09 -24.96
N VAL L 32 22.84 23.93 -25.56
CA VAL L 32 23.55 23.78 -26.84
C VAL L 32 22.44 24.13 -27.84
N VAL L 33 22.67 25.15 -28.65
CA VAL L 33 21.66 25.68 -29.55
C VAL L 33 21.80 25.16 -30.97
N LEU L 34 20.66 24.72 -31.53
CA LEU L 34 20.56 24.32 -32.91
C LEU L 34 19.87 25.44 -33.71
N PRO L 35 20.61 26.18 -34.56
CA PRO L 35 19.97 27.17 -35.45
C PRO L 35 19.30 26.39 -36.60
N VAL L 36 18.08 26.78 -36.94
CA VAL L 36 17.33 26.08 -37.99
C VAL L 36 16.86 27.11 -39.02
N TRP L 37 17.28 26.96 -40.27
CA TRP L 37 16.88 27.84 -41.35
C TRP L 37 15.69 27.25 -42.07
N LEU L 38 14.67 28.06 -42.37
CA LEU L 38 13.53 27.58 -43.14
C LEU L 38 13.85 27.87 -44.57
N ASN L 39 14.02 26.81 -45.38
CA ASN L 39 14.41 26.98 -46.76
C ASN L 39 13.27 27.56 -47.62
N PHE L 40 13.52 27.78 -48.92
CA PHE L 40 12.58 28.34 -49.89
C PHE L 40 11.26 27.57 -50.06
N ASP L 41 11.22 26.30 -49.62
CA ASP L 41 10.05 25.40 -49.64
C ASP L 41 9.43 25.29 -48.22
N GLY L 42 10.02 25.98 -47.24
CA GLY L 42 9.55 25.92 -45.87
C GLY L 42 10.11 24.74 -45.09
N GLU L 43 11.06 23.97 -45.67
CA GLU L 43 11.67 22.82 -44.98
C GLU L 43 12.73 23.24 -43.98
N PRO L 44 12.67 22.76 -42.71
CA PRO L 44 13.69 23.15 -41.74
C PRO L 44 15.06 22.58 -42.12
N GLN L 45 16.07 23.43 -42.12
CA GLN L 45 17.45 23.03 -42.42
C GLN L 45 18.33 23.30 -41.20
N PRO L 46 18.87 22.27 -40.53
CA PRO L 46 19.73 22.52 -39.35
C PRO L 46 21.09 23.07 -39.74
N TYR L 47 21.64 23.98 -38.90
CA TYR L 47 22.96 24.58 -39.11
C TYR L 47 23.88 24.22 -37.93
N PRO L 48 25.24 24.35 -38.03
CA PRO L 48 26.10 23.99 -36.89
C PRO L 48 25.66 24.53 -35.54
N THR L 49 25.78 23.70 -34.50
CA THR L 49 25.33 24.03 -33.16
C THR L 49 26.21 25.05 -32.47
N LEU L 50 25.64 25.79 -31.51
CA LEU L 50 26.34 26.79 -30.71
C LEU L 50 26.38 26.31 -29.25
N PRO L 51 27.59 26.13 -28.66
CA PRO L 51 27.67 25.77 -27.23
C PRO L 51 27.08 26.90 -26.35
N PRO L 52 26.68 26.59 -25.09
CA PRO L 52 26.16 27.66 -24.19
C PRO L 52 27.10 28.87 -24.04
N GLY L 53 26.54 30.08 -23.99
CA GLY L 53 27.29 31.32 -23.79
C GLY L 53 28.24 31.73 -24.91
N THR L 54 28.02 31.22 -26.13
CA THR L 54 28.90 31.54 -27.27
C THR L 54 28.17 32.34 -28.32
N GLY L 55 28.93 33.03 -29.16
CA GLY L 55 28.39 33.84 -30.25
C GLY L 55 29.10 33.52 -31.56
N ARG L 56 28.41 33.68 -32.70
CA ARG L 56 28.99 33.44 -34.02
C ARG L 56 28.49 34.45 -35.03
N ARG L 57 29.41 34.98 -35.86
CA ARG L 57 29.05 35.88 -36.95
C ARG L 57 28.75 35.02 -38.16
N ILE L 58 27.55 35.19 -38.70
CA ILE L 58 26.98 34.38 -39.78
C ILE L 58 26.54 35.20 -40.98
N HIS L 59 26.69 34.61 -42.18
CA HIS L 59 26.24 35.23 -43.42
C HIS L 59 24.86 34.69 -43.78
N SER L 60 23.86 35.58 -43.79
CA SER L 60 22.50 35.21 -44.14
C SER L 60 21.98 36.21 -45.16
N TYR L 61 20.66 36.27 -45.33
CA TYR L 61 20.09 37.14 -46.36
C TYR L 61 18.84 37.77 -45.82
N ARG L 62 18.48 38.93 -46.36
CA ARG L 62 17.28 39.66 -45.99
C ARG L 62 16.04 38.80 -46.32
N GLY L 63 15.09 38.71 -45.38
CA GLY L 63 13.87 37.96 -45.60
C GLY L 63 13.98 36.47 -45.35
N HIS L 64 15.16 35.98 -44.91
CA HIS L 64 15.35 34.56 -44.56
C HIS L 64 14.78 34.29 -43.16
N LEU L 65 14.23 33.09 -42.96
CA LEU L 65 13.62 32.75 -41.69
C LEU L 65 14.45 31.76 -40.88
N TRP L 66 14.64 32.08 -39.57
CA TRP L 66 15.35 31.24 -38.62
C TRP L 66 14.56 31.01 -37.35
N LEU L 67 14.78 29.85 -36.73
CA LEU L 67 14.27 29.49 -35.43
C LEU L 67 15.40 28.76 -34.72
N PHE L 68 15.32 28.64 -33.37
CA PHE L 68 16.43 28.09 -32.57
C PHE L 68 15.86 27.12 -31.55
N ARG L 69 16.51 25.98 -31.43
CA ARG L 69 16.07 24.86 -30.59
C ARG L 69 17.23 24.37 -29.77
N ASP L 70 16.94 23.63 -28.68
CA ASP L 70 17.94 22.94 -27.91
C ASP L 70 18.38 21.79 -28.85
N ALA L 71 19.69 21.66 -29.09
CA ALA L 71 20.24 20.68 -30.02
C ALA L 71 19.97 19.20 -29.65
N GLY L 72 19.90 18.89 -28.37
CA GLY L 72 19.68 17.53 -27.89
C GLY L 72 18.24 17.08 -27.74
N THR L 73 17.37 17.98 -27.29
CA THR L 73 15.97 17.66 -26.98
C THR L 73 14.91 18.31 -27.88
N HIS L 74 15.30 19.33 -28.66
CA HIS L 74 14.43 20.12 -29.53
C HIS L 74 13.50 21.07 -28.79
N ASP L 75 13.77 21.33 -27.50
CA ASP L 75 13.00 22.29 -26.72
C ASP L 75 13.12 23.64 -27.44
N GLY L 76 12.02 24.36 -27.54
CA GLY L 76 11.94 25.63 -28.23
C GLY L 76 12.65 26.72 -27.47
N LEU L 77 13.31 27.60 -28.22
CA LEU L 77 13.99 28.74 -27.60
C LEU L 77 13.47 30.03 -28.19
N LEU L 78 13.78 31.14 -27.53
CA LEU L 78 13.37 32.45 -28.02
C LEU L 78 14.55 33.12 -28.70
N VAL L 79 14.28 33.99 -29.67
CA VAL L 79 15.28 34.81 -30.38
C VAL L 79 14.72 36.22 -30.41
N ASN L 80 15.42 37.18 -29.75
CA ASN L 80 14.96 38.55 -29.58
C ASN L 80 13.51 38.56 -29.03
N GLN L 81 13.25 37.71 -28.02
CA GLN L 81 11.95 37.54 -27.30
C GLN L 81 10.79 36.96 -28.10
N THR L 82 11.05 36.43 -29.29
CA THR L 82 10.04 35.83 -30.16
C THR L 82 10.49 34.47 -30.71
N GLU L 83 9.62 33.82 -31.46
CA GLU L 83 9.87 32.50 -32.01
C GLU L 83 10.72 32.50 -33.25
N LEU L 84 10.52 33.48 -34.13
CA LEU L 84 11.22 33.57 -35.42
C LEU L 84 12.13 34.78 -35.55
N PHE L 85 13.24 34.59 -36.27
CA PHE L 85 14.22 35.63 -36.55
C PHE L 85 14.32 35.83 -38.04
N VAL L 86 14.15 37.08 -38.49
CA VAL L 86 14.24 37.46 -39.90
C VAL L 86 15.35 38.50 -40.05
N PRO L 87 16.50 38.16 -40.69
CA PRO L 87 17.58 39.15 -40.88
C PRO L 87 17.09 40.32 -41.71
N SER L 88 17.43 41.52 -41.28
CA SER L 88 17.04 42.76 -41.95
C SER L 88 18.25 43.40 -42.65
N LEU L 89 18.07 44.64 -43.18
CA LEU L 89 19.16 45.33 -43.86
C LEU L 89 20.16 45.87 -42.81
N ASN L 90 21.49 45.63 -43.00
CA ASN L 90 22.53 46.12 -42.09
C ASN L 90 22.67 47.64 -42.32
N VAL L 91 21.98 48.41 -41.47
CA VAL L 91 21.95 49.85 -41.55
C VAL L 91 22.90 50.46 -40.49
N ASP L 92 24.20 50.61 -40.90
CA ASP L 92 25.37 51.17 -40.19
C ASP L 92 26.69 50.41 -40.45
N GLY L 93 26.61 49.26 -41.12
CA GLY L 93 27.74 48.37 -41.31
C GLY L 93 27.81 47.43 -40.11
N GLN L 94 26.73 47.50 -39.27
CA GLN L 94 26.52 46.74 -38.07
C GLN L 94 25.80 45.45 -38.41
N PRO L 95 26.25 44.32 -37.82
CA PRO L 95 25.52 43.07 -38.00
C PRO L 95 24.25 43.08 -37.14
N ILE L 96 23.26 42.26 -37.51
CA ILE L 96 22.02 42.15 -36.76
C ILE L 96 22.24 41.13 -35.65
N PHE L 97 21.91 41.49 -34.43
CA PHE L 97 22.01 40.55 -33.32
C PHE L 97 20.78 39.66 -33.17
N ALA L 98 20.99 38.34 -33.18
CA ALA L 98 19.95 37.35 -32.90
C ALA L 98 20.26 36.80 -31.48
N ASN L 99 19.62 37.39 -30.44
CA ASN L 99 19.79 37.05 -29.03
C ASN L 99 18.94 35.88 -28.66
N ILE L 100 19.58 34.71 -28.50
CA ILE L 100 18.91 33.45 -28.22
C ILE L 100 18.84 33.27 -26.72
N THR L 101 17.62 33.06 -26.19
CA THR L 101 17.46 32.88 -24.75
C THR L 101 16.47 31.76 -24.43
N LEU L 102 16.47 31.32 -23.16
CA LEU L 102 15.48 30.37 -22.72
C LEU L 102 14.18 31.13 -22.59
N PRO L 103 13.05 30.52 -22.95
CA PRO L 103 11.76 31.13 -22.58
C PRO L 103 11.53 30.83 -21.09
N VAL L 104 10.50 31.43 -20.47
CA VAL L 104 10.08 31.01 -19.13
C VAL L 104 9.10 29.86 -19.45
N TYR L 105 9.56 28.61 -19.41
CA TYR L 105 8.68 27.47 -19.68
C TYR L 105 7.61 27.36 -18.61
N THR L 106 6.49 26.70 -18.90
CA THR L 106 5.51 26.46 -17.84
C THR L 106 6.20 25.43 -16.89
N LEU L 107 5.72 25.32 -15.67
CA LEU L 107 6.24 24.36 -14.71
C LEU L 107 6.09 22.95 -15.26
N LYS L 108 4.90 22.64 -15.82
CA LYS L 108 4.61 21.34 -16.46
C LYS L 108 5.59 21.01 -17.58
N GLU L 109 5.82 21.95 -18.52
CA GLU L 109 6.77 21.70 -19.61
C GLU L 109 8.17 21.46 -19.07
N ARG L 110 8.58 22.25 -18.07
CA ARG L 110 9.90 22.10 -17.43
C ARG L 110 10.05 20.72 -16.77
N CYS L 111 9.00 20.21 -16.08
CA CYS L 111 8.98 18.89 -15.45
C CYS L 111 9.07 17.79 -16.51
N LEU L 112 8.31 17.95 -17.61
CA LEU L 112 8.33 17.00 -18.73
C LEU L 112 9.75 16.89 -19.29
N GLN L 113 10.43 18.03 -19.47
CA GLN L 113 11.83 18.10 -19.95
C GLN L 113 12.77 17.31 -19.03
N VAL L 114 12.63 17.50 -17.70
CA VAL L 114 13.47 16.84 -16.69
C VAL L 114 13.25 15.33 -16.68
N VAL L 115 11.96 14.89 -16.68
CA VAL L 115 11.61 13.46 -16.71
C VAL L 115 12.13 12.81 -18.03
N ARG L 116 11.94 13.46 -19.19
CA ARG L 116 12.46 12.95 -20.49
C ARG L 116 14.01 12.80 -20.44
N SER L 117 14.73 13.73 -19.75
CA SER L 117 16.19 13.69 -19.64
C SER L 117 16.70 12.52 -18.75
N LEU L 118 15.82 11.95 -17.90
CA LEU L 118 16.17 10.87 -16.96
C LEU L 118 15.66 9.50 -17.34
N VAL L 119 14.58 9.43 -18.13
CA VAL L 119 13.94 8.18 -18.49
C VAL L 119 14.01 7.91 -19.99
N LYS L 120 14.47 6.68 -20.35
CA LYS L 120 14.54 6.18 -21.72
C LYS L 120 13.10 6.07 -22.24
N PRO L 121 12.80 6.53 -23.47
CA PRO L 121 11.40 6.47 -23.97
C PRO L 121 10.67 5.13 -23.84
N GLU L 122 11.42 4.00 -23.89
CA GLU L 122 10.88 2.64 -23.76
C GLU L 122 10.34 2.41 -22.34
N ASN L 123 10.88 3.17 -21.37
CA ASN L 123 10.51 3.05 -19.96
C ASN L 123 9.48 4.07 -19.45
N TYR L 124 8.92 4.95 -20.34
CA TYR L 124 7.90 5.94 -19.94
C TYR L 124 6.69 5.26 -19.28
N ARG L 125 6.31 4.08 -19.81
CA ARG L 125 5.18 3.31 -19.31
C ARG L 125 5.39 2.51 -18.04
N ARG L 126 6.60 2.59 -17.45
CA ARG L 126 6.94 1.93 -16.18
C ARG L 126 6.97 2.91 -14.99
N LEU L 127 6.87 4.22 -15.25
CA LEU L 127 6.96 5.27 -14.21
C LEU L 127 5.97 5.29 -13.04
N ASP L 128 4.68 5.15 -13.37
CA ASP L 128 3.44 5.25 -12.57
C ASP L 128 2.69 6.35 -13.34
N ILE L 129 2.08 7.38 -12.67
CA ILE L 129 1.43 8.52 -13.35
C ILE L 129 0.17 8.17 -14.18
N VAL L 130 -0.68 9.17 -14.41
CA VAL L 130 -1.91 9.08 -15.20
C VAL L 130 -1.56 8.88 -16.69
N ARG L 131 -2.43 8.15 -17.43
CA ARG L 131 -2.28 7.89 -18.86
C ARG L 131 -2.03 9.17 -19.65
N SER L 132 -2.77 10.25 -19.32
CA SER L 132 -2.64 11.56 -19.96
C SER L 132 -1.20 12.12 -19.87
N LEU L 133 -0.47 11.86 -18.75
CA LEU L 133 0.90 12.31 -18.57
C LEU L 133 1.91 11.50 -19.38
N TYR L 134 1.64 10.18 -19.64
CA TYR L 134 2.50 9.34 -20.49
C TYR L 134 2.45 9.95 -21.89
N GLU L 135 1.23 10.31 -22.33
CA GLU L 135 0.99 10.91 -23.64
C GLU L 135 1.73 12.22 -23.75
N ASP L 136 1.71 13.04 -22.68
CA ASP L 136 2.47 14.31 -22.62
C ASP L 136 3.98 14.08 -22.73
N LEU L 137 4.52 13.06 -22.03
CA LEU L 137 5.93 12.66 -22.03
C LEU L 137 6.40 12.26 -23.44
N GLU L 138 5.60 11.43 -24.11
CA GLU L 138 5.85 10.86 -25.43
C GLU L 138 5.78 11.90 -26.52
N ASP L 139 4.98 12.98 -26.30
CA ASP L 139 4.79 14.10 -27.23
C ASP L 139 5.97 15.10 -27.14
N HIS L 140 7.15 14.63 -27.56
CA HIS L 140 8.41 15.38 -27.57
C HIS L 140 8.34 16.68 -28.38
N PRO L 141 9.09 17.74 -28.00
CA PRO L 141 9.11 18.96 -28.82
C PRO L 141 9.60 18.62 -30.23
N ASN L 142 8.99 19.24 -31.24
CA ASN L 142 9.15 18.90 -32.65
C ASN L 142 9.04 20.18 -33.50
N VAL L 143 10.07 20.51 -34.29
CA VAL L 143 10.07 21.73 -35.14
C VAL L 143 8.86 21.70 -36.12
N GLN L 144 8.64 20.57 -36.84
CA GLN L 144 7.54 20.42 -37.81
C GLN L 144 6.19 20.73 -37.19
N LYS L 145 5.90 20.17 -35.98
CA LYS L 145 4.64 20.42 -35.24
C LYS L 145 4.53 21.90 -34.84
N ASP L 146 5.64 22.54 -34.40
CA ASP L 146 5.69 23.98 -34.08
C ASP L 146 5.44 24.86 -35.32
N LEU L 147 6.02 24.49 -36.48
CA LEU L 147 5.79 25.22 -37.73
C LEU L 147 4.31 25.14 -38.15
N GLU L 148 3.65 23.99 -37.89
CA GLU L 148 2.23 23.78 -38.17
C GLU L 148 1.39 24.70 -37.28
N ARG L 149 1.70 24.79 -35.99
CA ARG L 149 0.96 25.71 -35.13
C ARG L 149 1.22 27.19 -35.46
N LEU L 150 2.48 27.54 -35.77
CA LEU L 150 2.83 28.91 -36.19
C LEU L 150 2.07 29.29 -37.46
N THR L 151 2.00 28.36 -38.46
CA THR L 151 1.28 28.54 -39.73
C THR L 151 -0.19 28.84 -39.50
N GLN L 152 -0.86 28.05 -38.64
CA GLN L 152 -2.27 28.20 -38.29
C GLN L 152 -2.67 29.59 -37.75
N GLU L 153 -1.67 30.48 -37.59
CA GLU L 153 -1.80 31.89 -37.21
C GLU L 153 -1.36 32.72 -38.46
N ARG L 154 -2.25 32.99 -39.47
CA ARG L 154 -3.68 32.64 -39.54
C ARG L 154 -3.99 31.78 -40.77
CAA X6C M . -16.44 13.77 -24.81
CAQ X6C M . -15.33 14.38 -23.88
OAB X6C M . -14.20 14.56 -24.34
N X6C M . -15.65 14.63 -22.59
CD2 X6C M . -16.98 14.50 -21.90
CG X6C M . -16.89 15.41 -20.70
OD1 X6C M . -17.18 16.75 -21.07
CB X6C M . -15.45 15.30 -20.26
CA X6C M . -14.66 15.19 -21.58
C X6C M . -13.53 14.37 -21.37
O X6C M . -13.62 13.14 -21.41
NAO X6C M . -12.39 15.05 -21.08
CAK X6C M . -11.13 14.38 -20.64
CAS X6C M . -11.15 14.07 -19.24
CAF X6C M . -12.05 14.67 -18.33
CAH X6C M . -12.06 14.35 -16.97
CAE X6C M . -10.21 13.16 -18.73
CAG X6C M . -10.20 12.85 -17.35
CAT X6C M . -11.11 13.45 -16.46
CAU X6C M . -11.12 13.15 -15.14
OAP X6C M . -12.20 13.32 -14.28
CAI X6C M . -11.80 12.90 -13.04
NAN X6C M . -10.53 12.49 -13.14
CAJ X6C M . -10.12 12.63 -14.41
C ACT N . -20.31 6.73 6.23
O ACT N . -21.36 6.13 5.89
OXT ACT N . -19.82 6.74 7.41
CH3 ACT N . -19.55 7.53 5.12
CAA X6C O . -2.63 -30.80 -22.06
CAQ X6C O . -1.49 -30.22 -21.20
OAB X6C O . -0.38 -30.08 -21.70
N X6C O . -1.75 -29.94 -19.89
CD2 X6C O . -3.05 -30.03 -19.16
CG X6C O . -2.91 -29.06 -17.99
OD1 X6C O . -3.32 -27.72 -18.34
CB X6C O . -1.44 -29.10 -17.62
CA X6C O . -0.71 -29.37 -18.93
C X6C O . 0.41 -30.21 -18.70
O X6C O . 0.32 -31.45 -18.79
NAO X6C O . 1.55 -29.55 -18.41
CAK X6C O . 2.82 -30.22 -18.03
CAS X6C O . 2.86 -30.58 -16.65
CAF X6C O . 2.10 -29.90 -15.68
CAH X6C O . 2.14 -30.29 -14.34
CAE X6C O . 3.71 -31.61 -16.23
CAG X6C O . 3.78 -31.97 -14.87
CAT X6C O . 3.00 -31.31 -13.90
CAU X6C O . 3.05 -31.66 -12.60
OAP X6C O . 2.00 -31.45 -11.66
CAI X6C O . 2.47 -31.96 -10.48
NAN X6C O . 3.69 -32.44 -10.68
CAJ X6C O . 4.06 -32.26 -11.96
CAA X6C P . 35.27 -15.04 -46.16
CAQ X6C P . 36.38 -14.48 -45.22
OAB X6C P . 37.50 -14.23 -45.67
N X6C P . 36.08 -14.38 -43.91
CD2 X6C P . 34.75 -14.62 -43.23
CG X6C P . 34.80 -13.76 -41.98
OD1 X6C P . 34.42 -12.42 -42.23
CB X6C P . 36.27 -13.77 -41.58
CA X6C P . 37.06 -13.83 -42.88
C X6C P . 38.21 -14.63 -42.71
O X6C P . 38.22 -15.82 -43.00
NAO X6C P . 39.29 -13.97 -42.25
CAK X6C P . 40.54 -14.67 -41.88
CAS X6C P . 40.54 -15.04 -40.51
CAF X6C P . 39.64 -14.47 -39.59
CAH X6C P . 39.68 -14.86 -38.25
CAE X6C P . 41.48 -15.99 -40.06
CAG X6C P . 41.49 -16.39 -38.71
CAT X6C P . 40.60 -15.82 -37.79
CAU X6C P . 40.63 -16.15 -36.49
OAP X6C P . 39.57 -16.04 -35.62
CAI X6C P . 40.03 -16.44 -34.37
NAN X6C P . 41.31 -16.76 -34.52
CAJ X6C P . 41.69 -16.58 -35.79
CAA X6C Q . 21.35 29.63 -48.86
CAQ X6C Q . 22.44 30.21 -47.93
OAB X6C Q . 23.57 30.38 -48.33
N X6C Q . 22.11 30.44 -46.64
CD2 X6C Q . 20.75 30.29 -46.03
CG X6C Q . 20.80 31.10 -44.76
OD1 X6C Q . 20.35 32.42 -45.02
CB X6C Q . 22.25 31.11 -44.33
CA X6C Q . 23.09 31.01 -45.62
C X6C Q . 24.24 30.21 -45.42
O X6C Q . 24.23 29.00 -45.62
NAO X6C Q . 25.32 30.86 -44.97
CAK X6C Q . 26.57 30.16 -44.56
CAS X6C Q . 26.56 29.83 -43.17
CAF X6C Q . 25.57 30.29 -42.27
CAH X6C Q . 25.59 29.90 -40.91
CAE X6C Q . 27.54 28.93 -42.69
CAG X6C Q . 27.56 28.55 -41.34
CAT X6C Q . 26.59 29.03 -40.42
CAU X6C Q . 26.66 28.70 -39.12
OAP X6C Q . 25.59 28.73 -38.21
CAI X6C Q . 26.15 28.33 -36.95
NAN X6C Q . 27.46 28.13 -37.14
CAJ X6C Q . 27.77 28.35 -38.44
C ACT R . 17.69 19.77 -18.37
O ACT R . 16.74 19.38 -19.08
OXT ACT R . 17.88 19.47 -17.16
CH3 ACT R . 18.72 20.76 -19.01
#